data_2FZ4
# 
_entry.id   2FZ4 
# 
_audit_conform.dict_name       mmcif_pdbx.dic 
_audit_conform.dict_version    5.387 
_audit_conform.dict_location   http://mmcif.pdb.org/dictionaries/ascii/mmcif_pdbx.dic 
# 
loop_
_database_2.database_id 
_database_2.database_code 
_database_2.pdbx_database_accession 
_database_2.pdbx_DOI 
PDB   2FZ4         pdb_00002fz4 10.2210/pdb2fz4/pdb 
RCSB  RCSB036484   ?            ?                   
WWPDB D_1000036484 ?            ?                   
# 
loop_
_pdbx_audit_revision_history.ordinal 
_pdbx_audit_revision_history.data_content_type 
_pdbx_audit_revision_history.major_revision 
_pdbx_audit_revision_history.minor_revision 
_pdbx_audit_revision_history.revision_date 
1 'Structure model' 1 0 2006-04-18 
2 'Structure model' 1 1 2008-05-01 
3 'Structure model' 1 2 2011-07-13 
4 'Structure model' 1 3 2024-02-14 
# 
_pdbx_audit_revision_details.ordinal             1 
_pdbx_audit_revision_details.revision_ordinal    1 
_pdbx_audit_revision_details.data_content_type   'Structure model' 
_pdbx_audit_revision_details.provider            repository 
_pdbx_audit_revision_details.type                'Initial release' 
_pdbx_audit_revision_details.description         ? 
_pdbx_audit_revision_details.details             ? 
# 
loop_
_pdbx_audit_revision_group.ordinal 
_pdbx_audit_revision_group.revision_ordinal 
_pdbx_audit_revision_group.data_content_type 
_pdbx_audit_revision_group.group 
1 2 'Structure model' 'Version format compliance' 
2 3 'Structure model' 'Source and taxonomy'       
3 3 'Structure model' 'Version format compliance' 
4 4 'Structure model' 'Data collection'           
5 4 'Structure model' 'Database references'       
# 
loop_
_pdbx_audit_revision_category.ordinal 
_pdbx_audit_revision_category.revision_ordinal 
_pdbx_audit_revision_category.data_content_type 
_pdbx_audit_revision_category.category 
1 4 'Structure model' chem_comp_atom     
2 4 'Structure model' chem_comp_bond     
3 4 'Structure model' database_2         
4 4 'Structure model' struct_ref_seq_dif 
# 
loop_
_pdbx_audit_revision_item.ordinal 
_pdbx_audit_revision_item.revision_ordinal 
_pdbx_audit_revision_item.data_content_type 
_pdbx_audit_revision_item.item 
1 4 'Structure model' '_database_2.pdbx_DOI'                
2 4 'Structure model' '_database_2.pdbx_database_accession' 
3 4 'Structure model' '_struct_ref_seq_dif.details'         
# 
_pdbx_database_status.status_code                     REL 
_pdbx_database_status.entry_id                        2FZ4 
_pdbx_database_status.recvd_initial_deposition_date   2006-02-09 
_pdbx_database_status.deposit_site                    RCSB 
_pdbx_database_status.process_site                    RCSB 
_pdbx_database_status.status_code_sf                  REL 
_pdbx_database_status.status_code_mr                  ? 
_pdbx_database_status.SG_entry                        ? 
_pdbx_database_status.pdb_format_compatible           Y 
_pdbx_database_status.status_code_cs                  ? 
_pdbx_database_status.status_code_nmr_data            ? 
_pdbx_database_status.methods_development_category    ? 
# 
loop_
_audit_author.name 
_audit_author.pdbx_ordinal 
'Fan, L.'      1 
'Tainer, J.A.' 2 
# 
_citation.id                        primary 
_citation.title                     
'Conserved XPB Core Structure and Motifs for DNA Unwinding: Implications for Pathway Selection of Transcription or Excision Repair.' 
_citation.journal_abbrev            Mol.Cell 
_citation.journal_volume            22 
_citation.page_first                27 
_citation.page_last                 37 
_citation.year                      2006 
_citation.journal_id_ASTM           MOCEFL 
_citation.country                   US 
_citation.journal_id_ISSN           1097-2765 
_citation.journal_id_CSD            2168 
_citation.book_publisher            ? 
_citation.pdbx_database_id_PubMed   16600867 
_citation.pdbx_database_id_DOI      10.1016/j.molcel.2006.02.017 
# 
loop_
_citation_author.citation_id 
_citation_author.name 
_citation_author.ordinal 
_citation_author.identifier_ORCID 
primary 'Fan, L.'      1 ? 
primary 'Arvai, A.S.'  2 ? 
primary 'Cooper, P.K.' 3 ? 
primary 'Iwai, S.'     4 ? 
primary 'Hanaoka, F.'  5 ? 
primary 'Tainer, J.A.' 6 ? 
# 
loop_
_entity.id 
_entity.type 
_entity.src_method 
_entity.pdbx_description 
_entity.formula_weight 
_entity.pdbx_number_of_molecules 
_entity.pdbx_ec 
_entity.pdbx_mutation 
_entity.pdbx_fragment 
_entity.details 
1 polymer man 'DNA repair protein RAD25' 26826.393 1  ? ? 'N-terminal half' ? 
2 water   nat water                      18.015    39 ? ? ?                 ? 
# 
_entity_poly.entity_id                      1 
_entity_poly.type                           'polypeptide(L)' 
_entity_poly.nstd_linkage                   no 
_entity_poly.nstd_monomer                   no 
_entity_poly.pdbx_seq_one_letter_code       
;MGSSHHHHHHSSGLVPRGSHMQMIAEIYYERGTIVVKGDAHVPHAKFDSRSGTYRALAFRYRDIIEYFESNGIEFVDNAA
DPIPTPYFDAEISLRDYQEKALERWLVDKRGCIVLPTGSGKTHVAMAAINELSTPTLIVVPTLALAEQWKERLGIFGEEY
VGEFSGRIKELKPLTVSTYDSAYVNAEKLGNRFMLLIFDEVHHLPAESYVQIAQMSIAPFRLGLTATFEREDGRHEI
;
_entity_poly.pdbx_seq_one_letter_code_can   
;MGSSHHHHHHSSGLVPRGSHMQMIAEIYYERGTIVVKGDAHVPHAKFDSRSGTYRALAFRYRDIIEYFESNGIEFVDNAA
DPIPTPYFDAEISLRDYQEKALERWLVDKRGCIVLPTGSGKTHVAMAAINELSTPTLIVVPTLALAEQWKERLGIFGEEY
VGEFSGRIKELKPLTVSTYDSAYVNAEKLGNRFMLLIFDEVHHLPAESYVQIAQMSIAPFRLGLTATFEREDGRHEI
;
_entity_poly.pdbx_strand_id                 A 
_entity_poly.pdbx_target_identifier         ? 
# 
_pdbx_entity_nonpoly.entity_id   2 
_pdbx_entity_nonpoly.name        water 
_pdbx_entity_nonpoly.comp_id     HOH 
# 
loop_
_entity_poly_seq.entity_id 
_entity_poly_seq.num 
_entity_poly_seq.mon_id 
_entity_poly_seq.hetero 
1 1   MET n 
1 2   GLY n 
1 3   SER n 
1 4   SER n 
1 5   HIS n 
1 6   HIS n 
1 7   HIS n 
1 8   HIS n 
1 9   HIS n 
1 10  HIS n 
1 11  SER n 
1 12  SER n 
1 13  GLY n 
1 14  LEU n 
1 15  VAL n 
1 16  PRO n 
1 17  ARG n 
1 18  GLY n 
1 19  SER n 
1 20  HIS n 
1 21  MET n 
1 22  GLN n 
1 23  MET n 
1 24  ILE n 
1 25  ALA n 
1 26  GLU n 
1 27  ILE n 
1 28  TYR n 
1 29  TYR n 
1 30  GLU n 
1 31  ARG n 
1 32  GLY n 
1 33  THR n 
1 34  ILE n 
1 35  VAL n 
1 36  VAL n 
1 37  LYS n 
1 38  GLY n 
1 39  ASP n 
1 40  ALA n 
1 41  HIS n 
1 42  VAL n 
1 43  PRO n 
1 44  HIS n 
1 45  ALA n 
1 46  LYS n 
1 47  PHE n 
1 48  ASP n 
1 49  SER n 
1 50  ARG n 
1 51  SER n 
1 52  GLY n 
1 53  THR n 
1 54  TYR n 
1 55  ARG n 
1 56  ALA n 
1 57  LEU n 
1 58  ALA n 
1 59  PHE n 
1 60  ARG n 
1 61  TYR n 
1 62  ARG n 
1 63  ASP n 
1 64  ILE n 
1 65  ILE n 
1 66  GLU n 
1 67  TYR n 
1 68  PHE n 
1 69  GLU n 
1 70  SER n 
1 71  ASN n 
1 72  GLY n 
1 73  ILE n 
1 74  GLU n 
1 75  PHE n 
1 76  VAL n 
1 77  ASP n 
1 78  ASN n 
1 79  ALA n 
1 80  ALA n 
1 81  ASP n 
1 82  PRO n 
1 83  ILE n 
1 84  PRO n 
1 85  THR n 
1 86  PRO n 
1 87  TYR n 
1 88  PHE n 
1 89  ASP n 
1 90  ALA n 
1 91  GLU n 
1 92  ILE n 
1 93  SER n 
1 94  LEU n 
1 95  ARG n 
1 96  ASP n 
1 97  TYR n 
1 98  GLN n 
1 99  GLU n 
1 100 LYS n 
1 101 ALA n 
1 102 LEU n 
1 103 GLU n 
1 104 ARG n 
1 105 TRP n 
1 106 LEU n 
1 107 VAL n 
1 108 ASP n 
1 109 LYS n 
1 110 ARG n 
1 111 GLY n 
1 112 CYS n 
1 113 ILE n 
1 114 VAL n 
1 115 LEU n 
1 116 PRO n 
1 117 THR n 
1 118 GLY n 
1 119 SER n 
1 120 GLY n 
1 121 LYS n 
1 122 THR n 
1 123 HIS n 
1 124 VAL n 
1 125 ALA n 
1 126 MET n 
1 127 ALA n 
1 128 ALA n 
1 129 ILE n 
1 130 ASN n 
1 131 GLU n 
1 132 LEU n 
1 133 SER n 
1 134 THR n 
1 135 PRO n 
1 136 THR n 
1 137 LEU n 
1 138 ILE n 
1 139 VAL n 
1 140 VAL n 
1 141 PRO n 
1 142 THR n 
1 143 LEU n 
1 144 ALA n 
1 145 LEU n 
1 146 ALA n 
1 147 GLU n 
1 148 GLN n 
1 149 TRP n 
1 150 LYS n 
1 151 GLU n 
1 152 ARG n 
1 153 LEU n 
1 154 GLY n 
1 155 ILE n 
1 156 PHE n 
1 157 GLY n 
1 158 GLU n 
1 159 GLU n 
1 160 TYR n 
1 161 VAL n 
1 162 GLY n 
1 163 GLU n 
1 164 PHE n 
1 165 SER n 
1 166 GLY n 
1 167 ARG n 
1 168 ILE n 
1 169 LYS n 
1 170 GLU n 
1 171 LEU n 
1 172 LYS n 
1 173 PRO n 
1 174 LEU n 
1 175 THR n 
1 176 VAL n 
1 177 SER n 
1 178 THR n 
1 179 TYR n 
1 180 ASP n 
1 181 SER n 
1 182 ALA n 
1 183 TYR n 
1 184 VAL n 
1 185 ASN n 
1 186 ALA n 
1 187 GLU n 
1 188 LYS n 
1 189 LEU n 
1 190 GLY n 
1 191 ASN n 
1 192 ARG n 
1 193 PHE n 
1 194 MET n 
1 195 LEU n 
1 196 LEU n 
1 197 ILE n 
1 198 PHE n 
1 199 ASP n 
1 200 GLU n 
1 201 VAL n 
1 202 HIS n 
1 203 HIS n 
1 204 LEU n 
1 205 PRO n 
1 206 ALA n 
1 207 GLU n 
1 208 SER n 
1 209 TYR n 
1 210 VAL n 
1 211 GLN n 
1 212 ILE n 
1 213 ALA n 
1 214 GLN n 
1 215 MET n 
1 216 SER n 
1 217 ILE n 
1 218 ALA n 
1 219 PRO n 
1 220 PHE n 
1 221 ARG n 
1 222 LEU n 
1 223 GLY n 
1 224 LEU n 
1 225 THR n 
1 226 ALA n 
1 227 THR n 
1 228 PHE n 
1 229 GLU n 
1 230 ARG n 
1 231 GLU n 
1 232 ASP n 
1 233 GLY n 
1 234 ARG n 
1 235 HIS n 
1 236 GLU n 
1 237 ILE n 
# 
_entity_src_gen.entity_id                          1 
_entity_src_gen.pdbx_src_id                        1 
_entity_src_gen.pdbx_alt_source_flag               sample 
_entity_src_gen.pdbx_seq_type                      ? 
_entity_src_gen.pdbx_beg_seq_num                   ? 
_entity_src_gen.pdbx_end_seq_num                   ? 
_entity_src_gen.gene_src_common_name               ? 
_entity_src_gen.gene_src_genus                     Archaeoglobus 
_entity_src_gen.pdbx_gene_src_gene                 RAD25 
_entity_src_gen.gene_src_species                   'Archaeoglobus fulgidus' 
_entity_src_gen.gene_src_strain                    'DSM 4304' 
_entity_src_gen.gene_src_tissue                    ? 
_entity_src_gen.gene_src_tissue_fraction           ? 
_entity_src_gen.gene_src_details                   ? 
_entity_src_gen.pdbx_gene_src_fragment             ? 
_entity_src_gen.pdbx_gene_src_scientific_name      'Archaeoglobus fulgidus' 
_entity_src_gen.pdbx_gene_src_ncbi_taxonomy_id     224325 
_entity_src_gen.pdbx_gene_src_variant              ? 
_entity_src_gen.pdbx_gene_src_cell_line            ? 
_entity_src_gen.pdbx_gene_src_atcc                 ? 
_entity_src_gen.pdbx_gene_src_organ                ? 
_entity_src_gen.pdbx_gene_src_organelle            ? 
_entity_src_gen.pdbx_gene_src_cell                 ? 
_entity_src_gen.pdbx_gene_src_cellular_location    ? 
_entity_src_gen.host_org_common_name               ? 
_entity_src_gen.pdbx_host_org_scientific_name      'Escherichia coli BL21(DE3)' 
_entity_src_gen.pdbx_host_org_ncbi_taxonomy_id     469008 
_entity_src_gen.host_org_genus                     Escherichia 
_entity_src_gen.pdbx_host_org_gene                 ? 
_entity_src_gen.pdbx_host_org_organ                ? 
_entity_src_gen.host_org_species                   'Escherichia coli' 
_entity_src_gen.pdbx_host_org_tissue               ? 
_entity_src_gen.pdbx_host_org_tissue_fraction      ? 
_entity_src_gen.pdbx_host_org_strain               'BL21(DE3)' 
_entity_src_gen.pdbx_host_org_variant              ? 
_entity_src_gen.pdbx_host_org_cell_line            ? 
_entity_src_gen.pdbx_host_org_atcc                 ? 
_entity_src_gen.pdbx_host_org_culture_collection   ? 
_entity_src_gen.pdbx_host_org_cell                 ? 
_entity_src_gen.pdbx_host_org_organelle            ? 
_entity_src_gen.pdbx_host_org_cellular_location    ? 
_entity_src_gen.pdbx_host_org_vector_type          plasmid 
_entity_src_gen.pdbx_host_org_vector               ? 
_entity_src_gen.host_org_details                   ? 
_entity_src_gen.expression_system_id               ? 
_entity_src_gen.plasmid_name                       pET28b 
_entity_src_gen.plasmid_details                    ? 
_entity_src_gen.pdbx_description                   ? 
# 
loop_
_chem_comp.id 
_chem_comp.type 
_chem_comp.mon_nstd_flag 
_chem_comp.name 
_chem_comp.pdbx_synonyms 
_chem_comp.formula 
_chem_comp.formula_weight 
ALA 'L-peptide linking' y ALANINE         ? 'C3 H7 N O2'     89.093  
ARG 'L-peptide linking' y ARGININE        ? 'C6 H15 N4 O2 1' 175.209 
ASN 'L-peptide linking' y ASPARAGINE      ? 'C4 H8 N2 O3'    132.118 
ASP 'L-peptide linking' y 'ASPARTIC ACID' ? 'C4 H7 N O4'     133.103 
CYS 'L-peptide linking' y CYSTEINE        ? 'C3 H7 N O2 S'   121.158 
GLN 'L-peptide linking' y GLUTAMINE       ? 'C5 H10 N2 O3'   146.144 
GLU 'L-peptide linking' y 'GLUTAMIC ACID' ? 'C5 H9 N O4'     147.129 
GLY 'peptide linking'   y GLYCINE         ? 'C2 H5 N O2'     75.067  
HIS 'L-peptide linking' y HISTIDINE       ? 'C6 H10 N3 O2 1' 156.162 
HOH non-polymer         . WATER           ? 'H2 O'           18.015  
ILE 'L-peptide linking' y ISOLEUCINE      ? 'C6 H13 N O2'    131.173 
LEU 'L-peptide linking' y LEUCINE         ? 'C6 H13 N O2'    131.173 
LYS 'L-peptide linking' y LYSINE          ? 'C6 H15 N2 O2 1' 147.195 
MET 'L-peptide linking' y METHIONINE      ? 'C5 H11 N O2 S'  149.211 
PHE 'L-peptide linking' y PHENYLALANINE   ? 'C9 H11 N O2'    165.189 
PRO 'L-peptide linking' y PROLINE         ? 'C5 H9 N O2'     115.130 
SER 'L-peptide linking' y SERINE          ? 'C3 H7 N O3'     105.093 
THR 'L-peptide linking' y THREONINE       ? 'C4 H9 N O3'     119.119 
TRP 'L-peptide linking' y TRYPTOPHAN      ? 'C11 H12 N2 O2'  204.225 
TYR 'L-peptide linking' y TYROSINE        ? 'C9 H11 N O3'    181.189 
VAL 'L-peptide linking' y VALINE          ? 'C5 H11 N O2'    117.146 
# 
loop_
_pdbx_poly_seq_scheme.asym_id 
_pdbx_poly_seq_scheme.entity_id 
_pdbx_poly_seq_scheme.seq_id 
_pdbx_poly_seq_scheme.mon_id 
_pdbx_poly_seq_scheme.ndb_seq_num 
_pdbx_poly_seq_scheme.pdb_seq_num 
_pdbx_poly_seq_scheme.auth_seq_num 
_pdbx_poly_seq_scheme.pdb_mon_id 
_pdbx_poly_seq_scheme.auth_mon_id 
_pdbx_poly_seq_scheme.pdb_strand_id 
_pdbx_poly_seq_scheme.pdb_ins_code 
_pdbx_poly_seq_scheme.hetero 
A 1 1   MET 1   1   ?   ?   ?   A . n 
A 1 2   GLY 2   2   ?   ?   ?   A . n 
A 1 3   SER 3   3   ?   ?   ?   A . n 
A 1 4   SER 4   4   ?   ?   ?   A . n 
A 1 5   HIS 5   5   ?   ?   ?   A . n 
A 1 6   HIS 6   6   ?   ?   ?   A . n 
A 1 7   HIS 7   7   ?   ?   ?   A . n 
A 1 8   HIS 8   8   ?   ?   ?   A . n 
A 1 9   HIS 9   9   ?   ?   ?   A . n 
A 1 10  HIS 10  10  ?   ?   ?   A . n 
A 1 11  SER 11  11  ?   ?   ?   A . n 
A 1 12  SER 12  12  ?   ?   ?   A . n 
A 1 13  GLY 13  13  ?   ?   ?   A . n 
A 1 14  LEU 14  14  ?   ?   ?   A . n 
A 1 15  VAL 15  15  ?   ?   ?   A . n 
A 1 16  PRO 16  16  ?   ?   ?   A . n 
A 1 17  ARG 17  17  ?   ?   ?   A . n 
A 1 18  GLY 18  18  ?   ?   ?   A . n 
A 1 19  SER 19  19  ?   ?   ?   A . n 
A 1 20  HIS 20  20  ?   ?   ?   A . n 
A 1 21  MET 21  21  ?   ?   ?   A . n 
A 1 22  GLN 22  22  ?   ?   ?   A . n 
A 1 23  MET 23  23  ?   ?   ?   A . n 
A 1 24  ILE 24  24  24  ILE ILE A . n 
A 1 25  ALA 25  25  25  ALA ALA A . n 
A 1 26  GLU 26  26  26  GLU GLU A . n 
A 1 27  ILE 27  27  27  ILE ILE A . n 
A 1 28  TYR 28  28  28  TYR TYR A . n 
A 1 29  TYR 29  29  29  TYR TYR A . n 
A 1 30  GLU 30  30  30  GLU GLU A . n 
A 1 31  ARG 31  31  31  ARG ARG A . n 
A 1 32  GLY 32  32  32  GLY GLY A . n 
A 1 33  THR 33  33  33  THR THR A . n 
A 1 34  ILE 34  34  34  ILE ILE A . n 
A 1 35  VAL 35  35  35  VAL VAL A . n 
A 1 36  VAL 36  36  36  VAL VAL A . n 
A 1 37  LYS 37  37  37  LYS LYS A . n 
A 1 38  GLY 38  38  38  GLY GLY A . n 
A 1 39  ASP 39  39  39  ASP ASP A . n 
A 1 40  ALA 40  40  40  ALA ALA A . n 
A 1 41  HIS 41  41  41  HIS HIS A . n 
A 1 42  VAL 42  42  42  VAL VAL A . n 
A 1 43  PRO 43  43  43  PRO PRO A . n 
A 1 44  HIS 44  44  44  HIS HIS A . n 
A 1 45  ALA 45  45  45  ALA ALA A . n 
A 1 46  LYS 46  46  46  LYS LYS A . n 
A 1 47  PHE 47  47  47  PHE PHE A . n 
A 1 48  ASP 48  48  48  ASP ASP A . n 
A 1 49  SER 49  49  49  SER SER A . n 
A 1 50  ARG 50  50  50  ARG ARG A . n 
A 1 51  SER 51  51  51  SER SER A . n 
A 1 52  GLY 52  52  52  GLY GLY A . n 
A 1 53  THR 53  53  53  THR THR A . n 
A 1 54  TYR 54  54  54  TYR TYR A . n 
A 1 55  ARG 55  55  55  ARG ARG A . n 
A 1 56  ALA 56  56  56  ALA ALA A . n 
A 1 57  LEU 57  57  57  LEU LEU A . n 
A 1 58  ALA 58  58  58  ALA ALA A . n 
A 1 59  PHE 59  59  59  PHE PHE A . n 
A 1 60  ARG 60  60  60  ARG ARG A . n 
A 1 61  TYR 61  61  61  TYR TYR A . n 
A 1 62  ARG 62  62  62  ARG ARG A . n 
A 1 63  ASP 63  63  63  ASP ASP A . n 
A 1 64  ILE 64  64  64  ILE ILE A . n 
A 1 65  ILE 65  65  65  ILE ILE A . n 
A 1 66  GLU 66  66  66  GLU GLU A . n 
A 1 67  TYR 67  67  67  TYR TYR A . n 
A 1 68  PHE 68  68  68  PHE PHE A . n 
A 1 69  GLU 69  69  69  GLU GLU A . n 
A 1 70  SER 70  70  70  SER SER A . n 
A 1 71  ASN 71  71  71  ASN ASN A . n 
A 1 72  GLY 72  72  72  GLY GLY A . n 
A 1 73  ILE 73  73  73  ILE ILE A . n 
A 1 74  GLU 74  74  74  GLU GLU A . n 
A 1 75  PHE 75  75  75  PHE PHE A . n 
A 1 76  VAL 76  76  76  VAL VAL A . n 
A 1 77  ASP 77  77  77  ASP ASP A . n 
A 1 78  ASN 78  78  78  ASN ASN A . n 
A 1 79  ALA 79  79  79  ALA ALA A . n 
A 1 80  ALA 80  80  80  ALA ALA A . n 
A 1 81  ASP 81  81  81  ASP ASP A . n 
A 1 82  PRO 82  82  82  PRO PRO A . n 
A 1 83  ILE 83  83  83  ILE ILE A . n 
A 1 84  PRO 84  84  84  PRO PRO A . n 
A 1 85  THR 85  85  85  THR THR A . n 
A 1 86  PRO 86  86  86  PRO PRO A . n 
A 1 87  TYR 87  87  87  TYR TYR A . n 
A 1 88  PHE 88  88  88  PHE PHE A . n 
A 1 89  ASP 89  89  89  ASP ASP A . n 
A 1 90  ALA 90  90  90  ALA ALA A . n 
A 1 91  GLU 91  91  91  GLU GLU A . n 
A 1 92  ILE 92  92  92  ILE ILE A . n 
A 1 93  SER 93  93  93  SER SER A . n 
A 1 94  LEU 94  94  94  LEU LEU A . n 
A 1 95  ARG 95  95  95  ARG ARG A . n 
A 1 96  ASP 96  96  96  ASP ASP A . n 
A 1 97  TYR 97  97  97  TYR TYR A . n 
A 1 98  GLN 98  98  98  GLN GLN A . n 
A 1 99  GLU 99  99  99  GLU GLU A . n 
A 1 100 LYS 100 100 100 LYS LYS A . n 
A 1 101 ALA 101 101 101 ALA ALA A . n 
A 1 102 LEU 102 102 102 LEU LEU A . n 
A 1 103 GLU 103 103 103 GLU GLU A . n 
A 1 104 ARG 104 104 104 ARG ARG A . n 
A 1 105 TRP 105 105 105 TRP TRP A . n 
A 1 106 LEU 106 106 106 LEU LEU A . n 
A 1 107 VAL 107 107 107 VAL VAL A . n 
A 1 108 ASP 108 108 108 ASP ASP A . n 
A 1 109 LYS 109 109 109 LYS LYS A . n 
A 1 110 ARG 110 110 110 ARG ARG A . n 
A 1 111 GLY 111 111 111 GLY GLY A . n 
A 1 112 CYS 112 112 112 CYS CYS A . n 
A 1 113 ILE 113 113 113 ILE ILE A . n 
A 1 114 VAL 114 114 114 VAL VAL A . n 
A 1 115 LEU 115 115 115 LEU LEU A . n 
A 1 116 PRO 116 116 116 PRO PRO A . n 
A 1 117 THR 117 117 117 THR THR A . n 
A 1 118 GLY 118 118 118 GLY GLY A . n 
A 1 119 SER 119 119 119 SER SER A . n 
A 1 120 GLY 120 120 120 GLY GLY A . n 
A 1 121 LYS 121 121 121 LYS LYS A . n 
A 1 122 THR 122 122 122 THR THR A . n 
A 1 123 HIS 123 123 123 HIS HIS A . n 
A 1 124 VAL 124 124 124 VAL VAL A . n 
A 1 125 ALA 125 125 125 ALA ALA A . n 
A 1 126 MET 126 126 126 MET MET A . n 
A 1 127 ALA 127 127 127 ALA ALA A . n 
A 1 128 ALA 128 128 128 ALA ALA A . n 
A 1 129 ILE 129 129 129 ILE ILE A . n 
A 1 130 ASN 130 130 130 ASN ASN A . n 
A 1 131 GLU 131 131 131 GLU GLU A . n 
A 1 132 LEU 132 132 132 LEU LEU A . n 
A 1 133 SER 133 133 133 SER SER A . n 
A 1 134 THR 134 134 134 THR THR A . n 
A 1 135 PRO 135 135 135 PRO PRO A . n 
A 1 136 THR 136 136 136 THR THR A . n 
A 1 137 LEU 137 137 137 LEU LEU A . n 
A 1 138 ILE 138 138 138 ILE ILE A . n 
A 1 139 VAL 139 139 139 VAL VAL A . n 
A 1 140 VAL 140 140 140 VAL VAL A . n 
A 1 141 PRO 141 141 141 PRO PRO A . n 
A 1 142 THR 142 142 142 THR THR A . n 
A 1 143 LEU 143 143 143 LEU LEU A . n 
A 1 144 ALA 144 144 144 ALA ALA A . n 
A 1 145 LEU 145 145 145 LEU LEU A . n 
A 1 146 ALA 146 146 146 ALA ALA A . n 
A 1 147 GLU 147 147 147 GLU GLU A . n 
A 1 148 GLN 148 148 148 GLN GLN A . n 
A 1 149 TRP 149 149 149 TRP TRP A . n 
A 1 150 LYS 150 150 150 LYS LYS A . n 
A 1 151 GLU 151 151 151 GLU GLU A . n 
A 1 152 ARG 152 152 152 ARG ARG A . n 
A 1 153 LEU 153 153 153 LEU LEU A . n 
A 1 154 GLY 154 154 154 GLY GLY A . n 
A 1 155 ILE 155 155 155 ILE ILE A . n 
A 1 156 PHE 156 156 156 PHE PHE A . n 
A 1 157 GLY 157 157 157 GLY GLY A . n 
A 1 158 GLU 158 158 158 GLU GLU A . n 
A 1 159 GLU 159 159 159 GLU GLU A . n 
A 1 160 TYR 160 160 160 TYR TYR A . n 
A 1 161 VAL 161 161 161 VAL VAL A . n 
A 1 162 GLY 162 162 162 GLY GLY A . n 
A 1 163 GLU 163 163 163 GLU GLU A . n 
A 1 164 PHE 164 164 164 PHE PHE A . n 
A 1 165 SER 165 165 165 SER SER A . n 
A 1 166 GLY 166 166 166 GLY GLY A . n 
A 1 167 ARG 167 167 167 ARG ARG A . n 
A 1 168 ILE 168 168 168 ILE ILE A . n 
A 1 169 LYS 169 169 169 LYS LYS A . n 
A 1 170 GLU 170 170 170 GLU GLU A . n 
A 1 171 LEU 171 171 171 LEU LEU A . n 
A 1 172 LYS 172 172 172 LYS LYS A . n 
A 1 173 PRO 173 173 173 PRO PRO A . n 
A 1 174 LEU 174 174 174 LEU LEU A . n 
A 1 175 THR 175 175 175 THR THR A . n 
A 1 176 VAL 176 176 176 VAL VAL A . n 
A 1 177 SER 177 177 177 SER SER A . n 
A 1 178 THR 178 178 178 THR THR A . n 
A 1 179 TYR 179 179 179 TYR TYR A . n 
A 1 180 ASP 180 180 180 ASP ASP A . n 
A 1 181 SER 181 181 181 SER SER A . n 
A 1 182 ALA 182 182 182 ALA ALA A . n 
A 1 183 TYR 183 183 183 TYR TYR A . n 
A 1 184 VAL 184 184 184 VAL VAL A . n 
A 1 185 ASN 185 185 185 ASN ASN A . n 
A 1 186 ALA 186 186 186 ALA ALA A . n 
A 1 187 GLU 187 187 187 GLU GLU A . n 
A 1 188 LYS 188 188 188 LYS LYS A . n 
A 1 189 LEU 189 189 189 LEU LEU A . n 
A 1 190 GLY 190 190 190 GLY GLY A . n 
A 1 191 ASN 191 191 191 ASN ASN A . n 
A 1 192 ARG 192 192 192 ARG ARG A . n 
A 1 193 PHE 193 193 193 PHE PHE A . n 
A 1 194 MET 194 194 194 MET MET A . n 
A 1 195 LEU 195 195 195 LEU LEU A . n 
A 1 196 LEU 196 196 196 LEU LEU A . n 
A 1 197 ILE 197 197 197 ILE ILE A . n 
A 1 198 PHE 198 198 198 PHE PHE A . n 
A 1 199 ASP 199 199 199 ASP ASP A . n 
A 1 200 GLU 200 200 200 GLU GLU A . n 
A 1 201 VAL 201 201 201 VAL VAL A . n 
A 1 202 HIS 202 202 202 HIS HIS A . n 
A 1 203 HIS 203 203 203 HIS HIS A . n 
A 1 204 LEU 204 204 204 LEU LEU A . n 
A 1 205 PRO 205 205 205 PRO PRO A . n 
A 1 206 ALA 206 206 206 ALA ALA A . n 
A 1 207 GLU 207 207 207 GLU GLU A . n 
A 1 208 SER 208 208 208 SER SER A . n 
A 1 209 TYR 209 209 209 TYR TYR A . n 
A 1 210 VAL 210 210 210 VAL VAL A . n 
A 1 211 GLN 211 211 211 GLN GLN A . n 
A 1 212 ILE 212 212 212 ILE ILE A . n 
A 1 213 ALA 213 213 213 ALA ALA A . n 
A 1 214 GLN 214 214 214 GLN GLN A . n 
A 1 215 MET 215 215 215 MET MET A . n 
A 1 216 SER 216 216 216 SER SER A . n 
A 1 217 ILE 217 217 217 ILE ILE A . n 
A 1 218 ALA 218 218 218 ALA ALA A . n 
A 1 219 PRO 219 219 219 PRO PRO A . n 
A 1 220 PHE 220 220 220 PHE PHE A . n 
A 1 221 ARG 221 221 221 ARG ARG A . n 
A 1 222 LEU 222 222 222 LEU LEU A . n 
A 1 223 GLY 223 223 223 GLY GLY A . n 
A 1 224 LEU 224 224 224 LEU LEU A . n 
A 1 225 THR 225 225 225 THR THR A . n 
A 1 226 ALA 226 226 226 ALA ALA A . n 
A 1 227 THR 227 227 227 THR THR A . n 
A 1 228 PHE 228 228 228 PHE PHE A . n 
A 1 229 GLU 229 229 229 GLU GLU A . n 
A 1 230 ARG 230 230 ?   ?   ?   A . n 
A 1 231 GLU 231 231 ?   ?   ?   A . n 
A 1 232 ASP 232 232 ?   ?   ?   A . n 
A 1 233 GLY 233 233 ?   ?   ?   A . n 
A 1 234 ARG 234 234 ?   ?   ?   A . n 
A 1 235 HIS 235 235 ?   ?   ?   A . n 
A 1 236 GLU 236 236 ?   ?   ?   A . n 
A 1 237 ILE 237 237 ?   ?   ?   A . n 
# 
loop_
_pdbx_nonpoly_scheme.asym_id 
_pdbx_nonpoly_scheme.entity_id 
_pdbx_nonpoly_scheme.mon_id 
_pdbx_nonpoly_scheme.ndb_seq_num 
_pdbx_nonpoly_scheme.pdb_seq_num 
_pdbx_nonpoly_scheme.auth_seq_num 
_pdbx_nonpoly_scheme.pdb_mon_id 
_pdbx_nonpoly_scheme.auth_mon_id 
_pdbx_nonpoly_scheme.pdb_strand_id 
_pdbx_nonpoly_scheme.pdb_ins_code 
B 2 HOH 1  301 301 HOH HOH A . 
B 2 HOH 2  302 302 HOH HOH A . 
B 2 HOH 3  303 303 HOH HOH A . 
B 2 HOH 4  304 304 HOH HOH A . 
B 2 HOH 5  305 305 HOH HOH A . 
B 2 HOH 6  306 306 HOH HOH A . 
B 2 HOH 7  307 307 HOH HOH A . 
B 2 HOH 8  308 308 HOH HOH A . 
B 2 HOH 9  309 309 HOH HOH A . 
B 2 HOH 10 310 310 HOH HOH A . 
B 2 HOH 11 311 311 HOH HOH A . 
B 2 HOH 12 312 312 HOH HOH A . 
B 2 HOH 13 313 313 HOH HOH A . 
B 2 HOH 14 314 314 HOH HOH A . 
B 2 HOH 15 315 315 HOH HOH A . 
B 2 HOH 16 316 316 HOH HOH A . 
B 2 HOH 17 317 317 HOH HOH A . 
B 2 HOH 18 318 318 HOH HOH A . 
B 2 HOH 19 319 319 HOH HOH A . 
B 2 HOH 20 320 320 HOH HOH A . 
B 2 HOH 21 321 321 HOH HOH A . 
B 2 HOH 22 322 322 HOH HOH A . 
B 2 HOH 23 323 323 HOH HOH A . 
B 2 HOH 24 324 324 HOH HOH A . 
B 2 HOH 25 325 325 HOH HOH A . 
B 2 HOH 26 326 326 HOH HOH A . 
B 2 HOH 27 327 327 HOH HOH A . 
B 2 HOH 28 328 328 HOH HOH A . 
B 2 HOH 29 329 329 HOH HOH A . 
B 2 HOH 30 330 330 HOH HOH A . 
B 2 HOH 31 331 331 HOH HOH A . 
B 2 HOH 32 332 332 HOH HOH A . 
B 2 HOH 33 333 333 HOH HOH A . 
B 2 HOH 34 334 334 HOH HOH A . 
B 2 HOH 35 335 335 HOH HOH A . 
B 2 HOH 36 336 336 HOH HOH A . 
B 2 HOH 37 337 337 HOH HOH A . 
B 2 HOH 38 338 338 HOH HOH A . 
B 2 HOH 39 339 339 HOH HOH A . 
# 
loop_
_software.name 
_software.classification 
_software.version 
_software.citation_id 
_software.pdbx_ordinal 
HKL-2000  'data collection' .   ? 1 
SCALEPACK 'data scaling'    .   ? 2 
SOLVE     phasing           .   ? 3 
CNS       refinement        1.1 ? 4 
HKL-2000  'data reduction'  .   ? 5 
# 
_cell.entry_id           2FZ4 
_cell.length_a           117.6 
_cell.length_b           117.6 
_cell.length_c           117.6 
_cell.angle_alpha        90 
_cell.angle_beta         90 
_cell.angle_gamma        90 
_cell.Z_PDB              24 
_cell.pdbx_unique_axis   ? 
_cell.length_a_esd       ? 
_cell.length_b_esd       ? 
_cell.length_c_esd       ? 
_cell.angle_alpha_esd    ? 
_cell.angle_beta_esd     ? 
_cell.angle_gamma_esd    ? 
# 
_symmetry.entry_id                         2FZ4 
_symmetry.space_group_name_H-M             'I 2 3' 
_symmetry.pdbx_full_space_group_name_H-M   ? 
_symmetry.cell_setting                     ? 
_symmetry.Int_Tables_number                197 
_symmetry.space_group_name_Hall            ? 
# 
_exptl.entry_id          2FZ4 
_exptl.method            'X-RAY DIFFRACTION' 
_exptl.crystals_number   2 
# 
_exptl_crystal.id                    1 
_exptl_crystal.density_meas          ? 
_exptl_crystal.density_Matthews      2.53 
_exptl_crystal.density_percent_sol   51.29 
_exptl_crystal.description           ? 
_exptl_crystal.F_000                 ? 
_exptl_crystal.preparation           ? 
# 
_exptl_crystal_grow.crystal_id      1 
_exptl_crystal_grow.method          'VAPOR DIFFUSION' 
_exptl_crystal_grow.temp            298 
_exptl_crystal_grow.temp_details    ? 
_exptl_crystal_grow.pH              5.2 
_exptl_crystal_grow.pdbx_details    '100 mM sodium citrate, 1.0 M LiCl., pH 5.2, VAPOR DIFFUSION, temperature 298K' 
_exptl_crystal_grow.pdbx_pH_range   . 
# 
loop_
_diffrn.id 
_diffrn.ambient_temp 
_diffrn.ambient_temp_details 
_diffrn.crystal_id 
1   100 ? 1 
2   100 ? 1 
1,2 ?   ? 1 
# 
loop_
_diffrn_detector.diffrn_id 
_diffrn_detector.detector 
_diffrn_detector.type 
_diffrn_detector.pdbx_collection_date 
_diffrn_detector.details 
1 CCD 'ADSC QUANTUM 315' 2002-12-14 ? 
2 CCD 'ADSC QUANTUM 210' 2002-06-24 ? 
# 
loop_
_diffrn_radiation.diffrn_id 
_diffrn_radiation.wavelength_id 
_diffrn_radiation.pdbx_monochromatic_or_laue_m_l 
_diffrn_radiation.monochromator 
_diffrn_radiation.pdbx_diffrn_protocol 
_diffrn_radiation.pdbx_scattering_type 
1 1 M 'si(111)' 'SINGLE WAVELENGTH' x-ray 
2 1 M 'Si(111)' MAD                 x-ray 
# 
loop_
_diffrn_radiation_wavelength.id 
_diffrn_radiation_wavelength.wavelength 
_diffrn_radiation_wavelength.wt 
1 0.9800 1.0 
2 0.9780 1.0 
3 0.9795 1.0 
4 0.9796 1.0 
# 
loop_
_diffrn_source.diffrn_id 
_diffrn_source.source 
_diffrn_source.type 
_diffrn_source.pdbx_synchrotron_site 
_diffrn_source.pdbx_synchrotron_beamline 
_diffrn_source.pdbx_wavelength 
_diffrn_source.pdbx_wavelength_list 
1 SYNCHROTRON 'SSRL BEAMLINE BL11-1' SSRL BL11-1 ? 0.9800                   
2 SYNCHROTRON 'ALS BEAMLINE 5.0.2'   ALS  5.0.2  ? '0.9780, 0.9795, 0.9796' 
# 
_reflns.entry_id                     2FZ4 
_reflns.observed_criterion_sigma_I   -3.0 
_reflns.observed_criterion_sigma_F   -3.0 
_reflns.d_resolution_low             40.0 
_reflns.d_resolution_high            2.40 
_reflns.number_obs                   10811 
_reflns.number_all                   ? 
_reflns.percent_possible_obs         100 
_reflns.pdbx_Rmerge_I_obs            0.061 
_reflns.pdbx_Rsym_value              0.061 
_reflns.pdbx_netI_over_sigmaI        40.9 
_reflns.B_iso_Wilson_estimate        ? 
_reflns.pdbx_redundancy              19.9 
_reflns.R_free_details               ? 
_reflns.limit_h_max                  ? 
_reflns.limit_h_min                  ? 
_reflns.limit_k_max                  ? 
_reflns.limit_k_min                  ? 
_reflns.limit_l_max                  ? 
_reflns.limit_l_min                  ? 
_reflns.observed_criterion_F_max     ? 
_reflns.observed_criterion_F_min     ? 
_reflns.pdbx_chi_squared             ? 
_reflns.pdbx_scaling_rejects         ? 
_reflns.pdbx_ordinal                 1 
_reflns.pdbx_diffrn_id               1,2 
# 
_reflns_shell.d_res_high             2.40 
_reflns_shell.d_res_low              2.49 
_reflns_shell.percent_possible_all   100 
_reflns_shell.Rmerge_I_obs           ? 
_reflns_shell.pdbx_Rsym_value        0.593 
_reflns_shell.meanI_over_sigI_obs    6.6 
_reflns_shell.pdbx_redundancy        17.1 
_reflns_shell.percent_possible_obs   ? 
_reflns_shell.number_unique_all      1064 
_reflns_shell.number_measured_all    ? 
_reflns_shell.number_measured_obs    ? 
_reflns_shell.number_unique_obs      ? 
_reflns_shell.pdbx_chi_squared       ? 
_reflns_shell.pdbx_ordinal           1 
_reflns_shell.pdbx_diffrn_id         1,2 
# 
_refine.entry_id                                 2FZ4 
_refine.ls_number_reflns_obs                     10478 
_refine.ls_number_reflns_all                     10732 
_refine.pdbx_ls_sigma_I                          ? 
_refine.pdbx_ls_sigma_F                          0.0 
_refine.pdbx_data_cutoff_high_absF               ? 
_refine.pdbx_data_cutoff_low_absF                ? 
_refine.pdbx_data_cutoff_high_rms_absF           ? 
_refine.ls_d_res_low                             40 
_refine.ls_d_res_high                            2.40 
_refine.ls_percent_reflns_obs                    97.6 
_refine.ls_R_factor_obs                          ? 
_refine.ls_R_factor_all                          ? 
_refine.ls_R_factor_R_work                       0.2434 
_refine.ls_R_factor_R_free                       0.2646 
_refine.ls_R_factor_R_free_error                 ? 
_refine.ls_R_factor_R_free_error_details         ? 
_refine.ls_percent_reflns_R_free                 ? 
_refine.ls_number_reflns_R_free                  549 
_refine.ls_number_parameters                     ? 
_refine.ls_number_restraints                     ? 
_refine.occupancy_min                            ? 
_refine.occupancy_max                            ? 
_refine.correlation_coeff_Fo_to_Fc               ? 
_refine.correlation_coeff_Fo_to_Fc_free          ? 
_refine.B_iso_mean                               ? 
_refine.aniso_B[1][1]                            ? 
_refine.aniso_B[2][2]                            ? 
_refine.aniso_B[3][3]                            ? 
_refine.aniso_B[1][2]                            ? 
_refine.aniso_B[1][3]                            ? 
_refine.aniso_B[2][3]                            ? 
_refine.solvent_model_details                    ? 
_refine.solvent_model_param_ksol                 ? 
_refine.solvent_model_param_bsol                 ? 
_refine.pdbx_solvent_vdw_probe_radii             ? 
_refine.pdbx_solvent_ion_probe_radii             ? 
_refine.pdbx_solvent_shrinkage_radii             ? 
_refine.pdbx_ls_cross_valid_method               ? 
_refine.details                                  ? 
_refine.pdbx_starting_model                      ? 
_refine.pdbx_method_to_determine_struct          MAD 
_refine.pdbx_isotropic_thermal_model             ? 
_refine.pdbx_stereochemistry_target_values       'Engh & Huber' 
_refine.pdbx_stereochem_target_val_spec_case     ? 
_refine.pdbx_R_Free_selection_details            random 
_refine.pdbx_overall_ESU_R                       ? 
_refine.pdbx_overall_ESU_R_Free                  ? 
_refine.overall_SU_ML                            ? 
_refine.overall_SU_B                             ? 
_refine.ls_redundancy_reflns_obs                 ? 
_refine.B_iso_min                                ? 
_refine.B_iso_max                                ? 
_refine.overall_SU_R_Cruickshank_DPI             ? 
_refine.overall_SU_R_free                        ? 
_refine.ls_wR_factor_R_free                      ? 
_refine.ls_wR_factor_R_work                      ? 
_refine.overall_FOM_free_R_set                   ? 
_refine.overall_FOM_work_R_set                   ? 
_refine.pdbx_refine_id                           'X-RAY DIFFRACTION' 
_refine.pdbx_diffrn_id                           1 
_refine.pdbx_TLS_residual_ADP_flag               ? 
_refine.pdbx_overall_phase_error                 ? 
_refine.pdbx_overall_SU_R_free_Cruickshank_DPI   ? 
_refine.pdbx_overall_SU_R_Blow_DPI               ? 
_refine.pdbx_overall_SU_R_free_Blow_DPI          ? 
# 
_refine_hist.pdbx_refine_id                   'X-RAY DIFFRACTION' 
_refine_hist.cycle_id                         LAST 
_refine_hist.pdbx_number_atoms_protein        1643 
_refine_hist.pdbx_number_atoms_nucleic_acid   0 
_refine_hist.pdbx_number_atoms_ligand         0 
_refine_hist.number_atoms_solvent             39 
_refine_hist.number_atoms_total               1682 
_refine_hist.d_res_high                       2.40 
_refine_hist.d_res_low                        40 
# 
_struct.entry_id                  2FZ4 
_struct.title                     'Crystal Structure of the N-terminal half of Archaeoglobus Fulgidus XPB' 
_struct.pdbx_model_details        ? 
_struct.pdbx_CASP_flag            ? 
_struct.pdbx_model_type_details   ? 
# 
_struct_keywords.entry_id        2FZ4 
_struct_keywords.pdbx_keywords   'DNA BINDING PROTEIN' 
_struct_keywords.text            'RecA-like domain, DNA damage recognition domain, DNA BINDING PROTEIN' 
# 
loop_
_struct_asym.id 
_struct_asym.pdbx_blank_PDB_chainid_flag 
_struct_asym.pdbx_modified 
_struct_asym.entity_id 
_struct_asym.details 
A N N 1 ? 
B N N 2 ? 
# 
_struct_ref.id                         1 
_struct_ref.db_name                    UNP 
_struct_ref.db_code                    O29889_ARCFU 
_struct_ref.pdbx_db_accession          O29889 
_struct_ref.entity_id                  1 
_struct_ref.pdbx_align_begin           1 
_struct_ref.pdbx_db_isoform            ? 
_struct_ref.pdbx_seq_one_letter_code   ? 
# 
_struct_ref_seq.align_id                      1 
_struct_ref_seq.ref_id                        1 
_struct_ref_seq.pdbx_PDB_id_code              2FZ4 
_struct_ref_seq.pdbx_strand_id                A 
_struct_ref_seq.seq_align_beg                 21 
_struct_ref_seq.pdbx_seq_align_beg_ins_code   ? 
_struct_ref_seq.seq_align_end                 237 
_struct_ref_seq.pdbx_seq_align_end_ins_code   ? 
_struct_ref_seq.pdbx_db_accession             O29889 
_struct_ref_seq.db_align_beg                  1 
_struct_ref_seq.pdbx_db_align_beg_ins_code    ? 
_struct_ref_seq.db_align_end                  217 
_struct_ref_seq.pdbx_db_align_end_ins_code    ? 
_struct_ref_seq.pdbx_auth_seq_align_beg       21 
_struct_ref_seq.pdbx_auth_seq_align_end       237 
# 
loop_
_struct_ref_seq_dif.align_id 
_struct_ref_seq_dif.pdbx_pdb_id_code 
_struct_ref_seq_dif.mon_id 
_struct_ref_seq_dif.pdbx_pdb_strand_id 
_struct_ref_seq_dif.seq_num 
_struct_ref_seq_dif.pdbx_pdb_ins_code 
_struct_ref_seq_dif.pdbx_seq_db_name 
_struct_ref_seq_dif.pdbx_seq_db_accession_code 
_struct_ref_seq_dif.db_mon_id 
_struct_ref_seq_dif.pdbx_seq_db_seq_num 
_struct_ref_seq_dif.details 
_struct_ref_seq_dif.pdbx_auth_seq_num 
_struct_ref_seq_dif.pdbx_ordinal 
1 2FZ4 MET A 1  ? UNP O29889 ? ? 'expression tag'   1  1  
1 2FZ4 GLY A 2  ? UNP O29889 ? ? 'expression tag'   2  2  
1 2FZ4 SER A 3  ? UNP O29889 ? ? 'expression tag'   3  3  
1 2FZ4 SER A 4  ? UNP O29889 ? ? 'expression tag'   4  4  
1 2FZ4 HIS A 5  ? UNP O29889 ? ? 'expression tag'   5  5  
1 2FZ4 HIS A 6  ? UNP O29889 ? ? 'expression tag'   6  6  
1 2FZ4 HIS A 7  ? UNP O29889 ? ? 'expression tag'   7  7  
1 2FZ4 HIS A 8  ? UNP O29889 ? ? 'expression tag'   8  8  
1 2FZ4 HIS A 9  ? UNP O29889 ? ? 'expression tag'   9  9  
1 2FZ4 HIS A 10 ? UNP O29889 ? ? 'expression tag'   10 10 
1 2FZ4 SER A 11 ? UNP O29889 ? ? 'cloning artifact' 11 11 
1 2FZ4 SER A 12 ? UNP O29889 ? ? 'cloning artifact' 12 12 
1 2FZ4 GLY A 13 ? UNP O29889 ? ? 'cloning artifact' 13 13 
1 2FZ4 LEU A 14 ? UNP O29889 ? ? 'cloning artifact' 14 14 
1 2FZ4 VAL A 15 ? UNP O29889 ? ? 'cloning artifact' 15 15 
1 2FZ4 PRO A 16 ? UNP O29889 ? ? 'cloning artifact' 16 16 
1 2FZ4 ARG A 17 ? UNP O29889 ? ? 'cloning artifact' 17 17 
1 2FZ4 GLY A 18 ? UNP O29889 ? ? 'cloning artifact' 18 18 
1 2FZ4 SER A 19 ? UNP O29889 ? ? 'cloning artifact' 19 19 
1 2FZ4 HIS A 20 ? UNP O29889 ? ? 'cloning artifact' 20 20 
# 
_pdbx_struct_assembly.id                   1 
_pdbx_struct_assembly.details              author_defined_assembly 
_pdbx_struct_assembly.method_details       ? 
_pdbx_struct_assembly.oligomeric_details   monomeric 
_pdbx_struct_assembly.oligomeric_count     1 
# 
_pdbx_struct_assembly_gen.assembly_id       1 
_pdbx_struct_assembly_gen.oper_expression   1 
_pdbx_struct_assembly_gen.asym_id_list      A,B 
# 
_pdbx_struct_oper_list.id                   1 
_pdbx_struct_oper_list.type                 'identity operation' 
_pdbx_struct_oper_list.name                 1_555 
_pdbx_struct_oper_list.symmetry_operation   x,y,z 
_pdbx_struct_oper_list.matrix[1][1]         1.0000000000 
_pdbx_struct_oper_list.matrix[1][2]         0.0000000000 
_pdbx_struct_oper_list.matrix[1][3]         0.0000000000 
_pdbx_struct_oper_list.vector[1]            0.0000000000 
_pdbx_struct_oper_list.matrix[2][1]         0.0000000000 
_pdbx_struct_oper_list.matrix[2][2]         1.0000000000 
_pdbx_struct_oper_list.matrix[2][3]         0.0000000000 
_pdbx_struct_oper_list.vector[2]            0.0000000000 
_pdbx_struct_oper_list.matrix[3][1]         0.0000000000 
_pdbx_struct_oper_list.matrix[3][2]         0.0000000000 
_pdbx_struct_oper_list.matrix[3][3]         1.0000000000 
_pdbx_struct_oper_list.vector[3]            0.0000000000 
# 
_struct_biol.id   1 
# 
loop_
_struct_conf.conf_type_id 
_struct_conf.id 
_struct_conf.pdbx_PDB_helix_id 
_struct_conf.beg_label_comp_id 
_struct_conf.beg_label_asym_id 
_struct_conf.beg_label_seq_id 
_struct_conf.pdbx_beg_PDB_ins_code 
_struct_conf.end_label_comp_id 
_struct_conf.end_label_asym_id 
_struct_conf.end_label_seq_id 
_struct_conf.pdbx_end_PDB_ins_code 
_struct_conf.beg_auth_comp_id 
_struct_conf.beg_auth_asym_id 
_struct_conf.beg_auth_seq_id 
_struct_conf.end_auth_comp_id 
_struct_conf.end_auth_asym_id 
_struct_conf.end_auth_seq_id 
_struct_conf.pdbx_PDB_helix_class 
_struct_conf.details 
_struct_conf.pdbx_PDB_helix_length 
HELX_P HELX_P1 1 ARG A 60  ? ASN A 71  ? ARG A 60  ASN A 71  1 ? 12 
HELX_P HELX_P2 2 ARG A 95  ? LEU A 106 ? ARG A 95  LEU A 106 1 ? 12 
HELX_P HELX_P3 3 GLY A 120 ? LEU A 132 ? GLY A 120 LEU A 132 1 ? 13 
HELX_P HELX_P4 4 THR A 142 ? GLU A 151 ? THR A 142 GLU A 151 1 ? 10 
HELX_P HELX_P5 5 LEU A 153 ? GLU A 159 ? LEU A 153 GLU A 159 5 ? 7  
HELX_P HELX_P6 6 TYR A 179 ? ASN A 185 ? TYR A 179 ASN A 185 1 ? 7  
HELX_P HELX_P7 7 ASN A 185 ? GLY A 190 ? ASN A 185 GLY A 190 1 ? 6  
HELX_P HELX_P8 8 SER A 208 ? MET A 215 ? SER A 208 MET A 215 1 ? 8  
# 
_struct_conf_type.id          HELX_P 
_struct_conf_type.criteria    ? 
_struct_conf_type.reference   ? 
# 
loop_
_struct_sheet.id 
_struct_sheet.type 
_struct_sheet.number_strands 
_struct_sheet.details 
A ? 5 ? 
B ? 6 ? 
# 
loop_
_struct_sheet_order.sheet_id 
_struct_sheet_order.range_id_1 
_struct_sheet_order.range_id_2 
_struct_sheet_order.offset 
_struct_sheet_order.sense 
A 1 2 ? anti-parallel 
A 2 3 ? anti-parallel 
A 3 4 ? anti-parallel 
A 4 5 ? parallel      
B 1 2 ? parallel      
B 2 3 ? parallel      
B 3 4 ? parallel      
B 4 5 ? parallel      
B 5 6 ? parallel      
# 
loop_
_struct_sheet_range.sheet_id 
_struct_sheet_range.id 
_struct_sheet_range.beg_label_comp_id 
_struct_sheet_range.beg_label_asym_id 
_struct_sheet_range.beg_label_seq_id 
_struct_sheet_range.pdbx_beg_PDB_ins_code 
_struct_sheet_range.end_label_comp_id 
_struct_sheet_range.end_label_asym_id 
_struct_sheet_range.end_label_seq_id 
_struct_sheet_range.pdbx_end_PDB_ins_code 
_struct_sheet_range.beg_auth_comp_id 
_struct_sheet_range.beg_auth_asym_id 
_struct_sheet_range.beg_auth_seq_id 
_struct_sheet_range.end_auth_comp_id 
_struct_sheet_range.end_auth_asym_id 
_struct_sheet_range.end_auth_seq_id 
A 1 LYS A 46  ? ASP A 48  ? LYS A 46  ASP A 48  
A 2 THR A 53  ? LEU A 57  ? THR A 53  LEU A 57  
A 3 THR A 33  ? LYS A 37  ? THR A 33  LYS A 37  
A 4 ALA A 25  ? GLU A 30  ? ALA A 25  GLU A 30  
A 5 PHE A 75  ? ASN A 78  ? PHE A 75  ASN A 78  
B 1 ARG A 110 ? LEU A 115 ? ARG A 110 LEU A 115 
B 2 PHE A 220 ? ALA A 226 ? PHE A 220 ALA A 226 
B 3 LEU A 195 ? ASP A 199 ? LEU A 195 ASP A 199 
B 4 THR A 136 ? VAL A 140 ? THR A 136 VAL A 140 
B 5 LEU A 174 ? THR A 178 ? LEU A 174 THR A 178 
B 6 VAL A 161 ? PHE A 164 ? VAL A 161 PHE A 164 
# 
loop_
_pdbx_struct_sheet_hbond.sheet_id 
_pdbx_struct_sheet_hbond.range_id_1 
_pdbx_struct_sheet_hbond.range_id_2 
_pdbx_struct_sheet_hbond.range_1_label_atom_id 
_pdbx_struct_sheet_hbond.range_1_label_comp_id 
_pdbx_struct_sheet_hbond.range_1_label_asym_id 
_pdbx_struct_sheet_hbond.range_1_label_seq_id 
_pdbx_struct_sheet_hbond.range_1_PDB_ins_code 
_pdbx_struct_sheet_hbond.range_1_auth_atom_id 
_pdbx_struct_sheet_hbond.range_1_auth_comp_id 
_pdbx_struct_sheet_hbond.range_1_auth_asym_id 
_pdbx_struct_sheet_hbond.range_1_auth_seq_id 
_pdbx_struct_sheet_hbond.range_2_label_atom_id 
_pdbx_struct_sheet_hbond.range_2_label_comp_id 
_pdbx_struct_sheet_hbond.range_2_label_asym_id 
_pdbx_struct_sheet_hbond.range_2_label_seq_id 
_pdbx_struct_sheet_hbond.range_2_PDB_ins_code 
_pdbx_struct_sheet_hbond.range_2_auth_atom_id 
_pdbx_struct_sheet_hbond.range_2_auth_comp_id 
_pdbx_struct_sheet_hbond.range_2_auth_asym_id 
_pdbx_struct_sheet_hbond.range_2_auth_seq_id 
A 1 2 N ASP A 48  ? N ASP A 48  O THR A 53  ? O THR A 53  
A 2 3 O ALA A 56  ? O ALA A 56  N ILE A 34  ? N ILE A 34  
A 3 4 O VAL A 35  ? O VAL A 35  N TYR A 28  ? N TYR A 28  
A 4 5 N ILE A 27  ? N ILE A 27  O ASN A 78  ? O ASN A 78  
B 1 2 N LEU A 115 ? N LEU A 115 O THR A 225 ? O THR A 225 
B 2 3 O PHE A 220 ? O PHE A 220 N LEU A 196 ? N LEU A 196 
B 3 4 O ILE A 197 ? O ILE A 197 N LEU A 137 ? N LEU A 137 
B 4 5 N ILE A 138 ? N ILE A 138 O SER A 177 ? O SER A 177 
B 5 6 O LEU A 174 ? O LEU A 174 N GLY A 162 ? N GLY A 162 
# 
_pdbx_validate_close_contact.id               1 
_pdbx_validate_close_contact.PDB_model_num    1 
_pdbx_validate_close_contact.auth_atom_id_1   NZ 
_pdbx_validate_close_contact.auth_asym_id_1   A 
_pdbx_validate_close_contact.auth_comp_id_1   LYS 
_pdbx_validate_close_contact.auth_seq_id_1    169 
_pdbx_validate_close_contact.PDB_ins_code_1   ? 
_pdbx_validate_close_contact.label_alt_id_1   ? 
_pdbx_validate_close_contact.auth_atom_id_2   O 
_pdbx_validate_close_contact.auth_asym_id_2   A 
_pdbx_validate_close_contact.auth_comp_id_2   HOH 
_pdbx_validate_close_contact.auth_seq_id_2    307 
_pdbx_validate_close_contact.PDB_ins_code_2   ? 
_pdbx_validate_close_contact.label_alt_id_2   ? 
_pdbx_validate_close_contact.dist             2.10 
# 
loop_
_pdbx_validate_rmsd_angle.id 
_pdbx_validate_rmsd_angle.PDB_model_num 
_pdbx_validate_rmsd_angle.auth_atom_id_1 
_pdbx_validate_rmsd_angle.auth_asym_id_1 
_pdbx_validate_rmsd_angle.auth_comp_id_1 
_pdbx_validate_rmsd_angle.auth_seq_id_1 
_pdbx_validate_rmsd_angle.PDB_ins_code_1 
_pdbx_validate_rmsd_angle.label_alt_id_1 
_pdbx_validate_rmsd_angle.auth_atom_id_2 
_pdbx_validate_rmsd_angle.auth_asym_id_2 
_pdbx_validate_rmsd_angle.auth_comp_id_2 
_pdbx_validate_rmsd_angle.auth_seq_id_2 
_pdbx_validate_rmsd_angle.PDB_ins_code_2 
_pdbx_validate_rmsd_angle.label_alt_id_2 
_pdbx_validate_rmsd_angle.auth_atom_id_3 
_pdbx_validate_rmsd_angle.auth_asym_id_3 
_pdbx_validate_rmsd_angle.auth_comp_id_3 
_pdbx_validate_rmsd_angle.auth_seq_id_3 
_pdbx_validate_rmsd_angle.PDB_ins_code_3 
_pdbx_validate_rmsd_angle.label_alt_id_3 
_pdbx_validate_rmsd_angle.angle_value 
_pdbx_validate_rmsd_angle.angle_target_value 
_pdbx_validate_rmsd_angle.angle_deviation 
_pdbx_validate_rmsd_angle.angle_standard_deviation 
_pdbx_validate_rmsd_angle.linker_flag 
1 1 C A VAL 42 ? ? N A PRO 43 ? ? CA A PRO 43 ? ? 128.30 119.30 9.00 1.50 Y 
2 1 C A ASP 81 ? ? N A PRO 82 ? ? CA A PRO 82 ? ? 128.39 119.30 9.09 1.50 Y 
# 
loop_
_pdbx_validate_torsion.id 
_pdbx_validate_torsion.PDB_model_num 
_pdbx_validate_torsion.auth_comp_id 
_pdbx_validate_torsion.auth_asym_id 
_pdbx_validate_torsion.auth_seq_id 
_pdbx_validate_torsion.PDB_ins_code 
_pdbx_validate_torsion.label_alt_id 
_pdbx_validate_torsion.phi 
_pdbx_validate_torsion.psi 
1  1 GLU A 30  ? ? -174.68 137.67  
2  1 ASP A 39  ? ? -27.16  120.84  
3  1 ASP A 89  ? ? -152.31 69.36   
4  1 GLU A 91  ? ? -68.63  91.72   
5  1 ARG A 110 ? ? -153.46 72.65   
6  1 THR A 117 ? ? -51.56  -119.47 
7  1 THR A 142 ? ? 55.92   137.50  
8  1 LYS A 150 ? ? -51.74  -74.50  
9  1 GLU A 151 ? ? -68.32  85.84   
10 1 ARG A 152 ? ? 168.40  -27.12  
11 1 ILE A 155 ? ? -72.73  26.93   
12 1 ASP A 180 ? ? -62.93  -70.08  
13 1 HIS A 203 ? ? 74.09   144.42  
14 1 PRO A 205 ? ? -32.67  142.67  
15 1 SER A 208 ? ? -99.94  -63.49  
16 1 ALA A 218 ? ? -34.78  108.34  
# 
loop_
_pdbx_unobs_or_zero_occ_residues.id 
_pdbx_unobs_or_zero_occ_residues.PDB_model_num 
_pdbx_unobs_or_zero_occ_residues.polymer_flag 
_pdbx_unobs_or_zero_occ_residues.occupancy_flag 
_pdbx_unobs_or_zero_occ_residues.auth_asym_id 
_pdbx_unobs_or_zero_occ_residues.auth_comp_id 
_pdbx_unobs_or_zero_occ_residues.auth_seq_id 
_pdbx_unobs_or_zero_occ_residues.PDB_ins_code 
_pdbx_unobs_or_zero_occ_residues.label_asym_id 
_pdbx_unobs_or_zero_occ_residues.label_comp_id 
_pdbx_unobs_or_zero_occ_residues.label_seq_id 
1  1 Y 1 A MET 1   ? A MET 1   
2  1 Y 1 A GLY 2   ? A GLY 2   
3  1 Y 1 A SER 3   ? A SER 3   
4  1 Y 1 A SER 4   ? A SER 4   
5  1 Y 1 A HIS 5   ? A HIS 5   
6  1 Y 1 A HIS 6   ? A HIS 6   
7  1 Y 1 A HIS 7   ? A HIS 7   
8  1 Y 1 A HIS 8   ? A HIS 8   
9  1 Y 1 A HIS 9   ? A HIS 9   
10 1 Y 1 A HIS 10  ? A HIS 10  
11 1 Y 1 A SER 11  ? A SER 11  
12 1 Y 1 A SER 12  ? A SER 12  
13 1 Y 1 A GLY 13  ? A GLY 13  
14 1 Y 1 A LEU 14  ? A LEU 14  
15 1 Y 1 A VAL 15  ? A VAL 15  
16 1 Y 1 A PRO 16  ? A PRO 16  
17 1 Y 1 A ARG 17  ? A ARG 17  
18 1 Y 1 A GLY 18  ? A GLY 18  
19 1 Y 1 A SER 19  ? A SER 19  
20 1 Y 1 A HIS 20  ? A HIS 20  
21 1 Y 1 A MET 21  ? A MET 21  
22 1 Y 1 A GLN 22  ? A GLN 22  
23 1 Y 1 A MET 23  ? A MET 23  
24 1 Y 1 A ARG 230 ? A ARG 230 
25 1 Y 1 A GLU 231 ? A GLU 231 
26 1 Y 1 A ASP 232 ? A ASP 232 
27 1 Y 1 A GLY 233 ? A GLY 233 
28 1 Y 1 A ARG 234 ? A ARG 234 
29 1 Y 1 A HIS 235 ? A HIS 235 
30 1 Y 1 A GLU 236 ? A GLU 236 
31 1 Y 1 A ILE 237 ? A ILE 237 
# 
loop_
_chem_comp_atom.comp_id 
_chem_comp_atom.atom_id 
_chem_comp_atom.type_symbol 
_chem_comp_atom.pdbx_aromatic_flag 
_chem_comp_atom.pdbx_stereo_config 
_chem_comp_atom.pdbx_ordinal 
ALA N    N N N 1   
ALA CA   C N S 2   
ALA C    C N N 3   
ALA O    O N N 4   
ALA CB   C N N 5   
ALA OXT  O N N 6   
ALA H    H N N 7   
ALA H2   H N N 8   
ALA HA   H N N 9   
ALA HB1  H N N 10  
ALA HB2  H N N 11  
ALA HB3  H N N 12  
ALA HXT  H N N 13  
ARG N    N N N 14  
ARG CA   C N S 15  
ARG C    C N N 16  
ARG O    O N N 17  
ARG CB   C N N 18  
ARG CG   C N N 19  
ARG CD   C N N 20  
ARG NE   N N N 21  
ARG CZ   C N N 22  
ARG NH1  N N N 23  
ARG NH2  N N N 24  
ARG OXT  O N N 25  
ARG H    H N N 26  
ARG H2   H N N 27  
ARG HA   H N N 28  
ARG HB2  H N N 29  
ARG HB3  H N N 30  
ARG HG2  H N N 31  
ARG HG3  H N N 32  
ARG HD2  H N N 33  
ARG HD3  H N N 34  
ARG HE   H N N 35  
ARG HH11 H N N 36  
ARG HH12 H N N 37  
ARG HH21 H N N 38  
ARG HH22 H N N 39  
ARG HXT  H N N 40  
ASN N    N N N 41  
ASN CA   C N S 42  
ASN C    C N N 43  
ASN O    O N N 44  
ASN CB   C N N 45  
ASN CG   C N N 46  
ASN OD1  O N N 47  
ASN ND2  N N N 48  
ASN OXT  O N N 49  
ASN H    H N N 50  
ASN H2   H N N 51  
ASN HA   H N N 52  
ASN HB2  H N N 53  
ASN HB3  H N N 54  
ASN HD21 H N N 55  
ASN HD22 H N N 56  
ASN HXT  H N N 57  
ASP N    N N N 58  
ASP CA   C N S 59  
ASP C    C N N 60  
ASP O    O N N 61  
ASP CB   C N N 62  
ASP CG   C N N 63  
ASP OD1  O N N 64  
ASP OD2  O N N 65  
ASP OXT  O N N 66  
ASP H    H N N 67  
ASP H2   H N N 68  
ASP HA   H N N 69  
ASP HB2  H N N 70  
ASP HB3  H N N 71  
ASP HD2  H N N 72  
ASP HXT  H N N 73  
CYS N    N N N 74  
CYS CA   C N R 75  
CYS C    C N N 76  
CYS O    O N N 77  
CYS CB   C N N 78  
CYS SG   S N N 79  
CYS OXT  O N N 80  
CYS H    H N N 81  
CYS H2   H N N 82  
CYS HA   H N N 83  
CYS HB2  H N N 84  
CYS HB3  H N N 85  
CYS HG   H N N 86  
CYS HXT  H N N 87  
GLN N    N N N 88  
GLN CA   C N S 89  
GLN C    C N N 90  
GLN O    O N N 91  
GLN CB   C N N 92  
GLN CG   C N N 93  
GLN CD   C N N 94  
GLN OE1  O N N 95  
GLN NE2  N N N 96  
GLN OXT  O N N 97  
GLN H    H N N 98  
GLN H2   H N N 99  
GLN HA   H N N 100 
GLN HB2  H N N 101 
GLN HB3  H N N 102 
GLN HG2  H N N 103 
GLN HG3  H N N 104 
GLN HE21 H N N 105 
GLN HE22 H N N 106 
GLN HXT  H N N 107 
GLU N    N N N 108 
GLU CA   C N S 109 
GLU C    C N N 110 
GLU O    O N N 111 
GLU CB   C N N 112 
GLU CG   C N N 113 
GLU CD   C N N 114 
GLU OE1  O N N 115 
GLU OE2  O N N 116 
GLU OXT  O N N 117 
GLU H    H N N 118 
GLU H2   H N N 119 
GLU HA   H N N 120 
GLU HB2  H N N 121 
GLU HB3  H N N 122 
GLU HG2  H N N 123 
GLU HG3  H N N 124 
GLU HE2  H N N 125 
GLU HXT  H N N 126 
GLY N    N N N 127 
GLY CA   C N N 128 
GLY C    C N N 129 
GLY O    O N N 130 
GLY OXT  O N N 131 
GLY H    H N N 132 
GLY H2   H N N 133 
GLY HA2  H N N 134 
GLY HA3  H N N 135 
GLY HXT  H N N 136 
HIS N    N N N 137 
HIS CA   C N S 138 
HIS C    C N N 139 
HIS O    O N N 140 
HIS CB   C N N 141 
HIS CG   C Y N 142 
HIS ND1  N Y N 143 
HIS CD2  C Y N 144 
HIS CE1  C Y N 145 
HIS NE2  N Y N 146 
HIS OXT  O N N 147 
HIS H    H N N 148 
HIS H2   H N N 149 
HIS HA   H N N 150 
HIS HB2  H N N 151 
HIS HB3  H N N 152 
HIS HD1  H N N 153 
HIS HD2  H N N 154 
HIS HE1  H N N 155 
HIS HE2  H N N 156 
HIS HXT  H N N 157 
HOH O    O N N 158 
HOH H1   H N N 159 
HOH H2   H N N 160 
ILE N    N N N 161 
ILE CA   C N S 162 
ILE C    C N N 163 
ILE O    O N N 164 
ILE CB   C N S 165 
ILE CG1  C N N 166 
ILE CG2  C N N 167 
ILE CD1  C N N 168 
ILE OXT  O N N 169 
ILE H    H N N 170 
ILE H2   H N N 171 
ILE HA   H N N 172 
ILE HB   H N N 173 
ILE HG12 H N N 174 
ILE HG13 H N N 175 
ILE HG21 H N N 176 
ILE HG22 H N N 177 
ILE HG23 H N N 178 
ILE HD11 H N N 179 
ILE HD12 H N N 180 
ILE HD13 H N N 181 
ILE HXT  H N N 182 
LEU N    N N N 183 
LEU CA   C N S 184 
LEU C    C N N 185 
LEU O    O N N 186 
LEU CB   C N N 187 
LEU CG   C N N 188 
LEU CD1  C N N 189 
LEU CD2  C N N 190 
LEU OXT  O N N 191 
LEU H    H N N 192 
LEU H2   H N N 193 
LEU HA   H N N 194 
LEU HB2  H N N 195 
LEU HB3  H N N 196 
LEU HG   H N N 197 
LEU HD11 H N N 198 
LEU HD12 H N N 199 
LEU HD13 H N N 200 
LEU HD21 H N N 201 
LEU HD22 H N N 202 
LEU HD23 H N N 203 
LEU HXT  H N N 204 
LYS N    N N N 205 
LYS CA   C N S 206 
LYS C    C N N 207 
LYS O    O N N 208 
LYS CB   C N N 209 
LYS CG   C N N 210 
LYS CD   C N N 211 
LYS CE   C N N 212 
LYS NZ   N N N 213 
LYS OXT  O N N 214 
LYS H    H N N 215 
LYS H2   H N N 216 
LYS HA   H N N 217 
LYS HB2  H N N 218 
LYS HB3  H N N 219 
LYS HG2  H N N 220 
LYS HG3  H N N 221 
LYS HD2  H N N 222 
LYS HD3  H N N 223 
LYS HE2  H N N 224 
LYS HE3  H N N 225 
LYS HZ1  H N N 226 
LYS HZ2  H N N 227 
LYS HZ3  H N N 228 
LYS HXT  H N N 229 
MET N    N N N 230 
MET CA   C N S 231 
MET C    C N N 232 
MET O    O N N 233 
MET CB   C N N 234 
MET CG   C N N 235 
MET SD   S N N 236 
MET CE   C N N 237 
MET OXT  O N N 238 
MET H    H N N 239 
MET H2   H N N 240 
MET HA   H N N 241 
MET HB2  H N N 242 
MET HB3  H N N 243 
MET HG2  H N N 244 
MET HG3  H N N 245 
MET HE1  H N N 246 
MET HE2  H N N 247 
MET HE3  H N N 248 
MET HXT  H N N 249 
PHE N    N N N 250 
PHE CA   C N S 251 
PHE C    C N N 252 
PHE O    O N N 253 
PHE CB   C N N 254 
PHE CG   C Y N 255 
PHE CD1  C Y N 256 
PHE CD2  C Y N 257 
PHE CE1  C Y N 258 
PHE CE2  C Y N 259 
PHE CZ   C Y N 260 
PHE OXT  O N N 261 
PHE H    H N N 262 
PHE H2   H N N 263 
PHE HA   H N N 264 
PHE HB2  H N N 265 
PHE HB3  H N N 266 
PHE HD1  H N N 267 
PHE HD2  H N N 268 
PHE HE1  H N N 269 
PHE HE2  H N N 270 
PHE HZ   H N N 271 
PHE HXT  H N N 272 
PRO N    N N N 273 
PRO CA   C N S 274 
PRO C    C N N 275 
PRO O    O N N 276 
PRO CB   C N N 277 
PRO CG   C N N 278 
PRO CD   C N N 279 
PRO OXT  O N N 280 
PRO H    H N N 281 
PRO HA   H N N 282 
PRO HB2  H N N 283 
PRO HB3  H N N 284 
PRO HG2  H N N 285 
PRO HG3  H N N 286 
PRO HD2  H N N 287 
PRO HD3  H N N 288 
PRO HXT  H N N 289 
SER N    N N N 290 
SER CA   C N S 291 
SER C    C N N 292 
SER O    O N N 293 
SER CB   C N N 294 
SER OG   O N N 295 
SER OXT  O N N 296 
SER H    H N N 297 
SER H2   H N N 298 
SER HA   H N N 299 
SER HB2  H N N 300 
SER HB3  H N N 301 
SER HG   H N N 302 
SER HXT  H N N 303 
THR N    N N N 304 
THR CA   C N S 305 
THR C    C N N 306 
THR O    O N N 307 
THR CB   C N R 308 
THR OG1  O N N 309 
THR CG2  C N N 310 
THR OXT  O N N 311 
THR H    H N N 312 
THR H2   H N N 313 
THR HA   H N N 314 
THR HB   H N N 315 
THR HG1  H N N 316 
THR HG21 H N N 317 
THR HG22 H N N 318 
THR HG23 H N N 319 
THR HXT  H N N 320 
TRP N    N N N 321 
TRP CA   C N S 322 
TRP C    C N N 323 
TRP O    O N N 324 
TRP CB   C N N 325 
TRP CG   C Y N 326 
TRP CD1  C Y N 327 
TRP CD2  C Y N 328 
TRP NE1  N Y N 329 
TRP CE2  C Y N 330 
TRP CE3  C Y N 331 
TRP CZ2  C Y N 332 
TRP CZ3  C Y N 333 
TRP CH2  C Y N 334 
TRP OXT  O N N 335 
TRP H    H N N 336 
TRP H2   H N N 337 
TRP HA   H N N 338 
TRP HB2  H N N 339 
TRP HB3  H N N 340 
TRP HD1  H N N 341 
TRP HE1  H N N 342 
TRP HE3  H N N 343 
TRP HZ2  H N N 344 
TRP HZ3  H N N 345 
TRP HH2  H N N 346 
TRP HXT  H N N 347 
TYR N    N N N 348 
TYR CA   C N S 349 
TYR C    C N N 350 
TYR O    O N N 351 
TYR CB   C N N 352 
TYR CG   C Y N 353 
TYR CD1  C Y N 354 
TYR CD2  C Y N 355 
TYR CE1  C Y N 356 
TYR CE2  C Y N 357 
TYR CZ   C Y N 358 
TYR OH   O N N 359 
TYR OXT  O N N 360 
TYR H    H N N 361 
TYR H2   H N N 362 
TYR HA   H N N 363 
TYR HB2  H N N 364 
TYR HB3  H N N 365 
TYR HD1  H N N 366 
TYR HD2  H N N 367 
TYR HE1  H N N 368 
TYR HE2  H N N 369 
TYR HH   H N N 370 
TYR HXT  H N N 371 
VAL N    N N N 372 
VAL CA   C N S 373 
VAL C    C N N 374 
VAL O    O N N 375 
VAL CB   C N N 376 
VAL CG1  C N N 377 
VAL CG2  C N N 378 
VAL OXT  O N N 379 
VAL H    H N N 380 
VAL H2   H N N 381 
VAL HA   H N N 382 
VAL HB   H N N 383 
VAL HG11 H N N 384 
VAL HG12 H N N 385 
VAL HG13 H N N 386 
VAL HG21 H N N 387 
VAL HG22 H N N 388 
VAL HG23 H N N 389 
VAL HXT  H N N 390 
# 
loop_
_chem_comp_bond.comp_id 
_chem_comp_bond.atom_id_1 
_chem_comp_bond.atom_id_2 
_chem_comp_bond.value_order 
_chem_comp_bond.pdbx_aromatic_flag 
_chem_comp_bond.pdbx_stereo_config 
_chem_comp_bond.pdbx_ordinal 
ALA N   CA   sing N N 1   
ALA N   H    sing N N 2   
ALA N   H2   sing N N 3   
ALA CA  C    sing N N 4   
ALA CA  CB   sing N N 5   
ALA CA  HA   sing N N 6   
ALA C   O    doub N N 7   
ALA C   OXT  sing N N 8   
ALA CB  HB1  sing N N 9   
ALA CB  HB2  sing N N 10  
ALA CB  HB3  sing N N 11  
ALA OXT HXT  sing N N 12  
ARG N   CA   sing N N 13  
ARG N   H    sing N N 14  
ARG N   H2   sing N N 15  
ARG CA  C    sing N N 16  
ARG CA  CB   sing N N 17  
ARG CA  HA   sing N N 18  
ARG C   O    doub N N 19  
ARG C   OXT  sing N N 20  
ARG CB  CG   sing N N 21  
ARG CB  HB2  sing N N 22  
ARG CB  HB3  sing N N 23  
ARG CG  CD   sing N N 24  
ARG CG  HG2  sing N N 25  
ARG CG  HG3  sing N N 26  
ARG CD  NE   sing N N 27  
ARG CD  HD2  sing N N 28  
ARG CD  HD3  sing N N 29  
ARG NE  CZ   sing N N 30  
ARG NE  HE   sing N N 31  
ARG CZ  NH1  sing N N 32  
ARG CZ  NH2  doub N N 33  
ARG NH1 HH11 sing N N 34  
ARG NH1 HH12 sing N N 35  
ARG NH2 HH21 sing N N 36  
ARG NH2 HH22 sing N N 37  
ARG OXT HXT  sing N N 38  
ASN N   CA   sing N N 39  
ASN N   H    sing N N 40  
ASN N   H2   sing N N 41  
ASN CA  C    sing N N 42  
ASN CA  CB   sing N N 43  
ASN CA  HA   sing N N 44  
ASN C   O    doub N N 45  
ASN C   OXT  sing N N 46  
ASN CB  CG   sing N N 47  
ASN CB  HB2  sing N N 48  
ASN CB  HB3  sing N N 49  
ASN CG  OD1  doub N N 50  
ASN CG  ND2  sing N N 51  
ASN ND2 HD21 sing N N 52  
ASN ND2 HD22 sing N N 53  
ASN OXT HXT  sing N N 54  
ASP N   CA   sing N N 55  
ASP N   H    sing N N 56  
ASP N   H2   sing N N 57  
ASP CA  C    sing N N 58  
ASP CA  CB   sing N N 59  
ASP CA  HA   sing N N 60  
ASP C   O    doub N N 61  
ASP C   OXT  sing N N 62  
ASP CB  CG   sing N N 63  
ASP CB  HB2  sing N N 64  
ASP CB  HB3  sing N N 65  
ASP CG  OD1  doub N N 66  
ASP CG  OD2  sing N N 67  
ASP OD2 HD2  sing N N 68  
ASP OXT HXT  sing N N 69  
CYS N   CA   sing N N 70  
CYS N   H    sing N N 71  
CYS N   H2   sing N N 72  
CYS CA  C    sing N N 73  
CYS CA  CB   sing N N 74  
CYS CA  HA   sing N N 75  
CYS C   O    doub N N 76  
CYS C   OXT  sing N N 77  
CYS CB  SG   sing N N 78  
CYS CB  HB2  sing N N 79  
CYS CB  HB3  sing N N 80  
CYS SG  HG   sing N N 81  
CYS OXT HXT  sing N N 82  
GLN N   CA   sing N N 83  
GLN N   H    sing N N 84  
GLN N   H2   sing N N 85  
GLN CA  C    sing N N 86  
GLN CA  CB   sing N N 87  
GLN CA  HA   sing N N 88  
GLN C   O    doub N N 89  
GLN C   OXT  sing N N 90  
GLN CB  CG   sing N N 91  
GLN CB  HB2  sing N N 92  
GLN CB  HB3  sing N N 93  
GLN CG  CD   sing N N 94  
GLN CG  HG2  sing N N 95  
GLN CG  HG3  sing N N 96  
GLN CD  OE1  doub N N 97  
GLN CD  NE2  sing N N 98  
GLN NE2 HE21 sing N N 99  
GLN NE2 HE22 sing N N 100 
GLN OXT HXT  sing N N 101 
GLU N   CA   sing N N 102 
GLU N   H    sing N N 103 
GLU N   H2   sing N N 104 
GLU CA  C    sing N N 105 
GLU CA  CB   sing N N 106 
GLU CA  HA   sing N N 107 
GLU C   O    doub N N 108 
GLU C   OXT  sing N N 109 
GLU CB  CG   sing N N 110 
GLU CB  HB2  sing N N 111 
GLU CB  HB3  sing N N 112 
GLU CG  CD   sing N N 113 
GLU CG  HG2  sing N N 114 
GLU CG  HG3  sing N N 115 
GLU CD  OE1  doub N N 116 
GLU CD  OE2  sing N N 117 
GLU OE2 HE2  sing N N 118 
GLU OXT HXT  sing N N 119 
GLY N   CA   sing N N 120 
GLY N   H    sing N N 121 
GLY N   H2   sing N N 122 
GLY CA  C    sing N N 123 
GLY CA  HA2  sing N N 124 
GLY CA  HA3  sing N N 125 
GLY C   O    doub N N 126 
GLY C   OXT  sing N N 127 
GLY OXT HXT  sing N N 128 
HIS N   CA   sing N N 129 
HIS N   H    sing N N 130 
HIS N   H2   sing N N 131 
HIS CA  C    sing N N 132 
HIS CA  CB   sing N N 133 
HIS CA  HA   sing N N 134 
HIS C   O    doub N N 135 
HIS C   OXT  sing N N 136 
HIS CB  CG   sing N N 137 
HIS CB  HB2  sing N N 138 
HIS CB  HB3  sing N N 139 
HIS CG  ND1  sing Y N 140 
HIS CG  CD2  doub Y N 141 
HIS ND1 CE1  doub Y N 142 
HIS ND1 HD1  sing N N 143 
HIS CD2 NE2  sing Y N 144 
HIS CD2 HD2  sing N N 145 
HIS CE1 NE2  sing Y N 146 
HIS CE1 HE1  sing N N 147 
HIS NE2 HE2  sing N N 148 
HIS OXT HXT  sing N N 149 
HOH O   H1   sing N N 150 
HOH O   H2   sing N N 151 
ILE N   CA   sing N N 152 
ILE N   H    sing N N 153 
ILE N   H2   sing N N 154 
ILE CA  C    sing N N 155 
ILE CA  CB   sing N N 156 
ILE CA  HA   sing N N 157 
ILE C   O    doub N N 158 
ILE C   OXT  sing N N 159 
ILE CB  CG1  sing N N 160 
ILE CB  CG2  sing N N 161 
ILE CB  HB   sing N N 162 
ILE CG1 CD1  sing N N 163 
ILE CG1 HG12 sing N N 164 
ILE CG1 HG13 sing N N 165 
ILE CG2 HG21 sing N N 166 
ILE CG2 HG22 sing N N 167 
ILE CG2 HG23 sing N N 168 
ILE CD1 HD11 sing N N 169 
ILE CD1 HD12 sing N N 170 
ILE CD1 HD13 sing N N 171 
ILE OXT HXT  sing N N 172 
LEU N   CA   sing N N 173 
LEU N   H    sing N N 174 
LEU N   H2   sing N N 175 
LEU CA  C    sing N N 176 
LEU CA  CB   sing N N 177 
LEU CA  HA   sing N N 178 
LEU C   O    doub N N 179 
LEU C   OXT  sing N N 180 
LEU CB  CG   sing N N 181 
LEU CB  HB2  sing N N 182 
LEU CB  HB3  sing N N 183 
LEU CG  CD1  sing N N 184 
LEU CG  CD2  sing N N 185 
LEU CG  HG   sing N N 186 
LEU CD1 HD11 sing N N 187 
LEU CD1 HD12 sing N N 188 
LEU CD1 HD13 sing N N 189 
LEU CD2 HD21 sing N N 190 
LEU CD2 HD22 sing N N 191 
LEU CD2 HD23 sing N N 192 
LEU OXT HXT  sing N N 193 
LYS N   CA   sing N N 194 
LYS N   H    sing N N 195 
LYS N   H2   sing N N 196 
LYS CA  C    sing N N 197 
LYS CA  CB   sing N N 198 
LYS CA  HA   sing N N 199 
LYS C   O    doub N N 200 
LYS C   OXT  sing N N 201 
LYS CB  CG   sing N N 202 
LYS CB  HB2  sing N N 203 
LYS CB  HB3  sing N N 204 
LYS CG  CD   sing N N 205 
LYS CG  HG2  sing N N 206 
LYS CG  HG3  sing N N 207 
LYS CD  CE   sing N N 208 
LYS CD  HD2  sing N N 209 
LYS CD  HD3  sing N N 210 
LYS CE  NZ   sing N N 211 
LYS CE  HE2  sing N N 212 
LYS CE  HE3  sing N N 213 
LYS NZ  HZ1  sing N N 214 
LYS NZ  HZ2  sing N N 215 
LYS NZ  HZ3  sing N N 216 
LYS OXT HXT  sing N N 217 
MET N   CA   sing N N 218 
MET N   H    sing N N 219 
MET N   H2   sing N N 220 
MET CA  C    sing N N 221 
MET CA  CB   sing N N 222 
MET CA  HA   sing N N 223 
MET C   O    doub N N 224 
MET C   OXT  sing N N 225 
MET CB  CG   sing N N 226 
MET CB  HB2  sing N N 227 
MET CB  HB3  sing N N 228 
MET CG  SD   sing N N 229 
MET CG  HG2  sing N N 230 
MET CG  HG3  sing N N 231 
MET SD  CE   sing N N 232 
MET CE  HE1  sing N N 233 
MET CE  HE2  sing N N 234 
MET CE  HE3  sing N N 235 
MET OXT HXT  sing N N 236 
PHE N   CA   sing N N 237 
PHE N   H    sing N N 238 
PHE N   H2   sing N N 239 
PHE CA  C    sing N N 240 
PHE CA  CB   sing N N 241 
PHE CA  HA   sing N N 242 
PHE C   O    doub N N 243 
PHE C   OXT  sing N N 244 
PHE CB  CG   sing N N 245 
PHE CB  HB2  sing N N 246 
PHE CB  HB3  sing N N 247 
PHE CG  CD1  doub Y N 248 
PHE CG  CD2  sing Y N 249 
PHE CD1 CE1  sing Y N 250 
PHE CD1 HD1  sing N N 251 
PHE CD2 CE2  doub Y N 252 
PHE CD2 HD2  sing N N 253 
PHE CE1 CZ   doub Y N 254 
PHE CE1 HE1  sing N N 255 
PHE CE2 CZ   sing Y N 256 
PHE CE2 HE2  sing N N 257 
PHE CZ  HZ   sing N N 258 
PHE OXT HXT  sing N N 259 
PRO N   CA   sing N N 260 
PRO N   CD   sing N N 261 
PRO N   H    sing N N 262 
PRO CA  C    sing N N 263 
PRO CA  CB   sing N N 264 
PRO CA  HA   sing N N 265 
PRO C   O    doub N N 266 
PRO C   OXT  sing N N 267 
PRO CB  CG   sing N N 268 
PRO CB  HB2  sing N N 269 
PRO CB  HB3  sing N N 270 
PRO CG  CD   sing N N 271 
PRO CG  HG2  sing N N 272 
PRO CG  HG3  sing N N 273 
PRO CD  HD2  sing N N 274 
PRO CD  HD3  sing N N 275 
PRO OXT HXT  sing N N 276 
SER N   CA   sing N N 277 
SER N   H    sing N N 278 
SER N   H2   sing N N 279 
SER CA  C    sing N N 280 
SER CA  CB   sing N N 281 
SER CA  HA   sing N N 282 
SER C   O    doub N N 283 
SER C   OXT  sing N N 284 
SER CB  OG   sing N N 285 
SER CB  HB2  sing N N 286 
SER CB  HB3  sing N N 287 
SER OG  HG   sing N N 288 
SER OXT HXT  sing N N 289 
THR N   CA   sing N N 290 
THR N   H    sing N N 291 
THR N   H2   sing N N 292 
THR CA  C    sing N N 293 
THR CA  CB   sing N N 294 
THR CA  HA   sing N N 295 
THR C   O    doub N N 296 
THR C   OXT  sing N N 297 
THR CB  OG1  sing N N 298 
THR CB  CG2  sing N N 299 
THR CB  HB   sing N N 300 
THR OG1 HG1  sing N N 301 
THR CG2 HG21 sing N N 302 
THR CG2 HG22 sing N N 303 
THR CG2 HG23 sing N N 304 
THR OXT HXT  sing N N 305 
TRP N   CA   sing N N 306 
TRP N   H    sing N N 307 
TRP N   H2   sing N N 308 
TRP CA  C    sing N N 309 
TRP CA  CB   sing N N 310 
TRP CA  HA   sing N N 311 
TRP C   O    doub N N 312 
TRP C   OXT  sing N N 313 
TRP CB  CG   sing N N 314 
TRP CB  HB2  sing N N 315 
TRP CB  HB3  sing N N 316 
TRP CG  CD1  doub Y N 317 
TRP CG  CD2  sing Y N 318 
TRP CD1 NE1  sing Y N 319 
TRP CD1 HD1  sing N N 320 
TRP CD2 CE2  doub Y N 321 
TRP CD2 CE3  sing Y N 322 
TRP NE1 CE2  sing Y N 323 
TRP NE1 HE1  sing N N 324 
TRP CE2 CZ2  sing Y N 325 
TRP CE3 CZ3  doub Y N 326 
TRP CE3 HE3  sing N N 327 
TRP CZ2 CH2  doub Y N 328 
TRP CZ2 HZ2  sing N N 329 
TRP CZ3 CH2  sing Y N 330 
TRP CZ3 HZ3  sing N N 331 
TRP CH2 HH2  sing N N 332 
TRP OXT HXT  sing N N 333 
TYR N   CA   sing N N 334 
TYR N   H    sing N N 335 
TYR N   H2   sing N N 336 
TYR CA  C    sing N N 337 
TYR CA  CB   sing N N 338 
TYR CA  HA   sing N N 339 
TYR C   O    doub N N 340 
TYR C   OXT  sing N N 341 
TYR CB  CG   sing N N 342 
TYR CB  HB2  sing N N 343 
TYR CB  HB3  sing N N 344 
TYR CG  CD1  doub Y N 345 
TYR CG  CD2  sing Y N 346 
TYR CD1 CE1  sing Y N 347 
TYR CD1 HD1  sing N N 348 
TYR CD2 CE2  doub Y N 349 
TYR CD2 HD2  sing N N 350 
TYR CE1 CZ   doub Y N 351 
TYR CE1 HE1  sing N N 352 
TYR CE2 CZ   sing Y N 353 
TYR CE2 HE2  sing N N 354 
TYR CZ  OH   sing N N 355 
TYR OH  HH   sing N N 356 
TYR OXT HXT  sing N N 357 
VAL N   CA   sing N N 358 
VAL N   H    sing N N 359 
VAL N   H2   sing N N 360 
VAL CA  C    sing N N 361 
VAL CA  CB   sing N N 362 
VAL CA  HA   sing N N 363 
VAL C   O    doub N N 364 
VAL C   OXT  sing N N 365 
VAL CB  CG1  sing N N 366 
VAL CB  CG2  sing N N 367 
VAL CB  HB   sing N N 368 
VAL CG1 HG11 sing N N 369 
VAL CG1 HG12 sing N N 370 
VAL CG1 HG13 sing N N 371 
VAL CG2 HG21 sing N N 372 
VAL CG2 HG22 sing N N 373 
VAL CG2 HG23 sing N N 374 
VAL OXT HXT  sing N N 375 
# 
_atom_sites.entry_id                    2FZ4 
_atom_sites.fract_transf_matrix[1][1]   -0.00726808 
_atom_sites.fract_transf_matrix[1][2]   0.00228130 
_atom_sites.fract_transf_matrix[1][3]   0.00377778 
_atom_sites.fract_transf_matrix[2][1]   0.00359073 
_atom_sites.fract_transf_matrix[2][2]   -0.00117472 
_atom_sites.fract_transf_matrix[2][3]   0.00761759 
_atom_sites.fract_transf_matrix[3][1]   0.00256567 
_atom_sites.fract_transf_matrix[3][2]   0.00810658 
_atom_sites.fract_transf_matrix[3][3]   0.00004074 
_atom_sites.fract_transf_vector[1]      0.766240 
_atom_sites.fract_transf_vector[2]      0.717404 
_atom_sites.fract_transf_vector[3]      0.000036 
# 
loop_
_atom_type.symbol 
C 
N 
O 
S 
# 
loop_
_atom_site.group_PDB 
_atom_site.id 
_atom_site.type_symbol 
_atom_site.label_atom_id 
_atom_site.label_alt_id 
_atom_site.label_comp_id 
_atom_site.label_asym_id 
_atom_site.label_entity_id 
_atom_site.label_seq_id 
_atom_site.pdbx_PDB_ins_code 
_atom_site.Cartn_x 
_atom_site.Cartn_y 
_atom_site.Cartn_z 
_atom_site.occupancy 
_atom_site.B_iso_or_equiv 
_atom_site.pdbx_formal_charge 
_atom_site.auth_seq_id 
_atom_site.auth_comp_id 
_atom_site.auth_asym_id 
_atom_site.auth_atom_id 
_atom_site.pdbx_PDB_model_num 
ATOM   1    N N   . ILE A 1 24  ? 10.388  8.650   25.946  1.00 89.59  ? 24  ILE A N   1 
ATOM   2    C CA  . ILE A 1 24  ? 9.242   7.996   25.238  1.00 89.23  ? 24  ILE A CA  1 
ATOM   3    C C   . ILE A 1 24  ? 9.555   7.709   23.754  1.00 88.88  ? 24  ILE A C   1 
ATOM   4    O O   . ILE A 1 24  ? 10.174  8.530   23.062  1.00 89.11  ? 24  ILE A O   1 
ATOM   5    C CB  . ILE A 1 24  ? 7.961   8.872   25.345  1.00 88.66  ? 24  ILE A CB  1 
ATOM   6    C CG1 . ILE A 1 24  ? 6.780   8.172   24.666  1.00 88.55  ? 24  ILE A CG1 1 
ATOM   7    C CG2 . ILE A 1 24  ? 8.215   10.245  24.740  1.00 89.21  ? 24  ILE A CG2 1 
ATOM   8    C CD1 . ILE A 1 24  ? 6.293   6.918   25.380  1.00 88.58  ? 24  ILE A CD1 1 
ATOM   9    N N   . ALA A 1 25  ? 9.118   6.540   23.280  1.00 87.42  ? 25  ALA A N   1 
ATOM   10   C CA  . ALA A 1 25  ? 9.345   6.102   21.899  1.00 85.74  ? 25  ALA A CA  1 
ATOM   11   C C   . ALA A 1 25  ? 8.471   6.809   20.856  1.00 84.22  ? 25  ALA A C   1 
ATOM   12   O O   . ALA A 1 25  ? 7.256   6.893   21.009  1.00 83.88  ? 25  ALA A O   1 
ATOM   13   C CB  . ALA A 1 25  ? 9.135   4.591   21.804  1.00 85.52  ? 25  ALA A CB  1 
ATOM   14   N N   . GLU A 1 26  ? 9.093   7.314   19.793  1.00 82.41  ? 26  GLU A N   1 
ATOM   15   C CA  . GLU A 1 26  ? 8.340   7.992   18.730  1.00 80.25  ? 26  GLU A CA  1 
ATOM   16   C C   . GLU A 1 26  ? 8.951   7.766   17.346  1.00 76.06  ? 26  GLU A C   1 
ATOM   17   O O   . GLU A 1 26  ? 10.167  7.653   17.194  1.00 75.50  ? 26  GLU A O   1 
ATOM   18   C CB  . GLU A 1 26  ? 8.270   9.503   18.981  1.00 81.86  ? 26  GLU A CB  1 
ATOM   19   C CG  . GLU A 1 26  ? 9.206   10.291  18.075  1.00 85.40  ? 26  GLU A CG  1 
ATOM   20   C CD  . GLU A 1 26  ? 8.975   11.781  18.130  1.00 88.21  ? 26  GLU A CD  1 
ATOM   21   O OE1 . GLU A 1 26  ? 9.141   12.358  19.232  1.00 89.16  ? 26  GLU A OE1 1 
ATOM   22   O OE2 . GLU A 1 26  ? 8.636   12.366  17.068  1.00 88.10  ? 26  GLU A OE2 1 
ATOM   23   N N   . ILE A 1 27  ? 8.105   7.711   16.330  1.00 71.10  ? 27  ILE A N   1 
ATOM   24   C CA  . ILE A 1 27  ? 8.607   7.533   14.986  1.00 67.75  ? 27  ILE A CA  1 
ATOM   25   C C   . ILE A 1 27  ? 7.909   8.518   14.074  1.00 65.72  ? 27  ILE A C   1 
ATOM   26   O O   . ILE A 1 27  ? 6.805   8.963   14.360  1.00 65.09  ? 27  ILE A O   1 
ATOM   27   C CB  . ILE A 1 27  ? 8.338   6.101   14.441  1.00 67.67  ? 27  ILE A CB  1 
ATOM   28   C CG1 . ILE A 1 27  ? 6.835   5.853   14.319  1.00 66.98  ? 27  ILE A CG1 1 
ATOM   29   C CG2 . ILE A 1 27  ? 8.965   5.060   15.350  1.00 67.19  ? 27  ILE A CG2 1 
ATOM   30   C CD1 . ILE A 1 27  ? 6.479   4.506   13.709  1.00 65.68  ? 27  ILE A CD1 1 
ATOM   31   N N   . TYR A 1 28  ? 8.576   8.901   13.001  1.00 62.97  ? 28  TYR A N   1 
ATOM   32   C CA  . TYR A 1 28  ? 7.943   9.761   12.036  1.00 62.56  ? 28  TYR A CA  1 
ATOM   33   C C   . TYR A 1 28  ? 8.530   9.467   10.661  1.00 59.74  ? 28  TYR A C   1 
ATOM   34   O O   . TYR A 1 28  ? 9.525   8.765   10.544  1.00 56.77  ? 28  TYR A O   1 
ATOM   35   C CB  . TYR A 1 28  ? 8.028   11.245  12.431  1.00 66.49  ? 28  TYR A CB  1 
ATOM   36   C CG  . TYR A 1 28  ? 9.391   11.874  12.427  1.00 69.20  ? 28  TYR A CG  1 
ATOM   37   C CD1 . TYR A 1 28  ? 10.205  11.842  13.564  1.00 71.83  ? 28  TYR A CD1 1 
ATOM   38   C CD2 . TYR A 1 28  ? 9.855   12.554  11.298  1.00 70.20  ? 28  TYR A CD2 1 
ATOM   39   C CE1 . TYR A 1 28  ? 11.464  12.493  13.578  1.00 73.86  ? 28  TYR A CE1 1 
ATOM   40   C CE2 . TYR A 1 28  ? 11.105  13.202  11.294  1.00 73.89  ? 28  TYR A CE2 1 
ATOM   41   C CZ  . TYR A 1 28  ? 11.908  13.174  12.437  1.00 74.36  ? 28  TYR A CZ  1 
ATOM   42   O OH  . TYR A 1 28  ? 13.130  13.844  12.440  1.00 74.65  ? 28  TYR A OH  1 
ATOM   43   N N   . TYR A 1 29  ? 7.890   9.989   9.625   1.00 59.33  ? 29  TYR A N   1 
ATOM   44   C CA  . TYR A 1 29  ? 8.288   9.723   8.247   1.00 59.97  ? 29  TYR A CA  1 
ATOM   45   C C   . TYR A 1 29  ? 8.905   10.881  7.467   1.00 61.07  ? 29  TYR A C   1 
ATOM   46   O O   . TYR A 1 29  ? 8.571   12.043  7.693   1.00 60.32  ? 29  TYR A O   1 
ATOM   47   C CB  . TYR A 1 29  ? 7.051   9.191   7.504   1.00 58.13  ? 29  TYR A CB  1 
ATOM   48   C CG  . TYR A 1 29  ? 7.171   9.090   6.000   1.00 57.88  ? 29  TYR A CG  1 
ATOM   49   C CD1 . TYR A 1 29  ? 6.916   10.188  5.177   1.00 56.61  ? 29  TYR A CD1 1 
ATOM   50   C CD2 . TYR A 1 29  ? 7.540   7.894   5.398   1.00 55.69  ? 29  TYR A CD2 1 
ATOM   51   C CE1 . TYR A 1 29  ? 7.029   10.084  3.801   1.00 55.49  ? 29  TYR A CE1 1 
ATOM   52   C CE2 . TYR A 1 29  ? 7.655   7.787   4.029   1.00 55.60  ? 29  TYR A CE2 1 
ATOM   53   C CZ  . TYR A 1 29  ? 7.398   8.878   3.240   1.00 55.20  ? 29  TYR A CZ  1 
ATOM   54   O OH  . TYR A 1 29  ? 7.498   8.745   1.882   1.00 55.67  ? 29  TYR A OH  1 
ATOM   55   N N   . GLU A 1 30  ? 9.804   10.547  6.544   1.00 61.42  ? 30  GLU A N   1 
ATOM   56   C CA  . GLU A 1 30  ? 10.428  11.542  5.692   1.00 64.48  ? 30  GLU A CA  1 
ATOM   57   C C   . GLU A 1 30  ? 11.331  10.952  4.616   1.00 66.24  ? 30  GLU A C   1 
ATOM   58   O O   . GLU A 1 30  ? 12.092  10.024  4.867   1.00 66.02  ? 30  GLU A O   1 
ATOM   59   C CB  . GLU A 1 30  ? 11.222  12.543  6.519   1.00 67.62  ? 30  GLU A CB  1 
ATOM   60   C CG  . GLU A 1 30  ? 12.297  11.951  7.395   1.00 72.52  ? 30  GLU A CG  1 
ATOM   61   C CD  . GLU A 1 30  ? 13.193  13.029  7.988   1.00 76.73  ? 30  GLU A CD  1 
ATOM   62   O OE1 . GLU A 1 30  ? 12.659  13.970  8.620   1.00 78.84  ? 30  GLU A OE1 1 
ATOM   63   O OE2 . GLU A 1 30  ? 14.430  12.941  7.822   1.00 77.91  ? 30  GLU A OE2 1 
ATOM   64   N N   . ARG A 1 31  ? 11.234  11.501  3.412   1.00 68.11  ? 31  ARG A N   1 
ATOM   65   C CA  . ARG A 1 31  ? 12.055  11.061  2.298   1.00 69.86  ? 31  ARG A CA  1 
ATOM   66   C C   . ARG A 1 31  ? 11.979  9.552   2.143   1.00 68.48  ? 31  ARG A C   1 
ATOM   67   O O   . ARG A 1 31  ? 12.945  8.907   1.741   1.00 68.58  ? 31  ARG A O   1 
ATOM   68   C CB  . ARG A 1 31  ? 13.513  11.496  2.517   1.00 75.32  ? 31  ARG A CB  1 
ATOM   69   C CG  . ARG A 1 31  ? 13.705  13.004  2.763   1.00 81.90  ? 31  ARG A CG  1 
ATOM   70   C CD  . ARG A 1 31  ? 13.309  13.824  1.537   1.00 88.32  ? 31  ARG A CD  1 
ATOM   71   N NE  . ARG A 1 31  ? 13.339  15.278  1.744   1.00 94.45  ? 31  ARG A NE  1 
ATOM   72   C CZ  . ARG A 1 31  ? 14.418  15.982  2.100   1.00 97.01  ? 31  ARG A CZ  1 
ATOM   73   N NH1 . ARG A 1 31  ? 14.328  17.303  2.250   1.00 96.52  ? 31  ARG A NH1 1 
ATOM   74   N NH2 . ARG A 1 31  ? 15.583  15.377  2.317   1.00 97.25  ? 31  ARG A NH2 1 
ATOM   75   N N   . GLY A 1 32  ? 10.823  8.989   2.466   1.00 66.47  ? 32  GLY A N   1 
ATOM   76   C CA  . GLY A 1 32  ? 10.660  7.555   2.328   1.00 63.14  ? 32  GLY A CA  1 
ATOM   77   C C   . GLY A 1 32  ? 11.369  6.754   3.399   1.00 61.73  ? 32  GLY A C   1 
ATOM   78   O O   . GLY A 1 32  ? 11.660  5.574   3.208   1.00 61.29  ? 32  GLY A O   1 
ATOM   79   N N   . THR A 1 33  ? 11.661  7.382   4.532   1.00 59.72  ? 33  THR A N   1 
ATOM   80   C CA  . THR A 1 33  ? 12.327  6.672   5.615   1.00 57.51  ? 33  THR A CA  1 
ATOM   81   C C   . THR A 1 33  ? 11.634  6.978   6.927   1.00 55.45  ? 33  THR A C   1 
ATOM   82   O O   . THR A 1 33  ? 10.963  7.995   7.067   1.00 56.53  ? 33  THR A O   1 
ATOM   83   C CB  . THR A 1 33  ? 13.831  7.057   5.759   1.00 57.62  ? 33  THR A CB  1 
ATOM   84   O OG1 . THR A 1 33  ? 13.944  8.463   5.979   1.00 57.78  ? 33  THR A OG1 1 
ATOM   85   C CG2 . THR A 1 33  ? 14.621  6.670   4.524   1.00 57.51  ? 33  THR A CG2 1 
ATOM   86   N N   . ILE A 1 34  ? 11.805  6.073   7.878   1.00 56.53  ? 34  ILE A N   1 
ATOM   87   C CA  . ILE A 1 34  ? 11.222  6.196   9.206   1.00 57.32  ? 34  ILE A CA  1 
ATOM   88   C C   . ILE A 1 34  ? 12.305  6.636   10.172  1.00 57.61  ? 34  ILE A C   1 
ATOM   89   O O   . ILE A 1 34  ? 13.373  6.036   10.221  1.00 58.54  ? 34  ILE A O   1 
ATOM   90   C CB  . ILE A 1 34  ? 10.691  4.829   9.732   1.00 58.18  ? 34  ILE A CB  1 
ATOM   91   C CG1 . ILE A 1 34  ? 9.554   4.315   8.854   1.00 53.84  ? 34  ILE A CG1 1 
ATOM   92   C CG2 . ILE A 1 34  ? 10.265  4.962   11.182  1.00 58.74  ? 34  ILE A CG2 1 
ATOM   93   C CD1 . ILE A 1 34  ? 8.474   5.329   8.624   1.00 55.59  ? 34  ILE A CD1 1 
ATOM   94   N N   . VAL A 1 35  ? 12.051  7.688   10.934  1.00 59.59  ? 35  VAL A N   1 
ATOM   95   C CA  . VAL A 1 35  ? 13.039  8.108   11.920  1.00 60.26  ? 35  VAL A CA  1 
ATOM   96   C C   . VAL A 1 35  ? 12.531  7.645   13.272  1.00 62.02  ? 35  VAL A C   1 
ATOM   97   O O   . VAL A 1 35  ? 11.365  7.861   13.623  1.00 62.36  ? 35  VAL A O   1 
ATOM   98   C CB  . VAL A 1 35  ? 13.247  9.631   11.963  1.00 58.03  ? 35  VAL A CB  1 
ATOM   99   C CG1 . VAL A 1 35  ? 14.156  9.971   13.122  1.00 58.30  ? 35  VAL A CG1 1 
ATOM   100  C CG2 . VAL A 1 35  ? 13.872  10.120  10.666  1.00 54.97  ? 35  VAL A CG2 1 
ATOM   101  N N   . VAL A 1 36  ? 13.397  6.978   14.019  1.00 64.33  ? 36  VAL A N   1 
ATOM   102  C CA  . VAL A 1 36  ? 13.017  6.497   15.326  1.00 69.16  ? 36  VAL A CA  1 
ATOM   103  C C   . VAL A 1 36  ? 13.841  7.156   16.435  1.00 72.29  ? 36  VAL A C   1 
ATOM   104  O O   . VAL A 1 36  ? 15.078  7.176   16.410  1.00 72.99  ? 36  VAL A O   1 
ATOM   105  C CB  . VAL A 1 36  ? 13.094  4.939   15.374  1.00 69.52  ? 36  VAL A CB  1 
ATOM   106  C CG1 . VAL A 1 36  ? 14.287  4.460   14.604  1.00 70.89  ? 36  VAL A CG1 1 
ATOM   107  C CG2 . VAL A 1 36  ? 13.149  4.444   16.804  1.00 69.41  ? 36  VAL A CG2 1 
ATOM   108  N N   . LYS A 1 37  ? 13.116  7.750   17.380  1.00 76.46  ? 37  LYS A N   1 
ATOM   109  C CA  . LYS A 1 37  ? 13.689  8.424   18.541  1.00 79.77  ? 37  LYS A CA  1 
ATOM   110  C C   . LYS A 1 37  ? 13.260  7.627   19.772  1.00 81.62  ? 37  LYS A C   1 
ATOM   111  O O   . LYS A 1 37  ? 12.104  7.210   19.876  1.00 82.18  ? 37  LYS A O   1 
ATOM   112  C CB  . LYS A 1 37  ? 13.169  9.861   18.633  1.00 79.72  ? 37  LYS A CB  1 
ATOM   113  C CG  . LYS A 1 37  ? 13.676  10.774  17.524  1.00 80.46  ? 37  LYS A CG  1 
ATOM   114  C CD  . LYS A 1 37  ? 13.166  12.186  17.723  1.00 80.55  ? 37  LYS A CD  1 
ATOM   115  C CE  . LYS A 1 37  ? 13.735  13.137  16.681  1.00 81.85  ? 37  LYS A CE  1 
ATOM   116  N NZ  . LYS A 1 37  ? 15.218  13.248  16.767  1.00 81.36  ? 37  LYS A NZ  1 
ATOM   117  N N   . GLY A 1 38  ? 14.185  7.421   20.705  1.00 83.82  ? 38  GLY A N   1 
ATOM   118  C CA  . GLY A 1 38  ? 13.879  6.633   21.887  1.00 85.18  ? 38  GLY A CA  1 
ATOM   119  C C   . GLY A 1 38  ? 14.558  5.293   21.681  1.00 87.00  ? 38  GLY A C   1 
ATOM   120  O O   . GLY A 1 38  ? 15.752  5.265   21.358  1.00 88.90  ? 38  GLY A O   1 
ATOM   121  N N   . ASP A 1 39  ? 13.815  4.194   21.836  1.00 87.75  ? 39  ASP A N   1 
ATOM   122  C CA  . ASP A 1 39  ? 14.369  2.843   21.658  1.00 88.09  ? 39  ASP A CA  1 
ATOM   123  C C   . ASP A 1 39  ? 15.551  2.843   20.689  1.00 88.27  ? 39  ASP A C   1 
ATOM   124  O O   . ASP A 1 39  ? 15.423  3.248   19.530  1.00 88.43  ? 39  ASP A O   1 
ATOM   125  C CB  . ASP A 1 39  ? 13.285  1.884   21.141  1.00 89.46  ? 39  ASP A CB  1 
ATOM   126  C CG  . ASP A 1 39  ? 13.733  0.414   21.151  1.00 90.71  ? 39  ASP A CG  1 
ATOM   127  O OD1 . ASP A 1 39  ? 14.761  0.091   20.516  1.00 90.70  ? 39  ASP A OD1 1 
ATOM   128  O OD2 . ASP A 1 39  ? 13.047  -0.418  21.791  1.00 91.25  ? 39  ASP A OD2 1 
ATOM   129  N N   . ALA A 1 40  ? 16.706  2.397   21.175  1.00 87.61  ? 40  ALA A N   1 
ATOM   130  C CA  . ALA A 1 40  ? 17.906  2.359   20.352  1.00 87.18  ? 40  ALA A CA  1 
ATOM   131  C C   . ALA A 1 40  ? 18.201  0.954   19.823  1.00 86.48  ? 40  ALA A C   1 
ATOM   132  O O   . ALA A 1 40  ? 19.260  0.711   19.245  1.00 86.14  ? 40  ALA A O   1 
ATOM   133  C CB  . ALA A 1 40  ? 19.091  2.882   21.152  1.00 87.94  ? 40  ALA A CB  1 
ATOM   134  N N   . HIS A 1 41  ? 17.262  0.034   20.020  1.00 85.81  ? 41  HIS A N   1 
ATOM   135  C CA  . HIS A 1 41  ? 17.429  -1.338  19.550  1.00 85.50  ? 41  HIS A CA  1 
ATOM   136  C C   . HIS A 1 41  ? 16.273  -1.783  18.688  1.00 83.31  ? 41  HIS A C   1 
ATOM   137  O O   . HIS A 1 41  ? 15.825  -2.928  18.775  1.00 82.42  ? 41  HIS A O   1 
ATOM   138  C CB  . HIS A 1 41  ? 17.559  -2.298  20.724  1.00 88.64  ? 41  HIS A CB  1 
ATOM   139  C CG  . HIS A 1 41  ? 18.390  -1.757  21.834  1.00 91.89  ? 41  HIS A CG  1 
ATOM   140  N ND1 . HIS A 1 41  ? 17.857  -1.406  23.054  1.00 93.23  ? 41  HIS A ND1 1 
ATOM   141  C CD2 . HIS A 1 41  ? 19.704  -1.434  21.887  1.00 93.11  ? 41  HIS A CD2 1 
ATOM   142  C CE1 . HIS A 1 41  ? 18.807  -0.887  23.812  1.00 94.34  ? 41  HIS A CE1 1 
ATOM   143  N NE2 . HIS A 1 41  ? 19.936  -0.892  23.127  1.00 94.42  ? 41  HIS A NE2 1 
ATOM   144  N N   . VAL A 1 42  ? 15.789  -0.868  17.860  1.00 81.31  ? 42  VAL A N   1 
ATOM   145  C CA  . VAL A 1 42  ? 14.685  -1.165  16.972  1.00 79.12  ? 42  VAL A CA  1 
ATOM   146  C C   . VAL A 1 42  ? 15.258  -1.857  15.731  1.00 76.93  ? 42  VAL A C   1 
ATOM   147  O O   . VAL A 1 42  ? 16.261  -1.416  15.168  1.00 76.21  ? 42  VAL A O   1 
ATOM   148  C CB  . VAL A 1 42  ? 13.938  0.135   16.619  1.00 79.96  ? 42  VAL A CB  1 
ATOM   149  C CG1 . VAL A 1 42  ? 14.952  1.242   16.348  1.00 81.62  ? 42  VAL A CG1 1 
ATOM   150  C CG2 . VAL A 1 42  ? 13.021  -0.087  15.430  1.00 80.43  ? 42  VAL A CG2 1 
ATOM   151  N N   . PRO A 1 43  ? 14.635  -2.973  15.313  1.00 75.39  ? 43  PRO A N   1 
ATOM   152  C CA  . PRO A 1 43  ? 14.975  -3.832  14.169  1.00 73.92  ? 43  PRO A CA  1 
ATOM   153  C C   . PRO A 1 43  ? 15.031  -3.146  12.827  1.00 72.28  ? 43  PRO A C   1 
ATOM   154  O O   . PRO A 1 43  ? 14.123  -2.414  12.472  1.00 72.75  ? 43  PRO A O   1 
ATOM   155  C CB  . PRO A 1 43  ? 13.877  -4.886  14.190  1.00 74.44  ? 43  PRO A CB  1 
ATOM   156  C CG  . PRO A 1 43  ? 13.513  -4.964  15.632  1.00 75.84  ? 43  PRO A CG  1 
ATOM   157  C CD  . PRO A 1 43  ? 13.464  -3.514  16.020  1.00 75.78  ? 43  PRO A CD  1 
ATOM   158  N N   . HIS A 1 44  ? 16.096  -3.408  12.080  1.00 71.58  ? 44  HIS A N   1 
ATOM   159  C CA  . HIS A 1 44  ? 16.288  -2.847  10.742  1.00 71.59  ? 44  HIS A CA  1 
ATOM   160  C C   . HIS A 1 44  ? 16.471  -1.341  10.732  1.00 70.32  ? 44  HIS A C   1 
ATOM   161  O O   . HIS A 1 44  ? 16.458  -0.711  9.675   1.00 69.75  ? 44  HIS A O   1 
ATOM   162  C CB  . HIS A 1 44  ? 15.109  -3.205  9.846   1.00 73.54  ? 44  HIS A CB  1 
ATOM   163  C CG  . HIS A 1 44  ? 14.751  -4.657  9.872   1.00 76.83  ? 44  HIS A CG  1 
ATOM   164  N ND1 . HIS A 1 44  ? 15.598  -5.643  9.411   1.00 76.90  ? 44  HIS A ND1 1 
ATOM   165  C CD2 . HIS A 1 44  ? 13.632  -5.291  10.301  1.00 77.14  ? 44  HIS A CD2 1 
ATOM   166  C CE1 . HIS A 1 44  ? 15.015  -6.820  9.552   1.00 78.28  ? 44  HIS A CE1 1 
ATOM   167  N NE2 . HIS A 1 44  ? 13.822  -6.634  10.089  1.00 79.08  ? 44  HIS A NE2 1 
ATOM   168  N N   . ALA A 1 45  ? 16.623  -0.768  11.917  1.00 70.24  ? 45  ALA A N   1 
ATOM   169  C CA  . ALA A 1 45  ? 16.826  0.665   12.053  1.00 68.50  ? 45  ALA A CA  1 
ATOM   170  C C   . ALA A 1 45  ? 18.300  0.811   12.331  1.00 66.87  ? 45  ALA A C   1 
ATOM   171  O O   . ALA A 1 45  ? 18.814  0.173   13.248  1.00 67.70  ? 45  ALA A O   1 
ATOM   172  C CB  . ALA A 1 45  ? 16.015  1.209   13.222  1.00 68.18  ? 45  ALA A CB  1 
ATOM   173  N N   . LYS A 1 46  ? 18.978  1.632   11.536  1.00 65.32  ? 46  LYS A N   1 
ATOM   174  C CA  . LYS A 1 46  ? 20.410  1.853   11.700  1.00 65.13  ? 46  LYS A CA  1 
ATOM   175  C C   . LYS A 1 46  ? 20.704  3.272   12.164  1.00 63.15  ? 46  LYS A C   1 
ATOM   176  O O   . LYS A 1 46  ? 19.933  4.185   11.902  1.00 65.26  ? 46  LYS A O   1 
ATOM   177  C CB  . LYS A 1 46  ? 21.143  1.584   10.381  1.00 65.94  ? 46  LYS A CB  1 
ATOM   178  C CG  . LYS A 1 46  ? 20.756  2.521   9.261   1.00 68.28  ? 46  LYS A CG  1 
ATOM   179  C CD  . LYS A 1 46  ? 21.544  2.214   7.990   1.00 70.55  ? 46  LYS A CD  1 
ATOM   180  C CE  . LYS A 1 46  ? 23.030  2.495   8.165   1.00 71.14  ? 46  LYS A CE  1 
ATOM   181  N NZ  . LYS A 1 46  ? 23.792  2.163   6.933   1.00 73.64  ? 46  LYS A NZ  1 
ATOM   182  N N   . PHE A 1 47  ? 21.823  3.462   12.848  1.00 60.77  ? 47  PHE A N   1 
ATOM   183  C CA  . PHE A 1 47  ? 22.156  4.789   13.327  1.00 58.38  ? 47  PHE A CA  1 
ATOM   184  C C   . PHE A 1 47  ? 22.696  5.664   12.210  1.00 58.51  ? 47  PHE A C   1 
ATOM   185  O O   . PHE A 1 47  ? 23.587  5.271   11.468  1.00 57.49  ? 47  PHE A O   1 
ATOM   186  C CB  . PHE A 1 47  ? 23.158  4.722   14.478  1.00 54.41  ? 47  PHE A CB  1 
ATOM   187  C CG  . PHE A 1 47  ? 23.346  6.036   15.175  1.00 51.26  ? 47  PHE A CG  1 
ATOM   188  C CD1 . PHE A 1 47  ? 24.324  6.928   14.760  1.00 48.75  ? 47  PHE A CD1 1 
ATOM   189  C CD2 . PHE A 1 47  ? 22.492  6.414   16.207  1.00 51.68  ? 47  PHE A CD2 1 
ATOM   190  C CE1 . PHE A 1 47  ? 24.447  8.166   15.350  1.00 46.10  ? 47  PHE A CE1 1 
ATOM   191  C CE2 . PHE A 1 47  ? 22.610  7.662   16.806  1.00 49.04  ? 47  PHE A CE2 1 
ATOM   192  C CZ  . PHE A 1 47  ? 23.586  8.535   16.376  1.00 49.24  ? 47  PHE A CZ  1 
ATOM   193  N N   . ASP A 1 48  ? 22.128  6.861   12.108  1.00 59.37  ? 48  ASP A N   1 
ATOM   194  C CA  . ASP A 1 48  ? 22.507  7.841   11.107  1.00 60.04  ? 48  ASP A CA  1 
ATOM   195  C C   . ASP A 1 48  ? 23.265  8.966   11.787  1.00 60.92  ? 48  ASP A C   1 
ATOM   196  O O   . ASP A 1 48  ? 22.667  9.824   12.451  1.00 58.93  ? 48  ASP A O   1 
ATOM   197  C CB  . ASP A 1 48  ? 21.253  8.398   10.433  1.00 62.12  ? 48  ASP A CB  1 
ATOM   198  C CG  . ASP A 1 48  ? 21.566  9.393   9.328   1.00 63.69  ? 48  ASP A CG  1 
ATOM   199  O OD1 . ASP A 1 48  ? 20.605  9.931   8.744   1.00 66.50  ? 48  ASP A OD1 1 
ATOM   200  O OD2 . ASP A 1 48  ? 22.758  9.630   9.037   1.00 63.08  ? 48  ASP A OD2 1 
ATOM   201  N N   . SER A 1 49  ? 24.583  8.964   11.606  1.00 62.77  ? 49  SER A N   1 
ATOM   202  C CA  . SER A 1 49  ? 25.455  9.966   12.204  1.00 63.26  ? 49  SER A CA  1 
ATOM   203  C C   . SER A 1 49  ? 25.209  11.385  11.711  1.00 62.98  ? 49  SER A C   1 
ATOM   204  O O   . SER A 1 49  ? 25.566  12.341  12.386  1.00 65.06  ? 49  SER A O   1 
ATOM   205  C CB  . SER A 1 49  ? 26.916  9.589   11.969  1.00 64.38  ? 49  SER A CB  1 
ATOM   206  O OG  . SER A 1 49  ? 27.129  9.260   10.607  1.00 68.58  ? 49  SER A OG  1 
ATOM   207  N N   . ARG A 1 50  ? 24.616  11.543  10.541  1.00 62.08  ? 50  ARG A N   1 
ATOM   208  C CA  . ARG A 1 50  ? 24.360  12.890  10.061  1.00 63.54  ? 50  ARG A CA  1 
ATOM   209  C C   . ARG A 1 50  ? 23.276  13.562  10.890  1.00 61.35  ? 50  ARG A C   1 
ATOM   210  O O   . ARG A 1 50  ? 23.367  14.746  11.219  1.00 63.85  ? 50  ARG A O   1 
ATOM   211  C CB  . ARG A 1 50  ? 23.923  12.882  8.600   1.00 67.26  ? 50  ARG A CB  1 
ATOM   212  C CG  . ARG A 1 50  ? 22.473  12.552  8.367   1.00 74.17  ? 50  ARG A CG  1 
ATOM   213  C CD  . ARG A 1 50  ? 22.233  12.295  6.893   1.00 79.77  ? 50  ARG A CD  1 
ATOM   214  N NE  . ARG A 1 50  ? 20.800  12.207  6.605   1.00 86.98  ? 50  ARG A NE  1 
ATOM   215  C CZ  . ARG A 1 50  ? 19.873  13.035  7.090   1.00 89.74  ? 50  ARG A CZ  1 
ATOM   216  N NH1 . ARG A 1 50  ? 18.583  12.746  6.937   1.00 90.20  ? 50  ARG A NH1 1 
ATOM   217  N NH2 . ARG A 1 50  ? 20.229  14.159  7.710   1.00 90.55  ? 50  ARG A NH2 1 
ATOM   218  N N   . SER A 1 51  ? 22.245  12.802  11.221  1.00 58.12  ? 51  SER A N   1 
ATOM   219  C CA  . SER A 1 51  ? 21.143  13.333  11.994  1.00 55.84  ? 51  SER A CA  1 
ATOM   220  C C   . SER A 1 51  ? 21.255  12.989  13.481  1.00 54.36  ? 51  SER A C   1 
ATOM   221  O O   . SER A 1 51  ? 20.656  13.653  14.331  1.00 53.97  ? 51  SER A O   1 
ATOM   222  C CB  . SER A 1 51  ? 19.818  12.809  11.414  1.00 56.86  ? 51  SER A CB  1 
ATOM   223  O OG  . SER A 1 51  ? 19.860  11.399  11.202  1.00 58.41  ? 51  SER A OG  1 
ATOM   224  N N   . GLY A 1 52  ? 22.028  11.957  13.799  1.00 51.63  ? 52  GLY A N   1 
ATOM   225  C CA  . GLY A 1 52  ? 22.159  11.569  15.185  1.00 47.57  ? 52  GLY A CA  1 
ATOM   226  C C   . GLY A 1 52  ? 20.908  10.821  15.581  1.00 48.51  ? 52  GLY A C   1 
ATOM   227  O O   . GLY A 1 52  ? 20.424  10.958  16.706  1.00 47.61  ? 52  GLY A O   1 
ATOM   228  N N   . THR A 1 53  ? 20.388  10.019  14.651  1.00 48.37  ? 53  THR A N   1 
ATOM   229  C CA  . THR A 1 53  ? 19.161  9.252   14.872  1.00 49.34  ? 53  THR A CA  1 
ATOM   230  C C   . THR A 1 53  ? 19.188  7.904   14.182  1.00 50.14  ? 53  THR A C   1 
ATOM   231  O O   . THR A 1 53  ? 19.998  7.669   13.300  1.00 49.66  ? 53  THR A O   1 
ATOM   232  C CB  . THR A 1 53  ? 17.897  9.988   14.314  1.00 48.79  ? 53  THR A CB  1 
ATOM   233  O OG1 . THR A 1 53  ? 18.129  10.389  12.960  1.00 49.05  ? 53  THR A OG1 1 
ATOM   234  C CG2 . THR A 1 53  ? 17.572  11.200  15.136  1.00 51.15  ? 53  THR A CG2 1 
ATOM   235  N N   . TYR A 1 54  ? 18.293  7.016   14.605  1.00 53.56  ? 54  TYR A N   1 
ATOM   236  C CA  . TYR A 1 54  ? 18.169  5.720   13.964  1.00 56.45  ? 54  TYR A CA  1 
ATOM   237  C C   . TYR A 1 54  ? 17.224  5.957   12.796  1.00 55.36  ? 54  TYR A C   1 
ATOM   238  O O   . TYR A 1 54  ? 16.335  6.803   12.866  1.00 54.52  ? 54  TYR A O   1 
ATOM   239  C CB  . TYR A 1 54  ? 17.580  4.677   14.913  1.00 60.95  ? 54  TYR A CB  1 
ATOM   240  C CG  . TYR A 1 54  ? 18.537  4.233   15.983  1.00 64.79  ? 54  TYR A CG  1 
ATOM   241  C CD1 . TYR A 1 54  ? 18.660  4.941   17.171  1.00 67.37  ? 54  TYR A CD1 1 
ATOM   242  C CD2 . TYR A 1 54  ? 19.343  3.115   15.794  1.00 68.05  ? 54  TYR A CD2 1 
ATOM   243  C CE1 . TYR A 1 54  ? 19.564  4.543   18.152  1.00 69.13  ? 54  TYR A CE1 1 
ATOM   244  C CE2 . TYR A 1 54  ? 20.252  2.710   16.766  1.00 70.52  ? 54  TYR A CE2 1 
ATOM   245  C CZ  . TYR A 1 54  ? 20.359  3.427   17.945  1.00 70.91  ? 54  TYR A CZ  1 
ATOM   246  O OH  . TYR A 1 54  ? 21.255  3.027   18.916  1.00 72.26  ? 54  TYR A OH  1 
ATOM   247  N N   . ARG A 1 55  ? 17.400  5.195   11.732  1.00 54.83  ? 55  ARG A N   1 
ATOM   248  C CA  . ARG A 1 55  ? 16.585  5.387   10.557  1.00 55.81  ? 55  ARG A CA  1 
ATOM   249  C C   . ARG A 1 55  ? 16.373  4.062   9.843   1.00 55.77  ? 55  ARG A C   1 
ATOM   250  O O   . ARG A 1 55  ? 17.242  3.204   9.873   1.00 58.46  ? 55  ARG A O   1 
ATOM   251  C CB  . ARG A 1 55  ? 17.320  6.377   9.664   1.00 58.22  ? 55  ARG A CB  1 
ATOM   252  C CG  . ARG A 1 55  ? 16.631  6.782   8.393   1.00 64.71  ? 55  ARG A CG  1 
ATOM   253  C CD  . ARG A 1 55  ? 17.500  7.802   7.675   1.00 67.09  ? 55  ARG A CD  1 
ATOM   254  N NE  . ARG A 1 55  ? 17.840  8.912   8.562   1.00 70.06  ? 55  ARG A NE  1 
ATOM   255  C CZ  . ARG A 1 55  ? 16.990  9.870   8.909   1.00 72.29  ? 55  ARG A CZ  1 
ATOM   256  N NH1 . ARG A 1 55  ? 15.747  9.859   8.438   1.00 73.79  ? 55  ARG A NH1 1 
ATOM   257  N NH2 . ARG A 1 55  ? 17.374  10.832  9.737   1.00 72.86  ? 55  ARG A NH2 1 
ATOM   258  N N   . ALA A 1 56  ? 15.213  3.892   9.218   1.00 54.16  ? 56  ALA A N   1 
ATOM   259  C CA  . ALA A 1 56  ? 14.896  2.675   8.470   1.00 51.68  ? 56  ALA A CA  1 
ATOM   260  C C   . ALA A 1 56  ? 14.070  3.008   7.228   1.00 51.94  ? 56  ALA A C   1 
ATOM   261  O O   . ALA A 1 56  ? 13.388  4.035   7.184   1.00 51.35  ? 56  ALA A O   1 
ATOM   262  C CB  . ALA A 1 56  ? 14.128  1.713   9.345   1.00 49.75  ? 56  ALA A CB  1 
ATOM   263  N N   . LEU A 1 57  ? 14.138  2.151   6.213   1.00 51.60  ? 57  LEU A N   1 
ATOM   264  C CA  . LEU A 1 57  ? 13.354  2.375   5.007   1.00 51.20  ? 57  LEU A CA  1 
ATOM   265  C C   . LEU A 1 57  ? 11.907  2.345   5.466   1.00 50.61  ? 57  LEU A C   1 
ATOM   266  O O   . LEU A 1 57  ? 11.561  1.632   6.409   1.00 49.20  ? 57  LEU A O   1 
ATOM   267  C CB  . LEU A 1 57  ? 13.607  1.277   3.964   1.00 53.78  ? 57  LEU A CB  1 
ATOM   268  C CG  . LEU A 1 57  ? 14.781  1.410   2.969   1.00 53.81  ? 57  LEU A CG  1 
ATOM   269  C CD1 . LEU A 1 57  ? 15.259  2.870   2.894   1.00 50.31  ? 57  LEU A CD1 1 
ATOM   270  C CD2 . LEU A 1 57  ? 15.912  0.490   3.383   1.00 52.01  ? 57  LEU A CD2 1 
ATOM   271  N N   . ALA A 1 58  ? 11.057  3.115   4.807   1.00 50.93  ? 58  ALA A N   1 
ATOM   272  C CA  . ALA A 1 58  ? 9.657   3.178   5.199   1.00 50.34  ? 58  ALA A CA  1 
ATOM   273  C C   . ALA A 1 58  ? 8.895   1.843   5.273   1.00 51.69  ? 58  ALA A C   1 
ATOM   274  O O   . ALA A 1 58  ? 8.051   1.671   6.146   1.00 51.76  ? 58  ALA A O   1 
ATOM   275  C CB  . ALA A 1 58  ? 8.918   4.165   4.282   1.00 51.40  ? 58  ALA A CB  1 
ATOM   276  N N   . PHE A 1 59  ? 9.183   0.888   4.395   1.00 52.41  ? 59  PHE A N   1 
ATOM   277  C CA  . PHE A 1 59  ? 8.433   -0.371  4.428   1.00 54.55  ? 59  PHE A CA  1 
ATOM   278  C C   . PHE A 1 59  ? 8.630   -1.185  5.707   1.00 54.24  ? 59  PHE A C   1 
ATOM   279  O O   . PHE A 1 59  ? 7.869   -2.106  6.006   1.00 54.57  ? 59  PHE A O   1 
ATOM   280  C CB  . PHE A 1 59  ? 8.771   -1.224  3.198   1.00 56.03  ? 59  PHE A CB  1 
ATOM   281  C CG  . PHE A 1 59  ? 10.102  -1.907  3.277   1.00 57.08  ? 59  PHE A CG  1 
ATOM   282  C CD1 . PHE A 1 59  ? 10.184  -3.246  3.625   1.00 55.62  ? 59  PHE A CD1 1 
ATOM   283  C CD2 . PHE A 1 59  ? 11.276  -1.204  3.017   1.00 58.65  ? 59  PHE A CD2 1 
ATOM   284  C CE1 . PHE A 1 59  ? 11.405  -3.876  3.713   1.00 57.58  ? 59  PHE A CE1 1 
ATOM   285  C CE2 . PHE A 1 59  ? 12.510  -1.825  3.103   1.00 57.68  ? 59  PHE A CE2 1 
ATOM   286  C CZ  . PHE A 1 59  ? 12.579  -3.161  3.450   1.00 58.67  ? 59  PHE A CZ  1 
ATOM   287  N N   . ARG A 1 60  ? 9.647   -0.822  6.470   1.00 55.42  ? 60  ARG A N   1 
ATOM   288  C CA  . ARG A 1 60  ? 9.953   -1.497  7.718   1.00 54.75  ? 60  ARG A CA  1 
ATOM   289  C C   . ARG A 1 60  ? 8.970   -1.052  8.802   1.00 54.96  ? 60  ARG A C   1 
ATOM   290  O O   . ARG A 1 60  ? 8.948   -1.576  9.914   1.00 55.88  ? 60  ARG A O   1 
ATOM   291  C CB  . ARG A 1 60  ? 11.378  -1.157  8.127   1.00 57.71  ? 60  ARG A CB  1 
ATOM   292  C CG  . ARG A 1 60  ? 12.038  -2.274  8.856   1.00 66.88  ? 60  ARG A CG  1 
ATOM   293  C CD  . ARG A 1 60  ? 12.201  -3.480  7.933   1.00 71.40  ? 60  ARG A CD  1 
ATOM   294  N NE  . ARG A 1 60  ? 13.334  -3.303  7.031   1.00 72.74  ? 60  ARG A NE  1 
ATOM   295  C CZ  . ARG A 1 60  ? 13.895  -4.291  6.337   1.00 74.41  ? 60  ARG A CZ  1 
ATOM   296  N NH1 . ARG A 1 60  ? 13.419  -5.531  6.439   1.00 70.57  ? 60  ARG A NH1 1 
ATOM   297  N NH2 . ARG A 1 60  ? 14.953  -4.039  5.564   1.00 75.35  ? 60  ARG A NH2 1 
ATOM   298  N N   . TYR A 1 61  ? 8.142   -0.082  8.453   1.00 53.55  ? 61  TYR A N   1 
ATOM   299  C CA  . TYR A 1 61  ? 7.161   0.458   9.364   1.00 53.98  ? 61  TYR A CA  1 
ATOM   300  C C   . TYR A 1 61  ? 6.407   -0.608  10.121  1.00 55.96  ? 61  TYR A C   1 
ATOM   301  O O   . TYR A 1 61  ? 6.348   -0.576  11.345  1.00 58.72  ? 61  TYR A O   1 
ATOM   302  C CB  . TYR A 1 61  ? 6.179   1.329   8.596   1.00 51.98  ? 61  TYR A CB  1 
ATOM   303  C CG  . TYR A 1 61  ? 4.996   1.782   9.401   1.00 50.59  ? 61  TYR A CG  1 
ATOM   304  C CD1 . TYR A 1 61  ? 3.754   1.154   9.267   1.00 51.06  ? 61  TYR A CD1 1 
ATOM   305  C CD2 . TYR A 1 61  ? 5.107   2.849   10.294  1.00 49.95  ? 61  TYR A CD2 1 
ATOM   306  C CE1 . TYR A 1 61  ? 2.648   1.581   10.004  1.00 48.16  ? 61  TYR A CE1 1 
ATOM   307  C CE2 . TYR A 1 61  ? 4.002   3.285   11.041  1.00 50.39  ? 61  TYR A CE2 1 
ATOM   308  C CZ  . TYR A 1 61  ? 2.780   2.648   10.887  1.00 50.76  ? 61  TYR A CZ  1 
ATOM   309  O OH  . TYR A 1 61  ? 1.690   3.100   11.600  1.00 52.62  ? 61  TYR A OH  1 
ATOM   310  N N   . ARG A 1 62  ? 5.825   -1.551  9.395   1.00 57.70  ? 62  ARG A N   1 
ATOM   311  C CA  . ARG A 1 62  ? 5.052   -2.606  10.025  1.00 59.40  ? 62  ARG A CA  1 
ATOM   312  C C   . ARG A 1 62  ? 5.861   -3.391  11.052  1.00 59.75  ? 62  ARG A C   1 
ATOM   313  O O   . ARG A 1 62  ? 5.374   -3.669  12.137  1.00 59.45  ? 62  ARG A O   1 
ATOM   314  C CB  . ARG A 1 62  ? 4.486   -3.542  8.953   1.00 60.91  ? 62  ARG A CB  1 
ATOM   315  C CG  . ARG A 1 62  ? 3.685   -4.709  9.505   1.00 61.52  ? 62  ARG A CG  1 
ATOM   316  C CD  . ARG A 1 62  ? 2.889   -5.426  8.405   1.00 64.13  ? 62  ARG A CD  1 
ATOM   317  N NE  . ARG A 1 62  ? 2.306   -6.684  8.875   1.00 63.65  ? 62  ARG A NE  1 
ATOM   318  C CZ  . ARG A 1 62  ? 1.588   -7.516  8.122   1.00 65.68  ? 62  ARG A CZ  1 
ATOM   319  N NH1 . ARG A 1 62  ? 1.342   -7.240  6.846   1.00 62.50  ? 62  ARG A NH1 1 
ATOM   320  N NH2 . ARG A 1 62  ? 1.131   -8.645  8.648   1.00 66.61  ? 62  ARG A NH2 1 
ATOM   321  N N   . ASP A 1 63  ? 7.098   -3.735  10.723  1.00 61.74  ? 63  ASP A N   1 
ATOM   322  C CA  . ASP A 1 63  ? 7.935   -4.483  11.658  1.00 63.76  ? 63  ASP A CA  1 
ATOM   323  C C   . ASP A 1 63  ? 8.227   -3.705  12.920  1.00 64.80  ? 63  ASP A C   1 
ATOM   324  O O   . ASP A 1 63  ? 8.253   -4.268  14.014  1.00 64.64  ? 63  ASP A O   1 
ATOM   325  C CB  . ASP A 1 63  ? 9.262   -4.854  11.013  1.00 65.82  ? 63  ASP A CB  1 
ATOM   326  C CG  . ASP A 1 63  ? 9.114   -5.936  9.986   1.00 69.49  ? 63  ASP A CG  1 
ATOM   327  O OD1 . ASP A 1 63  ? 10.004  -6.043  9.103   1.00 74.43  ? 63  ASP A OD1 1 
ATOM   328  O OD2 . ASP A 1 63  ? 8.110   -6.681  10.068  1.00 69.88  ? 63  ASP A OD2 1 
ATOM   329  N N   . ILE A 1 64  ? 8.470   -2.410  12.758  1.00 65.28  ? 64  ILE A N   1 
ATOM   330  C CA  . ILE A 1 64  ? 8.779   -1.557  13.891  1.00 65.25  ? 64  ILE A CA  1 
ATOM   331  C C   . ILE A 1 64  ? 7.578   -1.441  14.806  1.00 65.75  ? 64  ILE A C   1 
ATOM   332  O O   . ILE A 1 64  ? 7.713   -1.409  16.019  1.00 65.93  ? 64  ILE A O   1 
ATOM   333  C CB  . ILE A 1 64  ? 9.199   -0.161  13.423  1.00 65.49  ? 64  ILE A CB  1 
ATOM   334  C CG1 . ILE A 1 64  ? 10.384  -0.287  12.474  1.00 64.18  ? 64  ILE A CG1 1 
ATOM   335  C CG2 . ILE A 1 64  ? 9.565   0.709   14.624  1.00 64.95  ? 64  ILE A CG2 1 
ATOM   336  C CD1 . ILE A 1 64  ? 10.784  1.006   11.818  1.00 64.33  ? 64  ILE A CD1 1 
ATOM   337  N N   . ILE A 1 65  ? 6.397   -1.377  14.216  1.00 67.67  ? 65  ILE A N   1 
ATOM   338  C CA  . ILE A 1 65  ? 5.184   -1.279  15.002  1.00 71.16  ? 65  ILE A CA  1 
ATOM   339  C C   . ILE A 1 65  ? 4.994   -2.562  15.806  1.00 73.68  ? 65  ILE A C   1 
ATOM   340  O O   . ILE A 1 65  ? 4.874   -2.522  17.028  1.00 75.13  ? 65  ILE A O   1 
ATOM   341  C CB  . ILE A 1 65  ? 3.952   -1.086  14.099  1.00 71.87  ? 65  ILE A CB  1 
ATOM   342  C CG1 . ILE A 1 65  ? 4.039   0.255   13.366  1.00 71.60  ? 65  ILE A CG1 1 
ATOM   343  C CG2 . ILE A 1 65  ? 2.685   -1.208  14.930  1.00 72.32  ? 65  ILE A CG2 1 
ATOM   344  C CD1 . ILE A 1 65  ? 4.193   1.453   14.278  1.00 71.37  ? 65  ILE A CD1 1 
ATOM   345  N N   . GLU A 1 66  ? 4.973   -3.700  15.112  1.00 75.17  ? 66  GLU A N   1 
ATOM   346  C CA  . GLU A 1 66  ? 4.788   -4.997  15.751  1.00 76.68  ? 66  GLU A CA  1 
ATOM   347  C C   . GLU A 1 66  ? 5.871   -5.235  16.788  1.00 77.27  ? 66  GLU A C   1 
ATOM   348  O O   . GLU A 1 66  ? 5.708   -6.058  17.682  1.00 78.09  ? 66  GLU A O   1 
ATOM   349  C CB  . GLU A 1 66  ? 4.794   -6.124  14.705  1.00 77.18  ? 66  GLU A CB  1 
ATOM   350  C CG  . GLU A 1 66  ? 3.803   -5.900  13.550  1.00 79.37  ? 66  GLU A CG  1 
ATOM   351  C CD  . GLU A 1 66  ? 3.688   -7.091  12.586  1.00 80.63  ? 66  GLU A CD  1 
ATOM   352  O OE1 . GLU A 1 66  ? 4.733   -7.694  12.236  1.00 82.48  ? 66  GLU A OE1 1 
ATOM   353  O OE2 . GLU A 1 66  ? 2.551   -7.411  12.162  1.00 78.60  ? 66  GLU A OE2 1 
ATOM   354  N N   . TYR A 1 67  ? 6.977   -4.511  16.667  1.00 78.82  ? 67  TYR A N   1 
ATOM   355  C CA  . TYR A 1 67  ? 8.071   -4.637  17.619  1.00 80.31  ? 67  TYR A CA  1 
ATOM   356  C C   . TYR A 1 67  ? 7.739   -3.855  18.876  1.00 81.61  ? 67  TYR A C   1 
ATOM   357  O O   . TYR A 1 67  ? 7.968   -4.320  19.984  1.00 82.62  ? 67  TYR A O   1 
ATOM   358  C CB  . TYR A 1 67  ? 9.374   -4.119  17.013  1.00 80.08  ? 67  TYR A CB  1 
ATOM   359  C CG  . TYR A 1 67  ? 10.435  -3.771  18.034  1.00 81.20  ? 67  TYR A CG  1 
ATOM   360  C CD1 . TYR A 1 67  ? 10.466  -2.511  18.638  1.00 81.91  ? 67  TYR A CD1 1 
ATOM   361  C CD2 . TYR A 1 67  ? 11.409  -4.703  18.406  1.00 82.07  ? 67  TYR A CD2 1 
ATOM   362  C CE1 . TYR A 1 67  ? 11.446  -2.186  19.589  1.00 82.13  ? 67  TYR A CE1 1 
ATOM   363  C CE2 . TYR A 1 67  ? 12.394  -4.389  19.358  1.00 80.65  ? 67  TYR A CE2 1 
ATOM   364  C CZ  . TYR A 1 67  ? 12.404  -3.131  19.941  1.00 80.87  ? 67  TYR A CZ  1 
ATOM   365  O OH  . TYR A 1 67  ? 13.363  -2.821  20.875  1.00 80.55  ? 67  TYR A OH  1 
ATOM   366  N N   . PHE A 1 68  ? 7.203   -2.655  18.709  1.00 83.61  ? 68  PHE A N   1 
ATOM   367  C CA  . PHE A 1 68  ? 6.850   -1.853  19.865  1.00 85.89  ? 68  PHE A CA  1 
ATOM   368  C C   . PHE A 1 68  ? 5.730   -2.532  20.630  1.00 87.82  ? 68  PHE A C   1 
ATOM   369  O O   . PHE A 1 68  ? 5.890   -2.888  21.792  1.00 88.43  ? 68  PHE A O   1 
ATOM   370  C CB  . PHE A 1 68  ? 6.407   -0.453  19.442  1.00 85.41  ? 68  PHE A CB  1 
ATOM   371  C CG  . PHE A 1 68  ? 7.547   0.491   19.168  1.00 85.80  ? 68  PHE A CG  1 
ATOM   372  C CD1 . PHE A 1 68  ? 8.711   0.437   19.930  1.00 85.53  ? 68  PHE A CD1 1 
ATOM   373  C CD2 . PHE A 1 68  ? 7.441   1.462   18.175  1.00 86.36  ? 68  PHE A CD2 1 
ATOM   374  C CE1 . PHE A 1 68  ? 9.752   1.338   19.709  1.00 86.20  ? 68  PHE A CE1 1 
ATOM   375  C CE2 . PHE A 1 68  ? 8.475   2.368   17.948  1.00 86.30  ? 68  PHE A CE2 1 
ATOM   376  C CZ  . PHE A 1 68  ? 9.633   2.305   18.718  1.00 85.95  ? 68  PHE A CZ  1 
ATOM   377  N N   . GLU A 1 69  ? 4.600   -2.710  19.958  1.00 89.44  ? 69  GLU A N   1 
ATOM   378  C CA  . GLU A 1 69  ? 3.434   -3.345  20.550  1.00 90.86  ? 69  GLU A CA  1 
ATOM   379  C C   . GLU A 1 69  ? 3.748   -4.679  21.212  1.00 92.09  ? 69  GLU A C   1 
ATOM   380  O O   . GLU A 1 69  ? 3.354   -4.913  22.355  1.00 93.32  ? 69  GLU A O   1 
ATOM   381  C CB  . GLU A 1 69  ? 2.366   -3.566  19.483  1.00 91.00  ? 69  GLU A CB  1 
ATOM   382  C CG  . GLU A 1 69  ? 1.744   -2.298  18.935  1.00 91.83  ? 69  GLU A CG  1 
ATOM   383  C CD  . GLU A 1 69  ? 0.731   -2.590  17.842  1.00 92.77  ? 69  GLU A CD  1 
ATOM   384  O OE1 . GLU A 1 69  ? 0.013   -1.656  17.420  1.00 92.56  ? 69  GLU A OE1 1 
ATOM   385  O OE2 . GLU A 1 69  ? 0.658   -3.758  17.400  1.00 94.16  ? 69  GLU A OE2 1 
ATOM   386  N N   . SER A 1 70  ? 4.448   -5.554  20.491  1.00 92.66  ? 70  SER A N   1 
ATOM   387  C CA  . SER A 1 70  ? 4.788   -6.875  21.020  1.00 93.04  ? 70  SER A CA  1 
ATOM   388  C C   . SER A 1 70  ? 5.535   -6.796  22.345  1.00 93.15  ? 70  SER A C   1 
ATOM   389  O O   . SER A 1 70  ? 5.272   -7.585  23.252  1.00 94.28  ? 70  SER A O   1 
ATOM   390  C CB  . SER A 1 70  ? 5.630   -7.674  20.014  1.00 93.21  ? 70  SER A CB  1 
ATOM   391  O OG  . SER A 1 70  ? 7.017   -7.412  20.170  1.00 93.73  ? 70  SER A OG  1 
ATOM   392  N N   . ASN A 1 71  ? 6.467   -5.853  22.461  1.00 92.85  ? 71  ASN A N   1 
ATOM   393  C CA  . ASN A 1 71  ? 7.234   -5.701  23.695  1.00 92.74  ? 71  ASN A CA  1 
ATOM   394  C C   . ASN A 1 71  ? 6.593   -4.710  24.662  1.00 92.75  ? 71  ASN A C   1 
ATOM   395  O O   . ASN A 1 71  ? 7.257   -4.186  25.556  1.00 93.32  ? 71  ASN A O   1 
ATOM   396  C CB  . ASN A 1 71  ? 8.667   -5.260  23.387  1.00 92.26  ? 71  ASN A CB  1 
ATOM   397  C CG  . ASN A 1 71  ? 9.414   -6.267  22.554  1.00 92.27  ? 71  ASN A CG  1 
ATOM   398  O OD1 . ASN A 1 71  ? 9.382   -7.463  22.834  1.00 93.51  ? 71  ASN A OD1 1 
ATOM   399  N ND2 . ASN A 1 71  ? 10.099  -5.794  21.526  1.00 91.67  ? 71  ASN A ND2 1 
ATOM   400  N N   . GLY A 1 72  ? 5.302   -4.456  24.474  1.00 92.68  ? 72  GLY A N   1 
ATOM   401  C CA  . GLY A 1 72  ? 4.590   -3.536  25.342  1.00 93.11  ? 72  GLY A CA  1 
ATOM   402  C C   . GLY A 1 72  ? 5.266   -2.189  25.491  1.00 93.76  ? 72  GLY A C   1 
ATOM   403  O O   . GLY A 1 72  ? 5.128   -1.524  26.522  1.00 94.18  ? 72  GLY A O   1 
ATOM   404  N N   . ILE A 1 73  ? 5.998   -1.782  24.457  1.00 94.39  ? 73  ILE A N   1 
ATOM   405  C CA  . ILE A 1 73  ? 6.698   -0.503  24.467  1.00 93.67  ? 73  ILE A CA  1 
ATOM   406  C C   . ILE A 1 73  ? 5.756   0.634   24.077  1.00 93.29  ? 73  ILE A C   1 
ATOM   407  O O   . ILE A 1 73  ? 4.967   0.512   23.136  1.00 92.90  ? 73  ILE A O   1 
ATOM   408  C CB  . ILE A 1 73  ? 7.905   -0.516  23.497  1.00 93.73  ? 73  ILE A CB  1 
ATOM   409  C CG1 . ILE A 1 73  ? 8.904   -1.596  23.925  1.00 94.36  ? 73  ILE A CG1 1 
ATOM   410  C CG2 . ILE A 1 73  ? 8.571   0.855   23.473  1.00 93.61  ? 73  ILE A CG2 1 
ATOM   411  C CD1 . ILE A 1 73  ? 10.179  -1.641  23.098  1.00 94.46  ? 73  ILE A CD1 1 
ATOM   412  N N   . GLU A 1 74  ? 5.841   1.731   24.826  1.00 93.17  ? 74  GLU A N   1 
ATOM   413  C CA  . GLU A 1 74  ? 5.021   2.912   24.581  1.00 92.03  ? 74  GLU A CA  1 
ATOM   414  C C   . GLU A 1 74  ? 5.660   3.706   23.462  1.00 89.55  ? 74  GLU A C   1 
ATOM   415  O O   . GLU A 1 74  ? 6.882   3.875   23.433  1.00 89.10  ? 74  GLU A O   1 
ATOM   416  C CB  . GLU A 1 74  ? 4.945   3.788   25.838  1.00 94.62  ? 74  GLU A CB  1 
ATOM   417  C CG  . GLU A 1 74  ? 4.073   3.224   26.949  1.00 98.13  ? 74  GLU A CG  1 
ATOM   418  C CD  . GLU A 1 74  ? 2.595   3.262   26.604  1.00 100.63 ? 74  GLU A CD  1 
ATOM   419  O OE1 . GLU A 1 74  ? 2.198   2.675   25.568  1.00 101.41 ? 74  GLU A OE1 1 
ATOM   420  O OE2 . GLU A 1 74  ? 1.827   3.884   27.369  1.00 102.20 ? 74  GLU A OE2 1 
ATOM   421  N N   . PHE A 1 75  ? 4.839   4.200   22.540  1.00 86.41  ? 75  PHE A N   1 
ATOM   422  C CA  . PHE A 1 75  ? 5.373   4.980   21.435  1.00 83.29  ? 75  PHE A CA  1 
ATOM   423  C C   . PHE A 1 75  ? 4.358   5.895   20.747  1.00 80.61  ? 75  PHE A C   1 
ATOM   424  O O   . PHE A 1 75  ? 3.145   5.693   20.833  1.00 79.13  ? 75  PHE A O   1 
ATOM   425  C CB  . PHE A 1 75  ? 6.037   4.042   20.406  1.00 82.44  ? 75  PHE A CB  1 
ATOM   426  C CG  . PHE A 1 75  ? 5.129   2.965   19.882  1.00 81.49  ? 75  PHE A CG  1 
ATOM   427  C CD1 . PHE A 1 75  ? 4.449   3.138   18.678  1.00 82.00  ? 75  PHE A CD1 1 
ATOM   428  C CD2 . PHE A 1 75  ? 4.937   1.789   20.600  1.00 81.52  ? 75  PHE A CD2 1 
ATOM   429  C CE1 . PHE A 1 75  ? 3.588   2.150   18.196  1.00 82.60  ? 75  PHE A CE1 1 
ATOM   430  C CE2 . PHE A 1 75  ? 4.081   0.793   20.131  1.00 80.98  ? 75  PHE A CE2 1 
ATOM   431  C CZ  . PHE A 1 75  ? 3.403   0.973   18.927  1.00 82.68  ? 75  PHE A CZ  1 
ATOM   432  N N   . VAL A 1 76  ? 4.888   6.914   20.076  1.00 78.35  ? 76  VAL A N   1 
ATOM   433  C CA  . VAL A 1 76  ? 4.094   7.886   19.332  1.00 76.66  ? 76  VAL A CA  1 
ATOM   434  C C   . VAL A 1 76  ? 4.303   7.682   17.836  1.00 74.05  ? 76  VAL A C   1 
ATOM   435  O O   . VAL A 1 76  ? 5.435   7.649   17.353  1.00 73.55  ? 76  VAL A O   1 
ATOM   436  C CB  . VAL A 1 76  ? 4.515   9.327   19.663  1.00 77.86  ? 76  VAL A CB  1 
ATOM   437  C CG1 . VAL A 1 76  ? 3.770   10.308  18.754  1.00 77.99  ? 76  VAL A CG1 1 
ATOM   438  C CG2 . VAL A 1 76  ? 4.236   9.620   21.122  1.00 78.12  ? 76  VAL A CG2 1 
ATOM   439  N N   . ASP A 1 77  ? 3.208   7.571   17.100  1.00 71.19  ? 77  ASP A N   1 
ATOM   440  C CA  . ASP A 1 77  ? 3.303   7.361   15.666  1.00 68.19  ? 77  ASP A CA  1 
ATOM   441  C C   . ASP A 1 77  ? 3.106   8.654   14.874  1.00 66.68  ? 77  ASP A C   1 
ATOM   442  O O   . ASP A 1 77  ? 1.978   9.041   14.572  1.00 66.27  ? 77  ASP A O   1 
ATOM   443  C CB  . ASP A 1 77  ? 2.263   6.319   15.229  1.00 66.29  ? 77  ASP A CB  1 
ATOM   444  C CG  . ASP A 1 77  ? 2.514   5.776   13.830  1.00 64.18  ? 77  ASP A CG  1 
ATOM   445  O OD1 . ASP A 1 77  ? 3.309   6.374   13.073  1.00 62.95  ? 77  ASP A OD1 1 
ATOM   446  O OD2 . ASP A 1 77  ? 1.898   4.748   13.485  1.00 63.64  ? 77  ASP A OD2 1 
ATOM   447  N N   . ASN A 1 78  ? 4.202   9.325   14.546  1.00 65.10  ? 78  ASN A N   1 
ATOM   448  C CA  . ASN A 1 78  ? 4.123   10.542  13.744  1.00 64.94  ? 78  ASN A CA  1 
ATOM   449  C C   . ASN A 1 78  ? 4.489   10.175  12.303  1.00 63.77  ? 78  ASN A C   1 
ATOM   450  O O   . ASN A 1 78  ? 4.699   11.048  11.453  1.00 64.29  ? 78  ASN A O   1 
ATOM   451  C CB  . ASN A 1 78  ? 5.101   11.605  14.249  1.00 66.91  ? 78  ASN A CB  1 
ATOM   452  C CG  . ASN A 1 78  ? 4.838   12.006  15.686  1.00 71.33  ? 78  ASN A CG  1 
ATOM   453  O OD1 . ASN A 1 78  ? 3.695   12.262  16.081  1.00 70.77  ? 78  ASN A OD1 1 
ATOM   454  N ND2 . ASN A 1 78  ? 5.903   12.068  16.481  1.00 72.94  ? 78  ASN A ND2 1 
ATOM   455  N N   . ALA A 1 79  ? 4.577   8.873   12.048  1.00 60.77  ? 79  ALA A N   1 
ATOM   456  C CA  . ALA A 1 79  ? 4.923   8.365   10.733  1.00 58.73  ? 79  ALA A CA  1 
ATOM   457  C C   . ALA A 1 79  ? 3.693   8.232   9.833   1.00 57.31  ? 79  ALA A C   1 
ATOM   458  O O   . ALA A 1 79  ? 3.610   8.875   8.790   1.00 58.66  ? 79  ALA A O   1 
ATOM   459  C CB  . ALA A 1 79  ? 5.625   7.018   10.870  1.00 57.91  ? 79  ALA A CB  1 
ATOM   460  N N   . ALA A 1 80  ? 2.739   7.406   10.241  1.00 56.35  ? 80  ALA A N   1 
ATOM   461  C CA  . ALA A 1 80  ? 1.535   7.182   9.445   1.00 54.97  ? 80  ALA A CA  1 
ATOM   462  C C   . ALA A 1 80  ? 0.601   8.377   9.450   1.00 54.31  ? 80  ALA A C   1 
ATOM   463  O O   . ALA A 1 80  ? 0.294   8.937   10.500  1.00 55.77  ? 80  ALA A O   1 
ATOM   464  C CB  . ALA A 1 80  ? 0.799   5.941   9.933   1.00 52.70  ? 80  ALA A CB  1 
ATOM   465  N N   . ASP A 1 81  ? 0.156   8.757   8.257   1.00 53.89  ? 81  ASP A N   1 
ATOM   466  C CA  . ASP A 1 81  ? -0.744  9.888   8.077   1.00 51.35  ? 81  ASP A CA  1 
ATOM   467  C C   . ASP A 1 81  ? -1.827  9.435   7.097   1.00 49.39  ? 81  ASP A C   1 
ATOM   468  O O   . ASP A 1 81  ? -1.955  9.953   5.992   1.00 47.09  ? 81  ASP A O   1 
ATOM   469  C CB  . ASP A 1 81  ? 0.044   11.076  7.533   1.00 51.39  ? 81  ASP A CB  1 
ATOM   470  C CG  . ASP A 1 81  ? -0.753  12.352  7.545   1.00 54.28  ? 81  ASP A CG  1 
ATOM   471  O OD1 . ASP A 1 81  ? -1.781  12.396  8.267   1.00 55.99  ? 81  ASP A OD1 1 
ATOM   472  O OD2 . ASP A 1 81  ? -0.343  13.311  6.842   1.00 56.99  ? 81  ASP A OD2 1 
ATOM   473  N N   . PRO A 1 82  ? -2.629  8.447   7.522   1.00 49.85  ? 82  PRO A N   1 
ATOM   474  C CA  . PRO A 1 82  ? -3.735  7.805   6.810   1.00 50.86  ? 82  PRO A CA  1 
ATOM   475  C C   . PRO A 1 82  ? -4.818  8.738   6.319   1.00 50.69  ? 82  PRO A C   1 
ATOM   476  O O   . PRO A 1 82  ? -5.291  9.593   7.052   1.00 52.37  ? 82  PRO A O   1 
ATOM   477  C CB  . PRO A 1 82  ? -4.292  6.825   7.836   1.00 50.76  ? 82  PRO A CB  1 
ATOM   478  C CG  . PRO A 1 82  ? -3.152  6.587   8.768   1.00 51.50  ? 82  PRO A CG  1 
ATOM   479  C CD  . PRO A 1 82  ? -2.564  7.948   8.908   1.00 51.15  ? 82  PRO A CD  1 
ATOM   480  N N   . ILE A 1 83  ? -5.199  8.568   5.064   1.00 49.83  ? 83  ILE A N   1 
ATOM   481  C CA  . ILE A 1 83  ? -6.262  9.357   4.492   1.00 50.31  ? 83  ILE A CA  1 
ATOM   482  C C   . ILE A 1 83  ? -7.552  8.789   5.082   1.00 53.94  ? 83  ILE A C   1 
ATOM   483  O O   . ILE A 1 83  ? -7.770  7.563   5.072   1.00 52.47  ? 83  ILE A O   1 
ATOM   484  C CB  . ILE A 1 83  ? -6.280  9.218   2.970   1.00 47.87  ? 83  ILE A CB  1 
ATOM   485  C CG1 . ILE A 1 83  ? -4.988  9.791   2.409   1.00 45.36  ? 83  ILE A CG1 1 
ATOM   486  C CG2 . ILE A 1 83  ? -7.514  9.900   2.387   1.00 44.81  ? 83  ILE A CG2 1 
ATOM   487  C CD1 . ILE A 1 83  ? -4.870  9.647   0.952   1.00 43.62  ? 83  ILE A CD1 1 
ATOM   488  N N   . PRO A 1 84  ? -8.413  9.667   5.631   1.00 56.10  ? 84  PRO A N   1 
ATOM   489  C CA  . PRO A 1 84  ? -9.683  9.229   6.226   1.00 58.64  ? 84  PRO A CA  1 
ATOM   490  C C   . PRO A 1 84  ? -10.504 8.384   5.257   1.00 60.29  ? 84  PRO A C   1 
ATOM   491  O O   . PRO A 1 84  ? -10.946 8.860   4.203   1.00 58.85  ? 84  PRO A O   1 
ATOM   492  C CB  . PRO A 1 84  ? -10.363 10.545  6.603   1.00 58.32  ? 84  PRO A CB  1 
ATOM   493  C CG  . PRO A 1 84  ? -9.760  11.534  5.647   1.00 55.81  ? 84  PRO A CG  1 
ATOM   494  C CD  . PRO A 1 84  ? -8.313  11.134  5.649   1.00 54.73  ? 84  PRO A CD  1 
ATOM   495  N N   . THR A 1 85  ? -10.706 7.128   5.644   1.00 63.51  ? 85  THR A N   1 
ATOM   496  C CA  . THR A 1 85  ? -11.435 6.169   4.826   1.00 65.87  ? 85  THR A CA  1 
ATOM   497  C C   . THR A 1 85  ? -12.656 5.582   5.536   1.00 67.09  ? 85  THR A C   1 
ATOM   498  O O   . THR A 1 85  ? -12.579 5.170   6.699   1.00 66.80  ? 85  THR A O   1 
ATOM   499  C CB  . THR A 1 85  ? -10.503 5.028   4.416   1.00 65.64  ? 85  THR A CB  1 
ATOM   500  O OG1 . THR A 1 85  ? -9.276  5.593   3.948   1.00 67.26  ? 85  THR A OG1 1 
ATOM   501  C CG2 . THR A 1 85  ? -11.130 4.177   3.318   1.00 65.61  ? 85  THR A CG2 1 
ATOM   502  N N   . PRO A 1 86  ? -13.797 5.525   4.827   1.00 67.43  ? 86  PRO A N   1 
ATOM   503  C CA  . PRO A 1 86  ? -15.060 4.998   5.344   1.00 69.16  ? 86  PRO A CA  1 
ATOM   504  C C   . PRO A 1 86  ? -15.097 3.482   5.468   1.00 70.86  ? 86  PRO A C   1 
ATOM   505  O O   . PRO A 1 86  ? -14.172 2.787   5.053   1.00 70.24  ? 86  PRO A O   1 
ATOM   506  C CB  . PRO A 1 86  ? -16.072 5.504   4.330   1.00 69.15  ? 86  PRO A CB  1 
ATOM   507  C CG  . PRO A 1 86  ? -15.300 5.435   3.059   1.00 69.26  ? 86  PRO A CG  1 
ATOM   508  C CD  . PRO A 1 86  ? -13.973 6.037   3.457   1.00 67.94  ? 86  PRO A CD  1 
ATOM   509  N N   . TYR A 1 87  ? -16.170 2.978   6.064   1.00 72.82  ? 87  TYR A N   1 
ATOM   510  C CA  . TYR A 1 87  ? -16.349 1.547   6.210   1.00 75.04  ? 87  TYR A CA  1 
ATOM   511  C C   . TYR A 1 87  ? -16.960 1.073   4.891   1.00 74.66  ? 87  TYR A C   1 
ATOM   512  O O   . TYR A 1 87  ? -18.014 1.556   4.477   1.00 74.27  ? 87  TYR A O   1 
ATOM   513  C CB  . TYR A 1 87  ? -17.293 1.254   7.378   1.00 79.14  ? 87  TYR A CB  1 
ATOM   514  C CG  . TYR A 1 87  ? -17.501 -0.221  7.666   1.00 83.39  ? 87  TYR A CG  1 
ATOM   515  C CD1 . TYR A 1 87  ? -16.531 -0.966  8.340   1.00 85.17  ? 87  TYR A CD1 1 
ATOM   516  C CD2 . TYR A 1 87  ? -18.670 -0.878  7.252   1.00 85.11  ? 87  TYR A CD2 1 
ATOM   517  C CE1 . TYR A 1 87  ? -16.712 -2.330  8.597   1.00 87.81  ? 87  TYR A CE1 1 
ATOM   518  C CE2 . TYR A 1 87  ? -18.864 -2.242  7.504   1.00 87.41  ? 87  TYR A CE2 1 
ATOM   519  C CZ  . TYR A 1 87  ? -17.878 -2.963  8.178   1.00 88.70  ? 87  TYR A CZ  1 
ATOM   520  O OH  . TYR A 1 87  ? -18.052 -4.311  8.442   1.00 89.92  ? 87  TYR A OH  1 
ATOM   521  N N   . PHE A 1 88  ? -16.277 0.153   4.216   1.00 75.16  ? 88  PHE A N   1 
ATOM   522  C CA  . PHE A 1 88  ? -16.768 -0.374  2.948   1.00 75.97  ? 88  PHE A CA  1 
ATOM   523  C C   . PHE A 1 88  ? -17.529 -1.674  3.169   1.00 78.10  ? 88  PHE A C   1 
ATOM   524  O O   . PHE A 1 88  ? -17.075 -2.575  3.894   1.00 75.63  ? 88  PHE A O   1 
ATOM   525  C CB  . PHE A 1 88  ? -15.612 -0.625  1.976   1.00 74.05  ? 88  PHE A CB  1 
ATOM   526  C CG  . PHE A 1 88  ? -14.870 0.619   1.569   1.00 70.92  ? 88  PHE A CG  1 
ATOM   527  C CD1 . PHE A 1 88  ? -15.551 1.712   1.045   1.00 68.97  ? 88  PHE A CD1 1 
ATOM   528  C CD2 . PHE A 1 88  ? -13.482 0.683   1.682   1.00 68.78  ? 88  PHE A CD2 1 
ATOM   529  C CE1 . PHE A 1 88  ? -14.856 2.848   0.637   1.00 69.04  ? 88  PHE A CE1 1 
ATOM   530  C CE2 . PHE A 1 88  ? -12.783 1.810   1.279   1.00 67.22  ? 88  PHE A CE2 1 
ATOM   531  C CZ  . PHE A 1 88  ? -13.468 2.895   0.755   1.00 66.83  ? 88  PHE A CZ  1 
ATOM   532  N N   . ASP A 1 89  ? -18.692 -1.759  2.530   1.00 81.69  ? 89  ASP A N   1 
ATOM   533  C CA  . ASP A 1 89  ? -19.550 -2.934  2.639   1.00 85.08  ? 89  ASP A CA  1 
ATOM   534  C C   . ASP A 1 89  ? -20.373 -3.044  1.353   1.00 86.03  ? 89  ASP A C   1 
ATOM   535  O O   . ASP A 1 89  ? -21.592 -2.833  1.353   1.00 85.71  ? 89  ASP A O   1 
ATOM   536  C CB  . ASP A 1 89  ? -20.462 -2.787  3.868   1.00 87.24  ? 89  ASP A CB  1 
ATOM   537  C CG  . ASP A 1 89  ? -20.665 -4.101  4.615   1.00 90.10  ? 89  ASP A CG  1 
ATOM   538  O OD1 . ASP A 1 89  ? -19.675 -4.844  4.806   1.00 91.27  ? 89  ASP A OD1 1 
ATOM   539  O OD2 . ASP A 1 89  ? -21.814 -4.386  5.026   1.00 91.26  ? 89  ASP A OD2 1 
ATOM   540  N N   . ALA A 1 90  ? -19.680 -3.371  0.260   1.00 87.07  ? 90  ALA A N   1 
ATOM   541  C CA  . ALA A 1 90  ? -20.293 -3.515  -1.060  1.00 88.20  ? 90  ALA A CA  1 
ATOM   542  C C   . ALA A 1 90  ? -20.407 -4.977  -1.524  1.00 88.71  ? 90  ALA A C   1 
ATOM   543  O O   . ALA A 1 90  ? -20.090 -5.906  -0.776  1.00 87.99  ? 90  ALA A O   1 
ATOM   544  C CB  . ALA A 1 90  ? -19.510 -2.687  -2.088  1.00 87.09  ? 90  ALA A CB  1 
ATOM   545  N N   . GLU A 1 91  ? -20.858 -5.159  -2.766  1.00 90.47  ? 91  GLU A N   1 
ATOM   546  C CA  . GLU A 1 91  ? -21.069 -6.481  -3.386  1.00 92.23  ? 91  GLU A CA  1 
ATOM   547  C C   . GLU A 1 91  ? -19.810 -7.305  -3.693  1.00 91.61  ? 91  GLU A C   1 
ATOM   548  O O   . GLU A 1 91  ? -19.236 -7.201  -4.779  1.00 91.93  ? 91  GLU A O   1 
ATOM   549  C CB  . GLU A 1 91  ? -21.879 -6.302  -4.681  1.00 94.16  ? 91  GLU A CB  1 
ATOM   550  C CG  . GLU A 1 91  ? -21.029 -5.922  -5.903  1.00 98.34  ? 91  GLU A CG  1 
ATOM   551  C CD  . GLU A 1 91  ? -21.796 -5.985  -7.220  1.00 100.69 ? 91  GLU A CD  1 
ATOM   552  O OE1 . GLU A 1 91  ? -22.411 -7.035  -7.503  1.00 102.39 ? 91  GLU A OE1 1 
ATOM   553  O OE2 . GLU A 1 91  ? -21.775 -4.983  -7.975  1.00 101.39 ? 91  GLU A OE2 1 
ATOM   554  N N   . ILE A 1 92  ? -19.400 -8.148  -2.748  1.00 91.15  ? 92  ILE A N   1 
ATOM   555  C CA  . ILE A 1 92  ? -18.204 -8.981  -2.926  1.00 90.80  ? 92  ILE A CA  1 
ATOM   556  C C   . ILE A 1 92  ? -18.501 -10.283 -3.699  1.00 89.50  ? 92  ILE A C   1 
ATOM   557  O O   . ILE A 1 92  ? -18.548 -11.377 -3.121  1.00 89.53  ? 92  ILE A O   1 
ATOM   558  C CB  . ILE A 1 92  ? -17.551 -9.287  -1.525  1.00 91.50  ? 92  ILE A CB  1 
ATOM   559  C CG1 . ILE A 1 92  ? -16.340 -8.376  -1.275  1.00 91.15  ? 92  ILE A CG1 1 
ATOM   560  C CG2 . ILE A 1 92  ? -17.208 -10.774 -1.423  1.00 90.82  ? 92  ILE A CG2 1 
ATOM   561  C CD1 . ILE A 1 92  ? -15.646 -8.617  0.071   1.00 91.55  ? 92  ILE A CD1 1 
ATOM   562  N N   . SER A 1 93  ? -18.686 -10.151 -5.013  1.00 87.07  ? 93  SER A N   1 
ATOM   563  C CA  . SER A 1 93  ? -18.996 -11.287 -5.890  1.00 85.85  ? 93  SER A CA  1 
ATOM   564  C C   . SER A 1 93  ? -17.777 -11.907 -6.560  1.00 83.93  ? 93  SER A C   1 
ATOM   565  O O   . SER A 1 93  ? -17.379 -11.470 -7.632  1.00 83.47  ? 93  SER A O   1 
ATOM   566  C CB  . SER A 1 93  ? -19.955 -10.831 -6.984  1.00 88.04  ? 93  SER A CB  1 
ATOM   567  O OG  . SER A 1 93  ? -19.396 -9.737  -7.698  1.00 88.55  ? 93  SER A OG  1 
ATOM   568  N N   . LEU A 1 94  ? -17.194 -12.936 -5.961  1.00 81.99  ? 94  LEU A N   1 
ATOM   569  C CA  . LEU A 1 94  ? -16.015 -13.552 -6.558  1.00 81.98  ? 94  LEU A CA  1 
ATOM   570  C C   . LEU A 1 94  ? -16.272 -15.003 -6.977  1.00 83.79  ? 94  LEU A C   1 
ATOM   571  O O   . LEU A 1 94  ? -17.314 -15.571 -6.640  1.00 84.57  ? 94  LEU A O   1 
ATOM   572  C CB  . LEU A 1 94  ? -14.850 -13.520 -5.560  1.00 80.23  ? 94  LEU A CB  1 
ATOM   573  C CG  . LEU A 1 94  ? -14.294 -12.200 -5.022  1.00 77.88  ? 94  LEU A CG  1 
ATOM   574  C CD1 . LEU A 1 94  ? -13.336 -12.476 -3.883  1.00 76.35  ? 94  LEU A CD1 1 
ATOM   575  C CD2 . LEU A 1 94  ? -13.587 -11.451 -6.129  1.00 78.38  ? 94  LEU A CD2 1 
ATOM   576  N N   . ARG A 1 95  ? -15.334 -15.594 -7.725  1.00 83.84  ? 95  ARG A N   1 
ATOM   577  C CA  . ARG A 1 95  ? -15.446 -16.997 -8.132  1.00 83.54  ? 95  ARG A CA  1 
ATOM   578  C C   . ARG A 1 95  ? -14.890 -17.772 -6.954  1.00 84.25  ? 95  ARG A C   1 
ATOM   579  O O   . ARG A 1 95  ? -14.195 -17.194 -6.125  1.00 83.73  ? 95  ARG A O   1 
ATOM   580  C CB  . ARG A 1 95  ? -14.631 -17.274 -9.389  1.00 83.62  ? 95  ARG A CB  1 
ATOM   581  C CG  . ARG A 1 95  ? -15.306 -16.769 -10.640 1.00 84.16  ? 95  ARG A CG  1 
ATOM   582  C CD  . ARG A 1 95  ? -14.462 -16.971 -11.869 1.00 84.76  ? 95  ARG A CD  1 
ATOM   583  N NE  . ARG A 1 95  ? -15.307 -17.088 -13.050 1.00 86.64  ? 95  ARG A NE  1 
ATOM   584  C CZ  . ARG A 1 95  ? -15.017 -16.580 -14.245 1.00 87.61  ? 95  ARG A CZ  1 
ATOM   585  N NH1 . ARG A 1 95  ? -13.890 -15.899 -14.441 1.00 87.61  ? 95  ARG A NH1 1 
ATOM   586  N NH2 . ARG A 1 95  ? -15.862 -16.765 -15.249 1.00 87.83  ? 95  ARG A NH2 1 
ATOM   587  N N   . ASP A 1 96  ? -15.172 -19.063 -6.861  1.00 85.68  ? 96  ASP A N   1 
ATOM   588  C CA  . ASP A 1 96  ? -14.688 -19.797 -5.703  1.00 88.01  ? 96  ASP A CA  1 
ATOM   589  C C   . ASP A 1 96  ? -13.179 -19.764 -5.549  1.00 87.91  ? 96  ASP A C   1 
ATOM   590  O O   . ASP A 1 96  ? -12.684 -19.495 -4.449  1.00 88.11  ? 96  ASP A O   1 
ATOM   591  C CB  . ASP A 1 96  ? -15.176 -21.250 -5.707  1.00 91.23  ? 96  ASP A CB  1 
ATOM   592  C CG  . ASP A 1 96  ? -15.022 -21.923 -4.329  1.00 93.86  ? 96  ASP A CG  1 
ATOM   593  O OD1 . ASP A 1 96  ? -13.873 -22.165 -3.888  1.00 94.60  ? 96  ASP A OD1 1 
ATOM   594  O OD2 . ASP A 1 96  ? -16.053 -22.199 -3.674  1.00 95.40  ? 96  ASP A OD2 1 
ATOM   595  N N   . TYR A 1 97  ? -12.443 -20.031 -6.630  1.00 87.87  ? 97  TYR A N   1 
ATOM   596  C CA  . TYR A 1 97  ? -10.982 -20.017 -6.546  1.00 87.73  ? 97  TYR A CA  1 
ATOM   597  C C   . TYR A 1 97  ? -10.484 -18.598 -6.232  1.00 86.91  ? 97  TYR A C   1 
ATOM   598  O O   . TYR A 1 97  ? -9.467  -18.425 -5.546  1.00 86.13  ? 97  TYR A O   1 
ATOM   599  C CB  . TYR A 1 97  ? -10.342 -20.555 -7.842  1.00 87.39  ? 97  TYR A CB  1 
ATOM   600  C CG  . TYR A 1 97  ? -10.579 -19.722 -9.083  1.00 87.51  ? 97  TYR A CG  1 
ATOM   601  C CD1 . TYR A 1 97  ? -11.752 -19.856 -9.831  1.00 86.98  ? 97  TYR A CD1 1 
ATOM   602  C CD2 . TYR A 1 97  ? -9.637  -18.774 -9.493  1.00 87.53  ? 97  TYR A CD2 1 
ATOM   603  C CE1 . TYR A 1 97  ? -11.982 -19.060 -10.961 1.00 87.27  ? 97  TYR A CE1 1 
ATOM   604  C CE2 . TYR A 1 97  ? -9.857  -17.970 -10.615 1.00 88.03  ? 97  TYR A CE2 1 
ATOM   605  C CZ  . TYR A 1 97  ? -11.030 -18.116 -11.344 1.00 88.02  ? 97  TYR A CZ  1 
ATOM   606  O OH  . TYR A 1 97  ? -11.254 -17.297 -12.430 1.00 87.99  ? 97  TYR A OH  1 
ATOM   607  N N   . GLN A 1 98  ? -11.222 -17.591 -6.709  1.00 85.64  ? 98  GLN A N   1 
ATOM   608  C CA  . GLN A 1 98  ? -10.880 -16.194 -6.464  1.00 84.10  ? 98  GLN A CA  1 
ATOM   609  C C   . GLN A 1 98  ? -11.016 -15.893 -4.974  1.00 84.88  ? 98  GLN A C   1 
ATOM   610  O O   . GLN A 1 98  ? -10.173 -15.219 -4.395  1.00 86.49  ? 98  GLN A O   1 
ATOM   611  C CB  . GLN A 1 98  ? -11.790 -15.251 -7.253  1.00 81.23  ? 98  GLN A CB  1 
ATOM   612  C CG  . GLN A 1 98  ? -11.791 -15.474 -8.749  1.00 79.91  ? 98  GLN A CG  1 
ATOM   613  C CD  . GLN A 1 98  ? -12.530 -14.381 -9.514  1.00 80.38  ? 98  GLN A CD  1 
ATOM   614  O OE1 . GLN A 1 98  ? -13.573 -13.883 -9.082  1.00 79.81  ? 98  GLN A OE1 1 
ATOM   615  N NE2 . GLN A 1 98  ? -11.998 -14.019 -10.664 1.00 80.99  ? 98  GLN A NE2 1 
ATOM   616  N N   . GLU A 1 99  ? -12.074 -16.395 -4.348  1.00 85.38  ? 99  GLU A N   1 
ATOM   617  C CA  . GLU A 1 99  ? -12.264 -16.155 -2.925  1.00 86.10  ? 99  GLU A CA  1 
ATOM   618  C C   . GLU A 1 99  ? -11.358 -17.048 -2.096  1.00 85.11  ? 99  GLU A C   1 
ATOM   619  O O   . GLU A 1 99  ? -11.149 -16.808 -0.912  1.00 85.07  ? 99  GLU A O   1 
ATOM   620  C CB  . GLU A 1 99  ? -13.734 -16.356 -2.547  1.00 87.81  ? 99  GLU A CB  1 
ATOM   621  C CG  . GLU A 1 99  ? -14.372 -15.077 -2.003  1.00 91.89  ? 99  GLU A CG  1 
ATOM   622  C CD  . GLU A 1 99  ? -15.495 -14.506 -2.877  1.00 95.17  ? 99  GLU A CD  1 
ATOM   623  O OE1 . GLU A 1 99  ? -15.687 -15.000 -4.016  1.00 94.34  ? 99  GLU A OE1 1 
ATOM   624  O OE2 . GLU A 1 99  ? -16.172 -13.544 -2.430  1.00 95.90  ? 99  GLU A OE2 1 
ATOM   625  N N   . LYS A 1 100 ? -10.804 -18.073 -2.730  1.00 85.45  ? 100 LYS A N   1 
ATOM   626  C CA  . LYS A 1 100 ? -9.904  -18.993 -2.043  1.00 86.01  ? 100 LYS A CA  1 
ATOM   627  C C   . LYS A 1 100 ? -8.619  -18.268 -1.657  1.00 84.81  ? 100 LYS A C   1 
ATOM   628  O O   . LYS A 1 100 ? -8.227  -18.251 -0.489  1.00 83.79  ? 100 LYS A O   1 
ATOM   629  C CB  . LYS A 1 100 ? -9.547  -20.173 -2.954  1.00 88.33  ? 100 LYS A CB  1 
ATOM   630  C CG  . LYS A 1 100 ? -10.606 -21.261 -3.082  1.00 90.22  ? 100 LYS A CG  1 
ATOM   631  C CD  . LYS A 1 100 ? -10.052 -22.417 -3.921  1.00 93.34  ? 100 LYS A CD  1 
ATOM   632  C CE  . LYS A 1 100 ? -10.905 -23.685 -3.820  1.00 94.17  ? 100 LYS A CE  1 
ATOM   633  N NZ  . LYS A 1 100 ? -10.247 -24.863 -4.469  1.00 93.80  ? 100 LYS A NZ  1 
ATOM   634  N N   . ALA A 1 101 ? -7.981  -17.681 -2.670  1.00 84.21  ? 101 ALA A N   1 
ATOM   635  C CA  . ALA A 1 101 ? -6.725  -16.942 -2.534  1.00 83.53  ? 101 ALA A CA  1 
ATOM   636  C C   . ALA A 1 101 ? -6.855  -15.769 -1.573  1.00 83.52  ? 101 ALA A C   1 
ATOM   637  O O   . ALA A 1 101 ? -6.039  -15.592 -0.666  1.00 83.25  ? 101 ALA A O   1 
ATOM   638  C CB  . ALA A 1 101 ? -6.273  -16.437 -3.906  1.00 83.17  ? 101 ALA A CB  1 
ATOM   639  N N   . LEU A 1 102 ? -7.888  -14.967 -1.787  1.00 82.53  ? 102 LEU A N   1 
ATOM   640  C CA  . LEU A 1 102 ? -8.129  -13.817 -0.948  1.00 81.99  ? 102 LEU A CA  1 
ATOM   641  C C   . LEU A 1 102 ? -7.946  -14.191 0.511   1.00 81.53  ? 102 LEU A C   1 
ATOM   642  O O   . LEU A 1 102 ? -7.257  -13.505 1.256   1.00 82.18  ? 102 LEU A O   1 
ATOM   643  C CB  . LEU A 1 102 ? -9.545  -13.299 -1.163  1.00 81.50  ? 102 LEU A CB  1 
ATOM   644  C CG  . LEU A 1 102 ? -9.881  -12.032 -0.378  1.00 82.03  ? 102 LEU A CG  1 
ATOM   645  C CD1 . LEU A 1 102 ? -9.141  -10.853 -0.994  1.00 81.75  ? 102 LEU A CD1 1 
ATOM   646  C CD2 . LEU A 1 102 ? -11.378 -11.783 -0.404  1.00 81.78  ? 102 LEU A CD2 1 
ATOM   647  N N   . GLU A 1 103 ? -8.555  -15.296 0.908   1.00 81.89  ? 103 GLU A N   1 
ATOM   648  C CA  . GLU A 1 103 ? -8.486  -15.743 2.289   1.00 82.67  ? 103 GLU A CA  1 
ATOM   649  C C   . GLU A 1 103 ? -7.109  -16.193 2.723   1.00 82.08  ? 103 GLU A C   1 
ATOM   650  O O   . GLU A 1 103 ? -6.767  -16.137 3.905   1.00 81.42  ? 103 GLU A O   1 
ATOM   651  C CB  . GLU A 1 103 ? -9.519  -16.842 2.514   1.00 83.63  ? 103 GLU A CB  1 
ATOM   652  C CG  . GLU A 1 103 ? -10.896 -16.264 2.786   1.00 87.15  ? 103 GLU A CG  1 
ATOM   653  C CD  . GLU A 1 103 ? -12.026 -17.184 2.379   1.00 89.54  ? 103 GLU A CD  1 
ATOM   654  O OE1 . GLU A 1 103 ? -12.352 -17.238 1.170   1.00 91.05  ? 103 GLU A OE1 1 
ATOM   655  O OE2 . GLU A 1 103 ? -12.586 -17.859 3.274   1.00 90.05  ? 103 GLU A OE2 1 
ATOM   656  N N   . ARG A 1 104 ? -6.315  -16.630 1.760   1.00 82.59  ? 104 ARG A N   1 
ATOM   657  C CA  . ARG A 1 104 ? -4.967  -17.078 2.049   1.00 83.50  ? 104 ARG A CA  1 
ATOM   658  C C   . ARG A 1 104 ? -4.072  -15.859 2.208   1.00 82.51  ? 104 ARG A C   1 
ATOM   659  O O   . ARG A 1 104 ? -3.198  -15.829 3.074   1.00 83.32  ? 104 ARG A O   1 
ATOM   660  C CB  . ARG A 1 104 ? -4.472  -17.969 0.914   1.00 86.07  ? 104 ARG A CB  1 
ATOM   661  C CG  . ARG A 1 104 ? -5.311  -19.227 0.765   1.00 89.97  ? 104 ARG A CG  1 
ATOM   662  C CD  . ARG A 1 104 ? -5.426  -19.654 -0.684  1.00 93.08  ? 104 ARG A CD  1 
ATOM   663  N NE  . ARG A 1 104 ? -4.153  -20.095 -1.240  1.00 94.43  ? 104 ARG A NE  1 
ATOM   664  C CZ  . ARG A 1 104 ? -3.968  -20.388 -2.524  1.00 96.13  ? 104 ARG A CZ  1 
ATOM   665  N NH1 . ARG A 1 104 ? -4.973  -20.283 -3.386  1.00 96.03  ? 104 ARG A NH1 1 
ATOM   666  N NH2 . ARG A 1 104 ? -2.779  -20.797 -2.945  1.00 97.92  ? 104 ARG A NH2 1 
ATOM   667  N N   . TRP A 1 105 ? -4.303  -14.854 1.369   1.00 80.22  ? 105 TRP A N   1 
ATOM   668  C CA  . TRP A 1 105 ? -3.531  -13.613 1.414   1.00 79.17  ? 105 TRP A CA  1 
ATOM   669  C C   . TRP A 1 105 ? -3.890  -12.790 2.648   1.00 77.74  ? 105 TRP A C   1 
ATOM   670  O O   . TRP A 1 105 ? -3.099  -11.975 3.106   1.00 76.59  ? 105 TRP A O   1 
ATOM   671  C CB  . TRP A 1 105 ? -3.800  -12.770 0.163   1.00 79.43  ? 105 TRP A CB  1 
ATOM   672  C CG  . TRP A 1 105 ? -3.187  -11.404 0.240   1.00 80.25  ? 105 TRP A CG  1 
ATOM   673  C CD1 . TRP A 1 105 ? -1.892  -11.071 -0.028  1.00 80.20  ? 105 TRP A CD1 1 
ATOM   674  C CD2 . TRP A 1 105 ? -3.827  -10.198 0.685   1.00 80.43  ? 105 TRP A CD2 1 
ATOM   675  N NE1 . TRP A 1 105 ? -1.682  -9.737  0.224   1.00 80.31  ? 105 TRP A NE1 1 
ATOM   676  C CE2 . TRP A 1 105 ? -2.850  -9.175  0.662   1.00 79.11  ? 105 TRP A CE2 1 
ATOM   677  C CE3 . TRP A 1 105 ? -5.130  -9.883  1.103   1.00 79.23  ? 105 TRP A CE3 1 
ATOM   678  C CZ2 . TRP A 1 105 ? -3.132  -7.860  1.041   1.00 77.54  ? 105 TRP A CZ2 1 
ATOM   679  C CZ3 . TRP A 1 105 ? -5.412  -8.573  1.478   1.00 78.79  ? 105 TRP A CZ3 1 
ATOM   680  C CH2 . TRP A 1 105 ? -4.413  -7.577  1.445   1.00 77.98  ? 105 TRP A CH2 1 
ATOM   681  N N   . LEU A 1 106 ? -5.094  -13.013 3.170   1.00 77.77  ? 106 LEU A N   1 
ATOM   682  C CA  . LEU A 1 106 ? -5.600  -12.293 4.338   1.00 77.12  ? 106 LEU A CA  1 
ATOM   683  C C   . LEU A 1 106 ? -4.889  -12.658 5.619   1.00 76.47  ? 106 LEU A C   1 
ATOM   684  O O   . LEU A 1 106 ? -5.034  -11.990 6.644   1.00 75.58  ? 106 LEU A O   1 
ATOM   685  C CB  . LEU A 1 106 ? -7.094  -12.565 4.514   1.00 77.18  ? 106 LEU A CB  1 
ATOM   686  C CG  . LEU A 1 106 ? -8.103  -11.482 4.140   1.00 76.78  ? 106 LEU A CG  1 
ATOM   687  C CD1 . LEU A 1 106 ? -7.881  -11.009 2.725   1.00 77.73  ? 106 LEU A CD1 1 
ATOM   688  C CD2 . LEU A 1 106 ? -9.504  -12.049 4.301   1.00 77.11  ? 106 LEU A CD2 1 
ATOM   689  N N   . VAL A 1 107 ? -4.119  -13.728 5.567   1.00 78.26  ? 107 VAL A N   1 
ATOM   690  C CA  . VAL A 1 107 ? -3.402  -14.169 6.748   1.00 79.99  ? 107 VAL A CA  1 
ATOM   691  C C   . VAL A 1 107 ? -2.336  -13.158 7.142   1.00 80.53  ? 107 VAL A C   1 
ATOM   692  O O   . VAL A 1 107 ? -2.284  -12.721 8.289   1.00 81.24  ? 107 VAL A O   1 
ATOM   693  C CB  . VAL A 1 107 ? -2.760  -15.539 6.504   1.00 80.60  ? 107 VAL A CB  1 
ATOM   694  C CG1 . VAL A 1 107 ? -3.851  -16.557 6.192   1.00 79.88  ? 107 VAL A CG1 1 
ATOM   695  C CG2 . VAL A 1 107 ? -1.759  -15.449 5.345   1.00 82.05  ? 107 VAL A CG2 1 
ATOM   696  N N   . ASP A 1 108 ? -1.497  -12.776 6.183   1.00 81.89  ? 108 ASP A N   1 
ATOM   697  C CA  . ASP A 1 108 ? -0.438  -11.812 6.450   1.00 82.53  ? 108 ASP A CA  1 
ATOM   698  C C   . ASP A 1 108 ? -0.661  -10.483 5.753   1.00 81.12  ? 108 ASP A C   1 
ATOM   699  O O   . ASP A 1 108 ? 0.036   -9.511  6.021   1.00 81.20  ? 108 ASP A O   1 
ATOM   700  C CB  . ASP A 1 108 ? 0.911   -12.394 6.046   1.00 85.67  ? 108 ASP A CB  1 
ATOM   701  C CG  . ASP A 1 108 ? 1.266   -13.628 6.847   1.00 88.44  ? 108 ASP A CG  1 
ATOM   702  O OD1 . ASP A 1 108 ? 1.104   -13.588 8.090   1.00 89.28  ? 108 ASP A OD1 1 
ATOM   703  O OD2 . ASP A 1 108 ? 1.708   -14.632 6.240   1.00 90.26  ? 108 ASP A OD2 1 
ATOM   704  N N   . LYS A 1 109 ? -1.636  -10.448 4.854   1.00 80.15  ? 109 LYS A N   1 
ATOM   705  C CA  . LYS A 1 109 ? -1.966  -9.225  4.144   1.00 79.83  ? 109 LYS A CA  1 
ATOM   706  C C   . LYS A 1 109 ? -0.711  -8.546  3.597   1.00 79.89  ? 109 LYS A C   1 
ATOM   707  O O   . LYS A 1 109 ? -0.615  -7.321  3.523   1.00 80.27  ? 109 LYS A O   1 
ATOM   708  C CB  . LYS A 1 109 ? -2.731  -8.290  5.091   1.00 79.22  ? 109 LYS A CB  1 
ATOM   709  C CG  . LYS A 1 109 ? -4.170  -8.734  5.360   1.00 79.15  ? 109 LYS A CG  1 
ATOM   710  C CD  . LYS A 1 109 ? -4.778  -8.066  6.589   1.00 80.14  ? 109 LYS A CD  1 
ATOM   711  C CE  . LYS A 1 109 ? -4.402  -8.803  7.875   1.00 82.09  ? 109 LYS A CE  1 
ATOM   712  N NZ  . LYS A 1 109 ? -4.929  -8.130  9.110   1.00 82.62  ? 109 LYS A NZ  1 
ATOM   713  N N   . ARG A 1 110 ? 0.255   -9.360  3.204   1.00 79.70  ? 110 ARG A N   1 
ATOM   714  C CA  . ARG A 1 110 ? 1.494   -8.836  2.672   1.00 80.79  ? 110 ARG A CA  1 
ATOM   715  C C   . ARG A 1 110 ? 2.068   -9.897  1.744   1.00 80.44  ? 110 ARG A C   1 
ATOM   716  O O   . ARG A 1 110 ? 3.042   -10.564 2.085   1.00 80.72  ? 110 ARG A O   1 
ATOM   717  C CB  . ARG A 1 110 ? 2.461   -8.549  3.824   1.00 82.04  ? 110 ARG A CB  1 
ATOM   718  C CG  . ARG A 1 110 ? 3.540   -7.513  3.532   1.00 83.91  ? 110 ARG A CG  1 
ATOM   719  C CD  . ARG A 1 110 ? 4.370   -7.237  4.793   1.00 85.33  ? 110 ARG A CD  1 
ATOM   720  N NE  . ARG A 1 110 ? 5.393   -6.198  4.609   1.00 86.84  ? 110 ARG A NE  1 
ATOM   721  C CZ  . ARG A 1 110 ? 5.210   -4.890  4.804   1.00 85.62  ? 110 ARG A CZ  1 
ATOM   722  N NH1 . ARG A 1 110 ? 6.212   -4.046  4.602   1.00 85.43  ? 110 ARG A NH1 1 
ATOM   723  N NH2 . ARG A 1 110 ? 4.039   -4.419  5.211   1.00 85.21  ? 110 ARG A NH2 1 
ATOM   724  N N   . GLY A 1 111 ? 1.449   -10.067 0.579   1.00 79.28  ? 111 GLY A N   1 
ATOM   725  C CA  . GLY A 1 111 ? 1.932   -11.059 -0.363  1.00 77.64  ? 111 GLY A CA  1 
ATOM   726  C C   . GLY A 1 111 ? 1.476   -10.845 -1.789  1.00 77.35  ? 111 GLY A C   1 
ATOM   727  O O   . GLY A 1 111 ? 0.884   -9.822  -2.127  1.00 76.75  ? 111 GLY A O   1 
ATOM   728  N N   . CYS A 1 112 ? 1.760   -11.820 -2.640  1.00 78.52  ? 112 CYS A N   1 
ATOM   729  C CA  . CYS A 1 112 ? 1.363   -11.725 -4.035  1.00 81.05  ? 112 CYS A CA  1 
ATOM   730  C C   . CYS A 1 112 ? 0.304   -12.782 -4.362  1.00 79.63  ? 112 CYS A C   1 
ATOM   731  O O   . CYS A 1 112 ? 0.251   -13.848 -3.745  1.00 79.01  ? 112 CYS A O   1 
ATOM   732  C CB  . CYS A 1 112 ? 2.586   -11.891 -4.948  1.00 82.85  ? 112 CYS A CB  1 
ATOM   733  S SG  . CYS A 1 112 ? 2.250   -11.518 -6.697  1.00 92.00  ? 112 CYS A SG  1 
ATOM   734  N N   . ILE A 1 113 ? -0.555  -12.469 -5.325  1.00 78.93  ? 113 ILE A N   1 
ATOM   735  C CA  . ILE A 1 113 ? -1.610  -13.388 -5.733  1.00 77.42  ? 113 ILE A CA  1 
ATOM   736  C C   . ILE A 1 113 ? -1.614  -13.574 -7.239  1.00 76.39  ? 113 ILE A C   1 
ATOM   737  O O   . ILE A 1 113 ? -1.706  -12.611 -8.012  1.00 75.09  ? 113 ILE A O   1 
ATOM   738  C CB  . ILE A 1 113 ? -3.013  -12.894 -5.268  1.00 77.82  ? 113 ILE A CB  1 
ATOM   739  C CG1 . ILE A 1 113 ? -3.237  -13.267 -3.803  1.00 77.63  ? 113 ILE A CG1 1 
ATOM   740  C CG2 . ILE A 1 113 ? -4.111  -13.506 -6.123  1.00 77.73  ? 113 ILE A CG2 1 
ATOM   741  C CD1 . ILE A 1 113 ? -4.531  -12.724 -3.243  1.00 78.78  ? 113 ILE A CD1 1 
ATOM   742  N N   . VAL A 1 114 ? -1.499  -14.833 -7.643  1.00 75.66  ? 114 VAL A N   1 
ATOM   743  C CA  . VAL A 1 114 ? -1.492  -15.188 -9.051  1.00 75.95  ? 114 VAL A CA  1 
ATOM   744  C C   . VAL A 1 114 ? -2.878  -15.698 -9.431  1.00 76.20  ? 114 VAL A C   1 
ATOM   745  O O   . VAL A 1 114 ? -3.416  -16.583 -8.769  1.00 73.83  ? 114 VAL A O   1 
ATOM   746  C CB  . VAL A 1 114 ? -0.458  -16.289 -9.331  1.00 75.93  ? 114 VAL A CB  1 
ATOM   747  C CG1 . VAL A 1 114 ? -0.267  -16.434 -10.831 1.00 74.15  ? 114 VAL A CG1 1 
ATOM   748  C CG2 . VAL A 1 114 ? 0.851   -15.965 -8.623  1.00 73.68  ? 114 VAL A CG2 1 
ATOM   749  N N   . LEU A 1 115 ? -3.455  -15.128 -10.485 1.00 77.31  ? 115 LEU A N   1 
ATOM   750  C CA  . LEU A 1 115 ? -4.785  -15.534 -10.928 1.00 79.48  ? 115 LEU A CA  1 
ATOM   751  C C   . LEU A 1 115 ? -4.837  -15.888 -12.400 1.00 80.71  ? 115 LEU A C   1 
ATOM   752  O O   . LEU A 1 115 ? -4.220  -15.224 -13.241 1.00 80.80  ? 115 LEU A O   1 
ATOM   753  C CB  . LEU A 1 115 ? -5.821  -14.436 -10.663 1.00 79.91  ? 115 LEU A CB  1 
ATOM   754  C CG  . LEU A 1 115 ? -6.263  -14.215 -9.215  1.00 81.10  ? 115 LEU A CG  1 
ATOM   755  C CD1 . LEU A 1 115 ? -7.229  -13.050 -9.180  1.00 80.01  ? 115 LEU A CD1 1 
ATOM   756  C CD2 . LEU A 1 115 ? -6.903  -15.484 -8.647  1.00 80.87  ? 115 LEU A CD2 1 
ATOM   757  N N   . PRO A 1 116 ? -5.607  -16.934 -12.732 1.00 81.39  ? 116 PRO A N   1 
ATOM   758  C CA  . PRO A 1 116 ? -5.749  -17.382 -14.111 1.00 81.21  ? 116 PRO A CA  1 
ATOM   759  C C   . PRO A 1 116 ? -6.362  -16.295 -14.960 1.00 81.55  ? 116 PRO A C   1 
ATOM   760  O O   . PRO A 1 116 ? -5.791  -15.852 -15.951 1.00 79.79  ? 116 PRO A O   1 
ATOM   761  C CB  . PRO A 1 116 ? -6.668  -18.590 -13.976 1.00 82.01  ? 116 PRO A CB  1 
ATOM   762  C CG  . PRO A 1 116 ? -7.531  -18.217 -12.819 1.00 81.91  ? 116 PRO A CG  1 
ATOM   763  C CD  . PRO A 1 116 ? -6.515  -17.688 -11.848 1.00 81.84  ? 116 PRO A CD  1 
ATOM   764  N N   . THR A 1 117 ? -7.535  -15.858 -14.531 1.00 83.75  ? 117 THR A N   1 
ATOM   765  C CA  . THR A 1 117 ? -8.293  -14.852 -15.246 1.00 84.58  ? 117 THR A CA  1 
ATOM   766  C C   . THR A 1 117 ? -7.545  -13.562 -15.616 1.00 85.38  ? 117 THR A C   1 
ATOM   767  O O   . THR A 1 117 ? -6.562  -13.607 -16.360 1.00 85.43  ? 117 THR A O   1 
ATOM   768  C CB  . THR A 1 117 ? -9.616  -14.561 -14.474 1.00 83.43  ? 117 THR A CB  1 
ATOM   769  O OG1 . THR A 1 117 ? -9.313  -13.977 -13.198 1.00 82.83  ? 117 THR A OG1 1 
ATOM   770  C CG2 . THR A 1 117 ? -10.452 -15.821 -14.341 1.00 79.98  ? 117 THR A CG2 1 
ATOM   771  N N   . GLY A 1 118 ? -8.020  -12.424 -15.116 1.00 86.10  ? 118 GLY A N   1 
ATOM   772  C CA  . GLY A 1 118 ? -7.418  -11.136 -15.431 1.00 87.44  ? 118 GLY A CA  1 
ATOM   773  C C   . GLY A 1 118 ? -8.413  -10.045 -15.061 1.00 88.85  ? 118 GLY A C   1 
ATOM   774  O O   . GLY A 1 118 ? -8.047  -8.938  -14.656 1.00 89.01  ? 118 GLY A O   1 
ATOM   775  N N   . SER A 1 119 ? -9.692  -10.367 -15.221 1.00 89.07  ? 119 SER A N   1 
ATOM   776  C CA  . SER A 1 119 ? -10.779 -9.463  -14.858 1.00 88.06  ? 119 SER A CA  1 
ATOM   777  C C   . SER A 1 119 ? -11.160 -9.934  -13.458 1.00 86.36  ? 119 SER A C   1 
ATOM   778  O O   . SER A 1 119 ? -11.972 -9.317  -12.766 1.00 87.13  ? 119 SER A O   1 
ATOM   779  C CB  . SER A 1 119 ? -11.963 -9.633  -15.811 1.00 88.46  ? 119 SER A CB  1 
ATOM   780  O OG  . SER A 1 119 ? -11.556 -9.449  -17.158 1.00 91.32  ? 119 SER A OG  1 
ATOM   781  N N   . GLY A 1 120 ? -10.557 -11.056 -13.071 1.00 83.61  ? 120 GLY A N   1 
ATOM   782  C CA  . GLY A 1 120 ? -10.773 -11.634 -11.762 1.00 82.21  ? 120 GLY A CA  1 
ATOM   783  C C   . GLY A 1 120 ? -9.604  -11.207 -10.896 1.00 82.40  ? 120 GLY A C   1 
ATOM   784  O O   . GLY A 1 120 ? -9.440  -11.648 -9.755  1.00 82.37  ? 120 GLY A O   1 
ATOM   785  N N   . LYS A 1 121 ? -8.780  -10.334 -11.465 1.00 80.69  ? 121 LYS A N   1 
ATOM   786  C CA  . LYS A 1 121 ? -7.618  -9.791  -10.787 1.00 79.21  ? 121 LYS A CA  1 
ATOM   787  C C   . LYS A 1 121 ? -8.136  -8.491  -10.200 1.00 78.01  ? 121 LYS A C   1 
ATOM   788  O O   . LYS A 1 121 ? -7.949  -8.190  -9.023  1.00 76.95  ? 121 LYS A O   1 
ATOM   789  C CB  . LYS A 1 121 ? -6.522  -9.512  -11.815 1.00 78.68  ? 121 LYS A CB  1 
ATOM   790  C CG  . LYS A 1 121 ? -5.167  -9.191  -11.243 1.00 77.10  ? 121 LYS A CG  1 
ATOM   791  C CD  . LYS A 1 121 ? -4.128  -9.026  -12.355 1.00 76.11  ? 121 LYS A CD  1 
ATOM   792  C CE  . LYS A 1 121 ? -4.466  -7.870  -13.282 1.00 74.36  ? 121 LYS A CE  1 
ATOM   793  N NZ  . LYS A 1 121 ? -3.424  -7.697  -14.330 1.00 75.33  ? 121 LYS A NZ  1 
ATOM   794  N N   . THR A 1 122 ? -8.814  -7.740  -11.055 1.00 76.98  ? 122 THR A N   1 
ATOM   795  C CA  . THR A 1 122 ? -9.410  -6.471  -10.688 1.00 77.85  ? 122 THR A CA  1 
ATOM   796  C C   . THR A 1 122 ? -10.635 -6.765  -9.816  1.00 77.20  ? 122 THR A C   1 
ATOM   797  O O   . THR A 1 122 ? -11.349 -5.862  -9.380  1.00 75.87  ? 122 THR A O   1 
ATOM   798  C CB  . THR A 1 122 ? -9.796  -5.675  -11.978 1.00 79.04  ? 122 THR A CB  1 
ATOM   799  O OG1 . THR A 1 122 ? -10.813 -4.710  -11.683 1.00 82.23  ? 122 THR A OG1 1 
ATOM   800  C CG2 . THR A 1 122 ? -10.278 -6.619  -13.080 1.00 80.69  ? 122 THR A CG2 1 
ATOM   801  N N   . HIS A 1 123 ? -10.838 -8.049  -9.542  1.00 76.85  ? 123 HIS A N   1 
ATOM   802  C CA  . HIS A 1 123 ? -11.957 -8.513  -8.743  1.00 76.46  ? 123 HIS A CA  1 
ATOM   803  C C   . HIS A 1 123 ? -11.530 -8.815  -7.323  1.00 75.09  ? 123 HIS A C   1 
ATOM   804  O O   . HIS A 1 123 ? -12.133 -8.333  -6.373  1.00 75.13  ? 123 HIS A O   1 
ATOM   805  C CB  . HIS A 1 123 ? -12.551 -9.771  -9.378  1.00 79.61  ? 123 HIS A CB  1 
ATOM   806  C CG  . HIS A 1 123 ? -13.997 -9.644  -9.728  1.00 81.21  ? 123 HIS A CG  1 
ATOM   807  N ND1 . HIS A 1 123 ? -14.999 -10.215 -8.972  1.00 81.55  ? 123 HIS A ND1 1 
ATOM   808  C CD2 . HIS A 1 123 ? -14.615 -8.961  -10.721 1.00 82.92  ? 123 HIS A CD2 1 
ATOM   809  C CE1 . HIS A 1 123 ? -16.172 -9.885  -9.483  1.00 83.10  ? 123 HIS A CE1 1 
ATOM   810  N NE2 . HIS A 1 123 ? -15.968 -9.125  -10.544 1.00 84.32  ? 123 HIS A NE2 1 
ATOM   811  N N   . VAL A 1 124 ? -10.499 -9.636  -7.181  1.00 74.80  ? 124 VAL A N   1 
ATOM   812  C CA  . VAL A 1 124 ? -9.982  -9.997  -5.868  1.00 74.57  ? 124 VAL A CA  1 
ATOM   813  C C   . VAL A 1 124 ? -9.457  -8.731  -5.181  1.00 73.70  ? 124 VAL A C   1 
ATOM   814  O O   . VAL A 1 124 ? -9.473  -8.617  -3.958  1.00 73.02  ? 124 VAL A O   1 
ATOM   815  C CB  . VAL A 1 124 ? -8.833  -11.000 -5.996  1.00 75.02  ? 124 VAL A CB  1 
ATOM   816  C CG1 . VAL A 1 124 ? -7.679  -10.360 -6.770  1.00 75.92  ? 124 VAL A CG1 1 
ATOM   817  C CG2 . VAL A 1 124 ? -8.369  -11.440 -4.624  1.00 75.20  ? 124 VAL A CG2 1 
ATOM   818  N N   . ALA A 1 125 ? -8.987  -7.788  -5.990  1.00 73.61  ? 125 ALA A N   1 
ATOM   819  C CA  . ALA A 1 125 ? -8.472  -6.521  -5.490  1.00 73.00  ? 125 ALA A CA  1 
ATOM   820  C C   . ALA A 1 125 ? -9.627  -5.842  -4.778  1.00 72.71  ? 125 ALA A C   1 
ATOM   821  O O   . ALA A 1 125 ? -9.546  -5.523  -3.588  1.00 73.13  ? 125 ALA A O   1 
ATOM   822  C CB  . ALA A 1 125 ? -7.986  -5.653  -6.654  1.00 70.69  ? 125 ALA A CB  1 
ATOM   823  N N   . MET A 1 126 ? -10.707 -5.641  -5.526  1.00 72.37  ? 126 MET A N   1 
ATOM   824  C CA  . MET A 1 126 ? -11.921 -5.015  -5.015  1.00 71.20  ? 126 MET A CA  1 
ATOM   825  C C   . MET A 1 126 ? -12.340 -5.654  -3.702  1.00 69.01  ? 126 MET A C   1 
ATOM   826  O O   . MET A 1 126 ? -12.694 -4.980  -2.744  1.00 69.41  ? 126 MET A O   1 
ATOM   827  C CB  . MET A 1 126 ? -13.045 -5.193  -6.018  1.00 72.96  ? 126 MET A CB  1 
ATOM   828  C CG  . MET A 1 126 ? -13.798 -3.940  -6.288  1.00 77.08  ? 126 MET A CG  1 
ATOM   829  S SD  . MET A 1 126 ? -12.867 -2.906  -7.398  1.00 81.89  ? 126 MET A SD  1 
ATOM   830  C CE  . MET A 1 126 ? -13.714 -3.314  -8.960  1.00 83.47  ? 126 MET A CE  1 
ATOM   831  N N   . ALA A 1 127 ? -12.303 -6.974  -3.680  1.00 67.31  ? 127 ALA A N   1 
ATOM   832  C CA  . ALA A 1 127 ? -12.681 -7.720  -2.508  1.00 66.54  ? 127 ALA A CA  1 
ATOM   833  C C   . ALA A 1 127 ? -11.852 -7.300  -1.324  1.00 66.41  ? 127 ALA A C   1 
ATOM   834  O O   . ALA A 1 127 ? -12.396 -6.972  -0.278  1.00 69.12  ? 127 ALA A O   1 
ATOM   835  C CB  . ALA A 1 127 ? -12.503 -9.209  -2.763  1.00 67.90  ? 127 ALA A CB  1 
ATOM   836  N N   . ALA A 1 128 ? -10.532 -7.315  -1.497  1.00 66.13  ? 128 ALA A N   1 
ATOM   837  C CA  . ALA A 1 128 ? -9.579  -6.968  -0.431  1.00 63.64  ? 128 ALA A CA  1 
ATOM   838  C C   . ALA A 1 128 ? -9.792  -5.566  0.121   1.00 61.24  ? 128 ALA A C   1 
ATOM   839  O O   . ALA A 1 128 ? -9.799  -5.360  1.326   1.00 60.61  ? 128 ALA A O   1 
ATOM   840  C CB  . ALA A 1 128 ? -8.156  -7.109  -0.945  1.00 63.27  ? 128 ALA A CB  1 
ATOM   841  N N   . ILE A 1 129 ? -9.946  -4.604  -0.771  1.00 60.02  ? 129 ILE A N   1 
ATOM   842  C CA  . ILE A 1 129 ? -10.187 -3.236  -0.377  1.00 60.40  ? 129 ILE A CA  1 
ATOM   843  C C   . ILE A 1 129 ? -11.397 -3.241  0.557   1.00 64.57  ? 129 ILE A C   1 
ATOM   844  O O   . ILE A 1 129 ? -11.360 -2.713  1.673   1.00 65.27  ? 129 ILE A O   1 
ATOM   845  C CB  . ILE A 1 129 ? -10.484 -2.405  -1.623  1.00 58.27  ? 129 ILE A CB  1 
ATOM   846  C CG1 . ILE A 1 129 ? -9.218  -2.347  -2.484  1.00 56.16  ? 129 ILE A CG1 1 
ATOM   847  C CG2 . ILE A 1 129 ? -11.025 -1.042  -1.241  1.00 56.20  ? 129 ILE A CG2 1 
ATOM   848  C CD1 . ILE A 1 129 ? -9.349  -1.536  -3.760  1.00 56.44  ? 129 ILE A CD1 1 
ATOM   849  N N   . ASN A 1 130 ? -12.462 -3.886  0.091   1.00 67.01  ? 130 ASN A N   1 
ATOM   850  C CA  . ASN A 1 130 ? -13.707 -3.981  0.822   1.00 68.23  ? 130 ASN A CA  1 
ATOM   851  C C   . ASN A 1 130 ? -13.581 -4.591  2.213   1.00 68.99  ? 130 ASN A C   1 
ATOM   852  O O   . ASN A 1 130 ? -14.254 -4.152  3.138   1.00 70.11  ? 130 ASN A O   1 
ATOM   853  C CB  . ASN A 1 130 ? -14.722 -4.764  -0.004  1.00 70.60  ? 130 ASN A CB  1 
ATOM   854  C CG  . ASN A 1 130 ? -16.099 -4.768  0.626   1.00 72.21  ? 130 ASN A CG  1 
ATOM   855  O OD1 . ASN A 1 130 ? -16.469 -5.705  1.342   1.00 74.80  ? 130 ASN A OD1 1 
ATOM   856  N ND2 . ASN A 1 130 ? -16.859 -3.707  0.385   1.00 69.88  ? 130 ASN A ND2 1 
ATOM   857  N N   . GLU A 1 131 ? -12.717 -5.585  2.373   1.00 70.22  ? 131 GLU A N   1 
ATOM   858  C CA  . GLU A 1 131 ? -12.546 -6.222  3.675   1.00 71.85  ? 131 GLU A CA  1 
ATOM   859  C C   . GLU A 1 131 ? -11.910 -5.281  4.677   1.00 72.04  ? 131 GLU A C   1 
ATOM   860  O O   . GLU A 1 131 ? -12.465 -5.041  5.746   1.00 73.16  ? 131 GLU A O   1 
ATOM   861  C CB  . GLU A 1 131 ? -11.694 -7.485  3.544   1.00 74.92  ? 131 GLU A CB  1 
ATOM   862  C CG  . GLU A 1 131 ? -12.479 -8.765  3.793   1.00 81.02  ? 131 GLU A CG  1 
ATOM   863  C CD  . GLU A 1 131 ? -12.786 -8.989  5.275   1.00 85.18  ? 131 GLU A CD  1 
ATOM   864  O OE1 . GLU A 1 131 ? -11.817 -9.128  6.066   1.00 85.57  ? 131 GLU A OE1 1 
ATOM   865  O OE2 . GLU A 1 131 ? -13.993 -9.024  5.643   1.00 86.39  ? 131 GLU A OE2 1 
ATOM   866  N N   . LEU A 1 132 ? -10.744 -4.751  4.323   1.00 71.31  ? 132 LEU A N   1 
ATOM   867  C CA  . LEU A 1 132 ? -10.011 -3.819  5.173   1.00 70.59  ? 132 LEU A CA  1 
ATOM   868  C C   . LEU A 1 132 ? -10.373 -2.434  4.667   1.00 70.51  ? 132 LEU A C   1 
ATOM   869  O O   . LEU A 1 132 ? -9.855  -1.993  3.640   1.00 75.07  ? 132 LEU A O   1 
ATOM   870  C CB  . LEU A 1 132 ? -8.506  -4.015  4.997   1.00 69.15  ? 132 LEU A CB  1 
ATOM   871  C CG  . LEU A 1 132 ? -8.004  -5.428  4.709   1.00 67.86  ? 132 LEU A CG  1 
ATOM   872  C CD1 . LEU A 1 132 ? -6.685  -5.349  3.964   1.00 68.64  ? 132 LEU A CD1 1 
ATOM   873  C CD2 . LEU A 1 132 ? -7.867  -6.198  5.999   1.00 66.61  ? 132 LEU A CD2 1 
ATOM   874  N N   . SER A 1 133 ? -11.261 -1.742  5.356   1.00 68.06  ? 133 SER A N   1 
ATOM   875  C CA  . SER A 1 133 ? -11.635 -0.413  4.902   1.00 66.83  ? 133 SER A CA  1 
ATOM   876  C C   . SER A 1 133 ? -10.579 0.605   5.326   1.00 65.19  ? 133 SER A C   1 
ATOM   877  O O   . SER A 1 133 ? -10.821 1.470   6.174   1.00 65.87  ? 133 SER A O   1 
ATOM   878  C CB  . SER A 1 133 ? -13.006 -0.042  5.457   1.00 66.15  ? 133 SER A CB  1 
ATOM   879  O OG  . SER A 1 133 ? -14.004 -0.855  4.869   1.00 66.79  ? 133 SER A OG  1 
ATOM   880  N N   . THR A 1 134 ? -9.404  0.484   4.712   1.00 63.42  ? 134 THR A N   1 
ATOM   881  C CA  . THR A 1 134 ? -8.257  1.351   4.991   1.00 60.28  ? 134 THR A CA  1 
ATOM   882  C C   . THR A 1 134 ? -7.819  2.089   3.698   1.00 58.10  ? 134 THR A C   1 
ATOM   883  O O   . THR A 1 134 ? -8.088  1.601   2.595   1.00 56.36  ? 134 THR A O   1 
ATOM   884  C CB  . THR A 1 134 ? -7.109  0.493   5.541   1.00 59.19  ? 134 THR A CB  1 
ATOM   885  O OG1 . THR A 1 134 ? -6.289  1.283   6.408   1.00 63.19  ? 134 THR A OG1 1 
ATOM   886  C CG2 . THR A 1 134 ? -6.274  -0.068  4.403   1.00 60.38  ? 134 THR A CG2 1 
ATOM   887  N N   . PRO A 1 135 ? -7.162  3.276   3.815   1.00 55.70  ? 135 PRO A N   1 
ATOM   888  C CA  . PRO A 1 135 ? -6.728  4.008   2.610   1.00 53.05  ? 135 PRO A CA  1 
ATOM   889  C C   . PRO A 1 135 ? -5.864  3.131   1.706   1.00 50.33  ? 135 PRO A C   1 
ATOM   890  O O   . PRO A 1 135 ? -4.919  2.478   2.154   1.00 50.35  ? 135 PRO A O   1 
ATOM   891  C CB  . PRO A 1 135 ? -6.004  5.235   3.183   1.00 51.41  ? 135 PRO A CB  1 
ATOM   892  C CG  . PRO A 1 135 ? -5.579  4.797   4.530   1.00 52.14  ? 135 PRO A CG  1 
ATOM   893  C CD  . PRO A 1 135 ? -6.768  4.016   5.022   1.00 53.03  ? 135 PRO A CD  1 
ATOM   894  N N   . THR A 1 136 ? -6.196  3.126   0.421   1.00 48.61  ? 136 THR A N   1 
ATOM   895  C CA  . THR A 1 136 ? -5.518  2.256   -0.524  1.00 47.23  ? 136 THR A CA  1 
ATOM   896  C C   . THR A 1 136 ? -4.936  2.891   -1.762  1.00 46.96  ? 136 THR A C   1 
ATOM   897  O O   . THR A 1 136 ? -5.598  3.680   -2.432  1.00 47.73  ? 136 THR A O   1 
ATOM   898  C CB  . THR A 1 136 ? -6.491  1.146   -0.993  1.00 48.48  ? 136 THR A CB  1 
ATOM   899  O OG1 . THR A 1 136 ? -6.994  0.439   0.152   1.00 46.69  ? 136 THR A OG1 1 
ATOM   900  C CG2 . THR A 1 136 ? -5.792  0.168   -1.935  1.00 46.09  ? 136 THR A CG2 1 
ATOM   901  N N   . LEU A 1 137 ? -3.690  2.538   -2.067  1.00 47.57  ? 137 LEU A N   1 
ATOM   902  C CA  . LEU A 1 137 ? -3.049  3.027   -3.286  1.00 47.76  ? 137 LEU A CA  1 
ATOM   903  C C   . LEU A 1 137 ? -2.954  1.835   -4.262  1.00 49.59  ? 137 LEU A C   1 
ATOM   904  O O   . LEU A 1 137 ? -2.490  0.732   -3.910  1.00 45.72  ? 137 LEU A O   1 
ATOM   905  C CB  . LEU A 1 137 ? -1.651  3.598   -3.002  1.00 45.13  ? 137 LEU A CB  1 
ATOM   906  C CG  . LEU A 1 137 ? -0.839  4.108   -4.210  1.00 45.75  ? 137 LEU A CG  1 
ATOM   907  C CD1 . LEU A 1 137 ? -1.499  5.294   -4.893  1.00 38.42  ? 137 LEU A CD1 1 
ATOM   908  C CD2 . LEU A 1 137 ? 0.556   4.484   -3.736  1.00 43.36  ? 137 LEU A CD2 1 
ATOM   909  N N   . ILE A 1 138 ? -3.440  2.070   -5.476  1.00 50.60  ? 138 ILE A N   1 
ATOM   910  C CA  . ILE A 1 138 ? -3.425  1.059   -6.522  1.00 52.45  ? 138 ILE A CA  1 
ATOM   911  C C   . ILE A 1 138 ? -2.472  1.538   -7.618  1.00 51.72  ? 138 ILE A C   1 
ATOM   912  O O   . ILE A 1 138 ? -2.747  2.513   -8.314  1.00 48.36  ? 138 ILE A O   1 
ATOM   913  C CB  . ILE A 1 138 ? -4.844  0.861   -7.150  1.00 56.14  ? 138 ILE A CB  1 
ATOM   914  C CG1 . ILE A 1 138 ? -5.895  0.660   -6.052  1.00 56.39  ? 138 ILE A CG1 1 
ATOM   915  C CG2 . ILE A 1 138 ? -4.841  -0.351  -8.079  1.00 56.58  ? 138 ILE A CG2 1 
ATOM   916  C CD1 . ILE A 1 138 ? -5.620  -0.523  -5.170  1.00 59.75  ? 138 ILE A CD1 1 
ATOM   917  N N   . VAL A 1 139 ? -1.347  0.852   -7.761  1.00 52.42  ? 139 VAL A N   1 
ATOM   918  C CA  . VAL A 1 139 ? -0.377  1.227   -8.776  1.00 53.71  ? 139 VAL A CA  1 
ATOM   919  C C   . VAL A 1 139 ? -0.518  0.349   -10.033 1.00 55.85  ? 139 VAL A C   1 
ATOM   920  O O   . VAL A 1 139 ? -0.363  -0.887  -9.999  1.00 55.21  ? 139 VAL A O   1 
ATOM   921  C CB  . VAL A 1 139 ? 1.055   1.139   -8.213  1.00 53.79  ? 139 VAL A CB  1 
ATOM   922  C CG1 . VAL A 1 139 ? 2.052   1.742   -9.221  1.00 49.73  ? 139 VAL A CG1 1 
ATOM   923  C CG2 . VAL A 1 139 ? 1.114   1.869   -6.861  1.00 51.22  ? 139 VAL A CG2 1 
ATOM   924  N N   . VAL A 1 140 ? -0.841  1.003   -11.142 1.00 58.31  ? 140 VAL A N   1 
ATOM   925  C CA  . VAL A 1 140 ? -1.029  0.311   -12.409 1.00 62.20  ? 140 VAL A CA  1 
ATOM   926  C C   . VAL A 1 140 ? -0.165  0.957   -13.508 1.00 64.96  ? 140 VAL A C   1 
ATOM   927  O O   . VAL A 1 140 ? 0.120   2.159   -13.482 1.00 63.38  ? 140 VAL A O   1 
ATOM   928  C CB  . VAL A 1 140 ? -2.544  0.339   -12.840 1.00 60.93  ? 140 VAL A CB  1 
ATOM   929  C CG1 . VAL A 1 140 ? -3.427  -0.096  -11.685 1.00 58.19  ? 140 VAL A CG1 1 
ATOM   930  C CG2 . VAL A 1 140 ? -2.945  1.729   -13.307 1.00 59.59  ? 140 VAL A CG2 1 
ATOM   931  N N   . PRO A 1 141 ? 0.298   0.155   -14.475 1.00 67.85  ? 141 PRO A N   1 
ATOM   932  C CA  . PRO A 1 141 ? 1.108   0.795   -15.512 1.00 69.29  ? 141 PRO A CA  1 
ATOM   933  C C   . PRO A 1 141 ? 0.133   1.519   -16.421 1.00 72.06  ? 141 PRO A C   1 
ATOM   934  O O   . PRO A 1 141 ? -1.056  1.204   -16.434 1.00 75.38  ? 141 PRO A O   1 
ATOM   935  C CB  . PRO A 1 141 ? 1.765   -0.390  -16.196 1.00 69.26  ? 141 PRO A CB  1 
ATOM   936  C CG  . PRO A 1 141 ? 0.687   -1.448  -16.104 1.00 69.01  ? 141 PRO A CG  1 
ATOM   937  C CD  . PRO A 1 141 ? 0.209   -1.304  -14.682 1.00 67.78  ? 141 PRO A CD  1 
ATOM   938  N N   . THR A 1 142 ? 0.611   2.504   -17.162 1.00 73.70  ? 142 THR A N   1 
ATOM   939  C CA  . THR A 1 142 ? -0.250  3.231   -18.098 1.00 74.90  ? 142 THR A CA  1 
ATOM   940  C C   . THR A 1 142 ? -1.494  3.859   -17.495 1.00 74.77  ? 142 THR A C   1 
ATOM   941  O O   . THR A 1 142 ? -2.196  3.256   -16.687 1.00 73.19  ? 142 THR A O   1 
ATOM   942  C CB  . THR A 1 142 ? -0.740  2.320   -19.265 1.00 75.85  ? 142 THR A CB  1 
ATOM   943  O OG1 . THR A 1 142 ? -2.001  1.720   -18.917 1.00 75.74  ? 142 THR A OG1 1 
ATOM   944  C CG2 . THR A 1 142 ? 0.277   1.209   -19.547 1.00 75.22  ? 142 THR A CG2 1 
ATOM   945  N N   . LEU A 1 143 ? -1.765  5.083   -17.924 1.00 76.26  ? 143 LEU A N   1 
ATOM   946  C CA  . LEU A 1 143 ? -2.930  5.805   -17.470 1.00 78.63  ? 143 LEU A CA  1 
ATOM   947  C C   . LEU A 1 143 ? -4.151  4.989   -17.875 1.00 79.60  ? 143 LEU A C   1 
ATOM   948  O O   . LEU A 1 143 ? -5.042  4.729   -17.064 1.00 80.52  ? 143 LEU A O   1 
ATOM   949  C CB  . LEU A 1 143 ? -2.975  7.181   -18.131 1.00 79.18  ? 143 LEU A CB  1 
ATOM   950  C CG  . LEU A 1 143 ? -4.060  8.139   -17.635 1.00 81.53  ? 143 LEU A CG  1 
ATOM   951  C CD1 . LEU A 1 143 ? -3.914  9.469   -18.364 1.00 81.98  ? 143 LEU A CD1 1 
ATOM   952  C CD2 . LEU A 1 143 ? -5.450  7.543   -17.861 1.00 80.96  ? 143 LEU A CD2 1 
ATOM   953  N N   . ALA A 1 144 ? -4.184  4.595   -19.143 1.00 79.20  ? 144 ALA A N   1 
ATOM   954  C CA  . ALA A 1 144 ? -5.280  3.805   -19.684 1.00 78.03  ? 144 ALA A CA  1 
ATOM   955  C C   . ALA A 1 144 ? -5.792  2.781   -18.676 1.00 77.65  ? 144 ALA A C   1 
ATOM   956  O O   . ALA A 1 144 ? -6.988  2.737   -18.392 1.00 78.47  ? 144 ALA A O   1 
ATOM   957  C CB  . ALA A 1 144 ? -4.826  3.106   -20.959 1.00 79.60  ? 144 ALA A CB  1 
ATOM   958  N N   . LEU A 1 145 ? -4.891  1.953   -18.148 1.00 76.61  ? 145 LEU A N   1 
ATOM   959  C CA  . LEU A 1 145 ? -5.265  0.946   -17.163 1.00 76.49  ? 145 LEU A CA  1 
ATOM   960  C C   . LEU A 1 145 ? -5.763  1.569   -15.863 1.00 77.74  ? 145 LEU A C   1 
ATOM   961  O O   . LEU A 1 145 ? -6.534  0.951   -15.124 1.00 78.15  ? 145 LEU A O   1 
ATOM   962  C CB  . LEU A 1 145 ? -4.084  0.036   -16.840 1.00 76.65  ? 145 LEU A CB  1 
ATOM   963  C CG  . LEU A 1 145 ? -3.832  -1.147  -17.763 1.00 77.23  ? 145 LEU A CG  1 
ATOM   964  C CD1 . LEU A 1 145 ? -2.661  -1.970  -17.239 1.00 77.90  ? 145 LEU A CD1 1 
ATOM   965  C CD2 . LEU A 1 145 ? -5.083  -2.007  -17.821 1.00 78.72  ? 145 LEU A CD2 1 
ATOM   966  N N   . ALA A 1 146 ? -5.309  2.781   -15.565 1.00 77.81  ? 146 ALA A N   1 
ATOM   967  C CA  . ALA A 1 146 ? -5.741  3.449   -14.346 1.00 78.42  ? 146 ALA A CA  1 
ATOM   968  C C   . ALA A 1 146 ? -7.185  3.877   -14.540 1.00 78.49  ? 146 ALA A C   1 
ATOM   969  O O   . ALA A 1 146 ? -8.035  3.663   -13.671 1.00 78.73  ? 146 ALA A O   1 
ATOM   970  C CB  . ALA A 1 146 ? -4.864  4.656   -14.063 1.00 77.55  ? 146 ALA A CB  1 
ATOM   971  N N   . GLU A 1 147 ? -7.452  4.484   -15.692 1.00 78.65  ? 147 GLU A N   1 
ATOM   972  C CA  . GLU A 1 147 ? -8.789  4.937   -16.038 1.00 78.92  ? 147 GLU A CA  1 
ATOM   973  C C   . GLU A 1 147 ? -9.788  3.804   -15.813 1.00 77.91  ? 147 GLU A C   1 
ATOM   974  O O   . GLU A 1 147 ? -10.870 4.008   -15.269 1.00 76.10  ? 147 GLU A O   1 
ATOM   975  C CB  . GLU A 1 147 ? -8.809  5.377   -17.499 1.00 81.35  ? 147 GLU A CB  1 
ATOM   976  C CG  . GLU A 1 147 ? -9.084  6.851   -17.686 1.00 86.27  ? 147 GLU A CG  1 
ATOM   977  C CD  . GLU A 1 147 ? -10.492 7.229   -17.253 1.00 90.41  ? 147 GLU A CD  1 
ATOM   978  O OE1 . GLU A 1 147 ? -10.822 7.100   -16.048 1.00 92.06  ? 147 GLU A OE1 1 
ATOM   979  O OE2 . GLU A 1 147 ? -11.279 7.652   -18.128 1.00 92.44  ? 147 GLU A OE2 1 
ATOM   980  N N   . GLN A 1 148 ? -9.407  2.605   -16.228 1.00 77.42  ? 148 GLN A N   1 
ATOM   981  C CA  . GLN A 1 148 ? -10.257 1.445   -16.058 1.00 78.19  ? 148 GLN A CA  1 
ATOM   982  C C   . GLN A 1 148 ? -10.526 1.190   -14.584 1.00 76.57  ? 148 GLN A C   1 
ATOM   983  O O   . GLN A 1 148 ? -11.671 1.079   -14.175 1.00 77.99  ? 148 GLN A O   1 
ATOM   984  C CB  . GLN A 1 148 ? -9.602  0.208   -16.670 1.00 82.11  ? 148 GLN A CB  1 
ATOM   985  C CG  . GLN A 1 148 ? -9.514  0.206   -18.194 1.00 85.99  ? 148 GLN A CG  1 
ATOM   986  C CD  . GLN A 1 148 ? -8.794  -1.033  -18.731 1.00 88.11  ? 148 GLN A CD  1 
ATOM   987  O OE1 . GLN A 1 148 ? -9.031  -2.153  -18.270 1.00 88.76  ? 148 GLN A OE1 1 
ATOM   988  N NE2 . GLN A 1 148 ? -7.919  -0.835  -19.715 1.00 89.13  ? 148 GLN A NE2 1 
ATOM   989  N N   . TRP A 1 149 ? -9.464  1.092   -13.790 1.00 75.11  ? 149 TRP A N   1 
ATOM   990  C CA  . TRP A 1 149 ? -9.606  0.845   -12.361 1.00 73.15  ? 149 TRP A CA  1 
ATOM   991  C C   . TRP A 1 149 ? -10.471 1.874   -11.658 1.00 73.80  ? 149 TRP A C   1 
ATOM   992  O O   . TRP A 1 149 ? -11.284 1.511   -10.812 1.00 74.27  ? 149 TRP A O   1 
ATOM   993  C CB  . TRP A 1 149 ? -8.251  0.806   -11.671 1.00 69.85  ? 149 TRP A CB  1 
ATOM   994  C CG  . TRP A 1 149 ? -7.502  -0.457  -11.882 1.00 67.47  ? 149 TRP A CG  1 
ATOM   995  C CD1 . TRP A 1 149 ? -6.740  -0.783  -12.962 1.00 66.19  ? 149 TRP A CD1 1 
ATOM   996  C CD2 . TRP A 1 149 ? -7.407  -1.561  -10.972 1.00 64.29  ? 149 TRP A CD2 1 
ATOM   997  N NE1 . TRP A 1 149 ? -6.168  -2.017  -12.778 1.00 65.42  ? 149 TRP A NE1 1 
ATOM   998  C CE2 . TRP A 1 149 ? -6.561  -2.519  -11.565 1.00 63.03  ? 149 TRP A CE2 1 
ATOM   999  C CE3 . TRP A 1 149 ? -7.954  -1.833  -9.712  1.00 64.79  ? 149 TRP A CE3 1 
ATOM   1000 C CZ2 . TRP A 1 149 ? -6.242  -3.733  -10.944 1.00 62.76  ? 149 TRP A CZ2 1 
ATOM   1001 C CZ3 . TRP A 1 149 ? -7.636  -3.050  -9.088  1.00 64.25  ? 149 TRP A CZ3 1 
ATOM   1002 C CH2 . TRP A 1 149 ? -6.788  -3.980  -9.709  1.00 62.80  ? 149 TRP A CH2 1 
ATOM   1003 N N   . LYS A 1 150 ? -10.291 3.150   -11.981 1.00 74.54  ? 150 LYS A N   1 
ATOM   1004 C CA  . LYS A 1 150 ? -11.098 4.181   -11.350 1.00 76.72  ? 150 LYS A CA  1 
ATOM   1005 C C   . LYS A 1 150 ? -12.536 3.750   -11.518 1.00 78.99  ? 150 LYS A C   1 
ATOM   1006 O O   . LYS A 1 150 ? -13.174 3.300   -10.566 1.00 78.69  ? 150 LYS A O   1 
ATOM   1007 C CB  . LYS A 1 150 ? -10.898 5.536   -12.021 1.00 77.41  ? 150 LYS A CB  1 
ATOM   1008 C CG  . LYS A 1 150 ? -9.840  6.403   -11.394 1.00 77.37  ? 150 LYS A CG  1 
ATOM   1009 C CD  . LYS A 1 150 ? -10.143 7.882   -11.627 1.00 77.73  ? 150 LYS A CD  1 
ATOM   1010 C CE  . LYS A 1 150 ? -10.283 8.207   -13.107 1.00 79.38  ? 150 LYS A CE  1 
ATOM   1011 N NZ  . LYS A 1 150 ? -10.398 9.681   -13.361 1.00 81.15  ? 150 LYS A NZ  1 
ATOM   1012 N N   . GLU A 1 151 ? -13.041 3.894   -12.739 1.00 81.91  ? 151 GLU A N   1 
ATOM   1013 C CA  . GLU A 1 151 ? -14.398 3.484   -13.045 1.00 85.01  ? 151 GLU A CA  1 
ATOM   1014 C C   . GLU A 1 151 ? -14.394 1.964   -12.950 1.00 84.32  ? 151 GLU A C   1 
ATOM   1015 O O   . GLU A 1 151 ? -14.211 1.265   -13.949 1.00 85.78  ? 151 GLU A O   1 
ATOM   1016 C CB  . GLU A 1 151 ? -14.781 3.908   -14.456 1.00 89.03  ? 151 GLU A CB  1 
ATOM   1017 C CG  . GLU A 1 151 ? -16.177 3.444   -14.842 1.00 95.98  ? 151 GLU A CG  1 
ATOM   1018 C CD  . GLU A 1 151 ? -16.447 3.541   -16.333 1.00 99.67  ? 151 GLU A CD  1 
ATOM   1019 O OE1 . GLU A 1 151 ? -17.573 3.173   -16.749 1.00 101.06 ? 151 GLU A OE1 1 
ATOM   1020 O OE2 . GLU A 1 151 ? -15.538 3.980   -17.082 1.00 101.50 ? 151 GLU A OE2 1 
ATOM   1021 N N   . ARG A 1 152 ? -14.591 1.468   -11.734 1.00 82.48  ? 152 ARG A N   1 
ATOM   1022 C CA  . ARG A 1 152 ? -14.585 0.046   -11.436 1.00 80.72  ? 152 ARG A CA  1 
ATOM   1023 C C   . ARG A 1 152 ? -14.553 0.065   -9.926  1.00 78.72  ? 152 ARG A C   1 
ATOM   1024 O O   . ARG A 1 152 ? -15.006 -0.861  -9.263  1.00 78.73  ? 152 ARG A O   1 
ATOM   1025 C CB  . ARG A 1 152 ? -13.305 -0.597  -11.961 1.00 82.88  ? 152 ARG A CB  1 
ATOM   1026 C CG  . ARG A 1 152 ? -13.318 -2.114  -12.024 1.00 87.75  ? 152 ARG A CG  1 
ATOM   1027 C CD  . ARG A 1 152 ? -14.277 -2.610  -13.108 1.00 92.78  ? 152 ARG A CD  1 
ATOM   1028 N NE  . ARG A 1 152 ? -13.884 -3.902  -13.680 1.00 96.52  ? 152 ARG A NE  1 
ATOM   1029 C CZ  . ARG A 1 152 ? -13.830 -5.054  -13.011 1.00 97.58  ? 152 ARG A CZ  1 
ATOM   1030 N NH1 . ARG A 1 152 ? -13.458 -6.165  -13.639 1.00 98.52  ? 152 ARG A NH1 1 
ATOM   1031 N NH2 . ARG A 1 152 ? -14.148 -5.104  -11.721 1.00 97.91  ? 152 ARG A NH2 1 
ATOM   1032 N N   . LEU A 1 153 ? -13.992 1.145   -9.396  1.00 76.57  ? 153 LEU A N   1 
ATOM   1033 C CA  . LEU A 1 153 ? -13.891 1.353   -7.965  1.00 74.75  ? 153 LEU A CA  1 
ATOM   1034 C C   . LEU A 1 153 ? -15.146 2.089   -7.531  1.00 74.61  ? 153 LEU A C   1 
ATOM   1035 O O   . LEU A 1 153 ? -15.447 2.188   -6.340  1.00 73.08  ? 153 LEU A O   1 
ATOM   1036 C CB  . LEU A 1 153 ? -12.670 2.206   -7.632  1.00 72.84  ? 153 LEU A CB  1 
ATOM   1037 C CG  . LEU A 1 153 ? -11.415 1.525   -7.088  1.00 71.94  ? 153 LEU A CG  1 
ATOM   1038 C CD1 . LEU A 1 153 ? -11.792 0.230   -6.390  1.00 71.67  ? 153 LEU A CD1 1 
ATOM   1039 C CD2 . LEU A 1 153 ? -10.448 1.263   -8.203  1.00 73.63  ? 153 LEU A CD2 1 
ATOM   1040 N N   . GLY A 1 154 ? -15.866 2.605   -8.525  1.00 74.83  ? 154 GLY A N   1 
ATOM   1041 C CA  . GLY A 1 154 ? -17.093 3.341   -8.281  1.00 76.18  ? 154 GLY A CA  1 
ATOM   1042 C C   . GLY A 1 154 ? -18.082 2.633   -7.370  1.00 76.56  ? 154 GLY A C   1 
ATOM   1043 O O   . GLY A 1 154 ? -18.893 3.288   -6.721  1.00 76.71  ? 154 GLY A O   1 
ATOM   1044 N N   . ILE A 1 155 ? -18.018 1.303   -7.321  1.00 76.36  ? 155 ILE A N   1 
ATOM   1045 C CA  . ILE A 1 155 ? -18.914 0.522   -6.473  1.00 76.09  ? 155 ILE A CA  1 
ATOM   1046 C C   . ILE A 1 155 ? -18.542 0.665   -5.003  1.00 76.06  ? 155 ILE A C   1 
ATOM   1047 O O   . ILE A 1 155 ? -18.794 -0.229  -4.188  1.00 77.47  ? 155 ILE A O   1 
ATOM   1048 C CB  . ILE A 1 155 ? -18.890 -0.968  -6.867  1.00 76.04  ? 155 ILE A CB  1 
ATOM   1049 C CG1 . ILE A 1 155 ? -17.451 -1.481  -6.886  1.00 75.97  ? 155 ILE A CG1 1 
ATOM   1050 C CG2 . ILE A 1 155 ? -19.545 -1.154  -8.233  1.00 75.43  ? 155 ILE A CG2 1 
ATOM   1051 C CD1 . ILE A 1 155 ? -16.899 -1.825  -5.533  1.00 75.28  ? 155 ILE A CD1 1 
ATOM   1052 N N   . PHE A 1 156 ? -17.930 1.800   -4.680  1.00 74.72  ? 156 PHE A N   1 
ATOM   1053 C CA  . PHE A 1 156 ? -17.514 2.138   -3.317  1.00 72.86  ? 156 PHE A CA  1 
ATOM   1054 C C   . PHE A 1 156 ? -17.933 3.586   -3.081  1.00 71.63  ? 156 PHE A C   1 
ATOM   1055 O O   . PHE A 1 156 ? -18.010 4.059   -1.945  1.00 72.81  ? 156 PHE A O   1 
ATOM   1056 C CB  . PHE A 1 156 ? -15.992 2.055   -3.175  1.00 70.96  ? 156 PHE A CB  1 
ATOM   1057 C CG  . PHE A 1 156 ? -15.463 0.671   -3.008  1.00 67.99  ? 156 PHE A CG  1 
ATOM   1058 C CD1 . PHE A 1 156 ? -15.814 -0.090  -1.900  1.00 67.65  ? 156 PHE A CD1 1 
ATOM   1059 C CD2 . PHE A 1 156 ? -14.570 0.145   -3.934  1.00 66.22  ? 156 PHE A CD2 1 
ATOM   1060 C CE1 . PHE A 1 156 ? -15.275 -1.354  -1.712  1.00 65.93  ? 156 PHE A CE1 1 
ATOM   1061 C CE2 . PHE A 1 156 ? -14.029 -1.115  -3.757  1.00 64.57  ? 156 PHE A CE2 1 
ATOM   1062 C CZ  . PHE A 1 156 ? -14.378 -1.867  -2.645  1.00 64.92  ? 156 PHE A CZ  1 
ATOM   1063 N N   . GLY A 1 157 ? -18.198 4.276   -4.180  1.00 70.35  ? 157 GLY A N   1 
ATOM   1064 C CA  . GLY A 1 157 ? -18.572 5.668   -4.118  1.00 70.94  ? 157 GLY A CA  1 
ATOM   1065 C C   . GLY A 1 157 ? -17.562 6.401   -4.967  1.00 71.55  ? 157 GLY A C   1 
ATOM   1066 O O   . GLY A 1 157 ? -16.376 6.431   -4.670  1.00 71.55  ? 157 GLY A O   1 
ATOM   1067 N N   . GLU A 1 158 ? -18.040 6.975   -6.052  1.00 73.43  ? 158 GLU A N   1 
ATOM   1068 C CA  . GLU A 1 158 ? -17.196 7.714   -6.969  1.00 75.33  ? 158 GLU A CA  1 
ATOM   1069 C C   . GLU A 1 158 ? -16.444 8.851   -6.252  1.00 75.94  ? 158 GLU A C   1 
ATOM   1070 O O   . GLU A 1 158 ? -15.374 9.295   -6.690  1.00 75.86  ? 158 GLU A O   1 
ATOM   1071 C CB  . GLU A 1 158 ? -18.091 8.268   -8.077  1.00 77.34  ? 158 GLU A CB  1 
ATOM   1072 C CG  . GLU A 1 158 ? -17.395 8.648   -9.361  1.00 81.81  ? 158 GLU A CG  1 
ATOM   1073 C CD  . GLU A 1 158 ? -18.395 8.985   -10.451 1.00 84.81  ? 158 GLU A CD  1 
ATOM   1074 O OE1 . GLU A 1 158 ? -19.562 9.276   -10.104 1.00 85.96  ? 158 GLU A OE1 1 
ATOM   1075 O OE2 . GLU A 1 158 ? -18.018 8.953   -11.647 1.00 85.76  ? 158 GLU A OE2 1 
ATOM   1076 N N   . GLU A 1 159 ? -17.007 9.313   -5.142  1.00 75.26  ? 159 GLU A N   1 
ATOM   1077 C CA  . GLU A 1 159 ? -16.404 10.406  -4.392  1.00 74.89  ? 159 GLU A CA  1 
ATOM   1078 C C   . GLU A 1 159 ? -15.170 10.015  -3.584  1.00 73.44  ? 159 GLU A C   1 
ATOM   1079 O O   . GLU A 1 159 ? -14.398 10.889  -3.185  1.00 72.66  ? 159 GLU A O   1 
ATOM   1080 C CB  . GLU A 1 159 ? -17.437 11.051  -3.452  1.00 75.62  ? 159 GLU A CB  1 
ATOM   1081 C CG  . GLU A 1 159 ? -17.441 10.537  -2.008  1.00 77.10  ? 159 GLU A CG  1 
ATOM   1082 C CD  . GLU A 1 159 ? -18.839 10.206  -1.481  1.00 81.45  ? 159 GLU A CD  1 
ATOM   1083 O OE1 . GLU A 1 159 ? -19.292 10.909  -0.548  1.00 80.40  ? 159 GLU A OE1 1 
ATOM   1084 O OE2 . GLU A 1 159 ? -19.485 9.252   -1.990  1.00 81.89  ? 159 GLU A OE2 1 
ATOM   1085 N N   . TYR A 1 160 ? -14.992 8.716   -3.337  1.00 71.52  ? 160 TYR A N   1 
ATOM   1086 C CA  . TYR A 1 160 ? -13.856 8.214   -2.563  1.00 69.10  ? 160 TYR A CA  1 
ATOM   1087 C C   . TYR A 1 160 ? -12.739 7.745   -3.467  1.00 67.38  ? 160 TYR A C   1 
ATOM   1088 O O   . TYR A 1 160 ? -11.665 7.382   -2.996  1.00 67.97  ? 160 TYR A O   1 
ATOM   1089 C CB  . TYR A 1 160 ? -14.264 7.031   -1.697  1.00 70.34  ? 160 TYR A CB  1 
ATOM   1090 C CG  . TYR A 1 160 ? -15.330 7.328   -0.684  1.00 74.60  ? 160 TYR A CG  1 
ATOM   1091 C CD1 . TYR A 1 160 ? -15.124 8.279   0.313   1.00 76.17  ? 160 TYR A CD1 1 
ATOM   1092 C CD2 . TYR A 1 160 ? -16.544 6.644   -0.706  1.00 76.40  ? 160 TYR A CD2 1 
ATOM   1093 C CE1 . TYR A 1 160 ? -16.098 8.544   1.268   1.00 78.68  ? 160 TYR A CE1 1 
ATOM   1094 C CE2 . TYR A 1 160 ? -17.528 6.896   0.242   1.00 79.58  ? 160 TYR A CE2 1 
ATOM   1095 C CZ  . TYR A 1 160 ? -17.301 7.849   1.231   1.00 81.32  ? 160 TYR A CZ  1 
ATOM   1096 O OH  . TYR A 1 160 ? -18.270 8.094   2.185   1.00 81.80  ? 160 TYR A OH  1 
ATOM   1097 N N   . VAL A 1 161 ? -12.998 7.741   -4.765  1.00 65.64  ? 161 VAL A N   1 
ATOM   1098 C CA  . VAL A 1 161 ? -12.014 7.286   -5.726  1.00 62.60  ? 161 VAL A CA  1 
ATOM   1099 C C   . VAL A 1 161 ? -11.256 8.415   -6.407  1.00 61.78  ? 161 VAL A C   1 
ATOM   1100 O O   . VAL A 1 161 ? -11.844 9.295   -7.037  1.00 59.82  ? 161 VAL A O   1 
ATOM   1101 C CB  . VAL A 1 161 ? -12.679 6.397   -6.770  1.00 62.25  ? 161 VAL A CB  1 
ATOM   1102 C CG1 . VAL A 1 161 ? -11.673 5.994   -7.822  1.00 61.70  ? 161 VAL A CG1 1 
ATOM   1103 C CG2 . VAL A 1 161 ? -13.257 5.165   -6.081  1.00 62.08  ? 161 VAL A CG2 1 
ATOM   1104 N N   . GLY A 1 162 ? -9.935  8.379   -6.268  1.00 61.40  ? 162 GLY A N   1 
ATOM   1105 C CA  . GLY A 1 162 ? -9.118  9.414   -6.861  1.00 61.68  ? 162 GLY A CA  1 
ATOM   1106 C C   . GLY A 1 162 ? -8.018  8.878   -7.738  1.00 62.15  ? 162 GLY A C   1 
ATOM   1107 O O   . GLY A 1 162 ? -7.709  7.687   -7.730  1.00 60.78  ? 162 GLY A O   1 
ATOM   1108 N N   . GLU A 1 163 ? -7.425  9.784   -8.502  1.00 62.73  ? 163 GLU A N   1 
ATOM   1109 C CA  . GLU A 1 163 ? -6.338  9.451   -9.405  1.00 64.16  ? 163 GLU A CA  1 
ATOM   1110 C C   . GLU A 1 163 ? -5.134  10.330  -9.117  1.00 63.01  ? 163 GLU A C   1 
ATOM   1111 O O   . GLU A 1 163 ? -5.255  11.539  -8.942  1.00 61.52  ? 163 GLU A O   1 
ATOM   1112 C CB  . GLU A 1 163 ? -6.780  9.664   -10.850 1.00 66.13  ? 163 GLU A CB  1 
ATOM   1113 C CG  . GLU A 1 163 ? -5.660  9.603   -11.867 1.00 70.25  ? 163 GLU A CG  1 
ATOM   1114 C CD  . GLU A 1 163 ? -6.100  10.106  -13.234 1.00 73.69  ? 163 GLU A CD  1 
ATOM   1115 O OE1 . GLU A 1 163 ? -5.222  10.337  -14.096 1.00 72.30  ? 163 GLU A OE1 1 
ATOM   1116 O OE2 . GLU A 1 163 ? -7.327  10.272  -13.439 1.00 74.78  ? 163 GLU A OE2 1 
ATOM   1117 N N   . PHE A 1 164 ? -3.965  9.718   -9.050  1.00 62.96  ? 164 PHE A N   1 
ATOM   1118 C CA  . PHE A 1 164 ? -2.765  10.484  -8.813  1.00 63.77  ? 164 PHE A CA  1 
ATOM   1119 C C   . PHE A 1 164 ? -1.843  10.146  -9.963  1.00 64.67  ? 164 PHE A C   1 
ATOM   1120 O O   . PHE A 1 164 ? -1.228  9.086   -9.991  1.00 64.83  ? 164 PHE A O   1 
ATOM   1121 C CB  . PHE A 1 164 ? -2.144  10.103  -7.478  1.00 63.88  ? 164 PHE A CB  1 
ATOM   1122 C CG  . PHE A 1 164 ? -1.114  11.081  -6.990  1.00 63.99  ? 164 PHE A CG  1 
ATOM   1123 C CD1 . PHE A 1 164 ? 0.198   11.025  -7.458  1.00 62.17  ? 164 PHE A CD1 1 
ATOM   1124 C CD2 . PHE A 1 164 ? -1.456  12.055  -6.052  1.00 62.51  ? 164 PHE A CD2 1 
ATOM   1125 C CE1 . PHE A 1 164 ? 1.152   11.916  -6.995  1.00 62.95  ? 164 PHE A CE1 1 
ATOM   1126 C CE2 . PHE A 1 164 ? -0.508  12.956  -5.583  1.00 62.96  ? 164 PHE A CE2 1 
ATOM   1127 C CZ  . PHE A 1 164 ? 0.804   12.884  -6.057  1.00 63.01  ? 164 PHE A CZ  1 
ATOM   1128 N N   . SER A 1 165 ? -1.783  11.040  -10.936 1.00 65.87  ? 165 SER A N   1 
ATOM   1129 C CA  . SER A 1 165 ? -0.949  10.811  -12.100 1.00 68.84  ? 165 SER A CA  1 
ATOM   1130 C C   . SER A 1 165 ? -0.502  12.138  -12.690 1.00 70.42  ? 165 SER A C   1 
ATOM   1131 O O   . SER A 1 165 ? -0.862  13.202  -12.191 1.00 70.74  ? 165 SER A O   1 
ATOM   1132 C CB  . SER A 1 165 ? -1.730  10.008  -13.146 1.00 68.55  ? 165 SER A CB  1 
ATOM   1133 O OG  . SER A 1 165 ? -2.860  10.733  -13.595 1.00 67.04  ? 165 SER A OG  1 
ATOM   1134 N N   . GLY A 1 166 ? 0.285   12.075  -13.754 1.00 72.88  ? 166 GLY A N   1 
ATOM   1135 C CA  . GLY A 1 166 ? 0.750   13.297  -14.381 1.00 75.61  ? 166 GLY A CA  1 
ATOM   1136 C C   . GLY A 1 166 ? -0.421  14.079  -14.930 1.00 77.78  ? 166 GLY A C   1 
ATOM   1137 O O   . GLY A 1 166 ? -0.281  15.235  -15.326 1.00 77.84  ? 166 GLY A O   1 
ATOM   1138 N N   . ARG A 1 167 ? -1.586  13.433  -14.943 1.00 79.66  ? 167 ARG A N   1 
ATOM   1139 C CA  . ARG A 1 167 ? -2.817  14.030  -15.453 1.00 80.19  ? 167 ARG A CA  1 
ATOM   1140 C C   . ARG A 1 167 ? -3.563  14.782  -14.349 1.00 80.11  ? 167 ARG A C   1 
ATOM   1141 O O   . ARG A 1 167 ? -4.120  15.852  -14.591 1.00 81.81  ? 167 ARG A O   1 
ATOM   1142 C CB  . ARG A 1 167 ? -3.714  12.932  -16.032 1.00 80.23  ? 167 ARG A CB  1 
ATOM   1143 C CG  . ARG A 1 167 ? -4.749  13.433  -17.019 1.00 81.96  ? 167 ARG A CG  1 
ATOM   1144 C CD  . ARG A 1 167 ? -5.525  12.280  -17.642 1.00 82.60  ? 167 ARG A CD  1 
ATOM   1145 N NE  . ARG A 1 167 ? -6.621  11.812  -16.798 1.00 84.58  ? 167 ARG A NE  1 
ATOM   1146 C CZ  . ARG A 1 167 ? -7.356  10.731  -17.056 1.00 86.68  ? 167 ARG A CZ  1 
ATOM   1147 N NH1 . ARG A 1 167 ? -8.341  10.379  -16.233 1.00 85.95  ? 167 ARG A NH1 1 
ATOM   1148 N NH2 . ARG A 1 167 ? -7.101  9.994   -18.130 1.00 87.61  ? 167 ARG A NH2 1 
ATOM   1149 N N   . ILE A 1 168 ? -3.564  14.211  -13.145 1.00 78.86  ? 168 ILE A N   1 
ATOM   1150 C CA  . ILE A 1 168 ? -4.230  14.792  -11.975 1.00 76.24  ? 168 ILE A CA  1 
ATOM   1151 C C   . ILE A 1 168 ? -3.607  14.186  -10.713 1.00 75.05  ? 168 ILE A C   1 
ATOM   1152 O O   . ILE A 1 168 ? -3.322  12.981  -10.669 1.00 75.40  ? 168 ILE A O   1 
ATOM   1153 C CB  . ILE A 1 168 ? -5.754  14.472  -11.974 1.00 76.97  ? 168 ILE A CB  1 
ATOM   1154 C CG1 . ILE A 1 168 ? -6.448  15.160  -10.794 1.00 78.65  ? 168 ILE A CG1 1 
ATOM   1155 C CG2 . ILE A 1 168 ? -5.978  12.971  -11.862 1.00 75.16  ? 168 ILE A CG2 1 
ATOM   1156 C CD1 . ILE A 1 168 ? -6.477  16.692  -10.877 1.00 80.28  ? 168 ILE A CD1 1 
ATOM   1157 N N   . LYS A 1 169 ? -3.389  15.014  -9.694  1.00 72.20  ? 169 LYS A N   1 
ATOM   1158 C CA  . LYS A 1 169 ? -2.810  14.529  -8.444  1.00 69.54  ? 169 LYS A CA  1 
ATOM   1159 C C   . LYS A 1 169 ? -3.816  14.721  -7.314  1.00 67.84  ? 169 LYS A C   1 
ATOM   1160 O O   . LYS A 1 169 ? -3.758  15.705  -6.578  1.00 68.05  ? 169 LYS A O   1 
ATOM   1161 C CB  . LYS A 1 169 ? -1.519  15.290  -8.091  1.00 69.74  ? 169 LYS A CB  1 
ATOM   1162 C CG  . LYS A 1 169 ? -0.571  15.581  -9.248  1.00 70.71  ? 169 LYS A CG  1 
ATOM   1163 C CD  . LYS A 1 169 ? 0.404   14.438  -9.595  1.00 71.73  ? 169 LYS A CD  1 
ATOM   1164 C CE  . LYS A 1 169 ? 1.329   14.862  -10.759 1.00 69.55  ? 169 LYS A CE  1 
ATOM   1165 N NZ  . LYS A 1 169 ? 2.371   13.852  -11.141 1.00 73.14  ? 169 LYS A NZ  1 
ATOM   1166 N N   . GLU A 1 170 ? -4.748  13.788  -7.176  1.00 66.14  ? 170 GLU A N   1 
ATOM   1167 C CA  . GLU A 1 170 ? -5.731  13.883  -6.112  1.00 65.53  ? 170 GLU A CA  1 
ATOM   1168 C C   . GLU A 1 170 ? -5.523  12.736  -5.125  1.00 63.26  ? 170 GLU A C   1 
ATOM   1169 O O   . GLU A 1 170 ? -5.135  11.641  -5.507  1.00 63.06  ? 170 GLU A O   1 
ATOM   1170 C CB  . GLU A 1 170 ? -7.144  13.860  -6.701  1.00 67.69  ? 170 GLU A CB  1 
ATOM   1171 C CG  . GLU A 1 170 ? -7.522  12.568  -7.379  1.00 72.83  ? 170 GLU A CG  1 
ATOM   1172 C CD  . GLU A 1 170 ? -8.795  12.694  -8.201  1.00 75.58  ? 170 GLU A CD  1 
ATOM   1173 O OE1 . GLU A 1 170 ? -9.212  11.680  -8.806  1.00 75.87  ? 170 GLU A OE1 1 
ATOM   1174 O OE2 . GLU A 1 170 ? -9.373  13.806  -8.238  1.00 75.58  ? 170 GLU A OE2 1 
ATOM   1175 N N   . LEU A 1 171 ? -5.769  12.989  -3.847  1.00 61.66  ? 171 LEU A N   1 
ATOM   1176 C CA  . LEU A 1 171 ? -5.580  11.967  -2.823  1.00 60.40  ? 171 LEU A CA  1 
ATOM   1177 C C   . LEU A 1 171 ? -6.881  11.596  -2.134  1.00 60.67  ? 171 LEU A C   1 
ATOM   1178 O O   . LEU A 1 171 ? -7.315  12.275  -1.195  1.00 61.02  ? 171 LEU A O   1 
ATOM   1179 C CB  . LEU A 1 171 ? -4.576  12.452  -1.775  1.00 59.92  ? 171 LEU A CB  1 
ATOM   1180 C CG  . LEU A 1 171 ? -3.168  12.805  -2.251  1.00 60.20  ? 171 LEU A CG  1 
ATOM   1181 C CD1 . LEU A 1 171 ? -2.541  13.795  -1.305  1.00 61.99  ? 171 LEU A CD1 1 
ATOM   1182 C CD2 . LEU A 1 171 ? -2.328  11.552  -2.348  1.00 61.62  ? 171 LEU A CD2 1 
ATOM   1183 N N   . LYS A 1 172 ? -7.512  10.526  -2.604  1.00 59.08  ? 172 LYS A N   1 
ATOM   1184 C CA  . LYS A 1 172 ? -8.757  10.048  -2.005  1.00 57.79  ? 172 LYS A CA  1 
ATOM   1185 C C   . LYS A 1 172 ? -8.393  8.770   -1.265  1.00 55.47  ? 172 LYS A C   1 
ATOM   1186 O O   . LYS A 1 172 ? -7.292  8.263   -1.434  1.00 53.43  ? 172 LYS A O   1 
ATOM   1187 C CB  . LYS A 1 172 ? -9.796  9.730   -3.087  1.00 60.27  ? 172 LYS A CB  1 
ATOM   1188 C CG  . LYS A 1 172 ? -10.808 10.821  -3.346  1.00 60.35  ? 172 LYS A CG  1 
ATOM   1189 C CD  . LYS A 1 172 ? -10.239 11.902  -4.198  1.00 61.40  ? 172 LYS A CD  1 
ATOM   1190 C CE  . LYS A 1 172 ? -11.259 12.995  -4.388  1.00 66.06  ? 172 LYS A CE  1 
ATOM   1191 N NZ  . LYS A 1 172 ? -12.538 12.487  -4.967  1.00 70.06  ? 172 LYS A NZ  1 
ATOM   1192 N N   . PRO A 1 173 ? -9.296  8.250   -0.413  1.00 53.41  ? 173 PRO A N   1 
ATOM   1193 C CA  . PRO A 1 173 ? -8.994  7.012   0.318   1.00 52.75  ? 173 PRO A CA  1 
ATOM   1194 C C   . PRO A 1 173 ? -8.682  5.844   -0.628  1.00 51.92  ? 173 PRO A C   1 
ATOM   1195 O O   . PRO A 1 173 ? -8.060  4.855   -0.245  1.00 49.71  ? 173 PRO A O   1 
ATOM   1196 C CB  . PRO A 1 173 ? -10.251 6.781   1.167   1.00 52.20  ? 173 PRO A CB  1 
ATOM   1197 C CG  . PRO A 1 173 ? -11.305 7.645   0.510   1.00 54.19  ? 173 PRO A CG  1 
ATOM   1198 C CD  . PRO A 1 173 ? -10.549 8.849   0.069   1.00 52.54  ? 173 PRO A CD  1 
ATOM   1199 N N   . LEU A 1 174 ? -9.139  5.967   -1.867  1.00 53.61  ? 174 LEU A N   1 
ATOM   1200 C CA  . LEU A 1 174 ? -8.874  4.960   -2.890  1.00 53.93  ? 174 LEU A CA  1 
ATOM   1201 C C   . LEU A 1 174 ? -8.298  5.724   -4.067  1.00 53.96  ? 174 LEU A C   1 
ATOM   1202 O O   . LEU A 1 174 ? -9.033  6.391   -4.807  1.00 52.69  ? 174 LEU A O   1 
ATOM   1203 C CB  . LEU A 1 174 ? -10.157 4.239   -3.317  1.00 54.71  ? 174 LEU A CB  1 
ATOM   1204 C CG  . LEU A 1 174 ? -10.916 3.435   -2.253  1.00 55.85  ? 174 LEU A CG  1 
ATOM   1205 C CD1 . LEU A 1 174 ? -12.152 2.826   -2.884  1.00 54.74  ? 174 LEU A CD1 1 
ATOM   1206 C CD2 . LEU A 1 174 ? -10.025 2.361   -1.661  1.00 53.67  ? 174 LEU A CD2 1 
ATOM   1207 N N   . THR A 1 175 ? -6.977  5.672   -4.220  1.00 54.07  ? 175 THR A N   1 
ATOM   1208 C CA  . THR A 1 175 ? -6.369  6.375   -5.333  1.00 55.55  ? 175 THR A CA  1 
ATOM   1209 C C   . THR A 1 175 ? -5.559  5.412   -6.169  1.00 55.23  ? 175 THR A C   1 
ATOM   1210 O O   . THR A 1 175 ? -4.775  4.603   -5.646  1.00 55.56  ? 175 THR A O   1 
ATOM   1211 C CB  . THR A 1 175 ? -5.480  7.555   -4.870  1.00 56.56  ? 175 THR A CB  1 
ATOM   1212 O OG1 . THR A 1 175 ? -4.105  7.276   -5.154  1.00 57.67  ? 175 THR A OG1 1 
ATOM   1213 C CG2 . THR A 1 175 ? -5.649  7.789   -3.411  1.00 54.63  ? 175 THR A CG2 1 
ATOM   1214 N N   . VAL A 1 176 ? -5.793  5.480   -7.476  1.00 56.16  ? 176 VAL A N   1 
ATOM   1215 C CA  . VAL A 1 176 ? -5.095  4.627   -8.419  1.00 55.67  ? 176 VAL A CA  1 
ATOM   1216 C C   . VAL A 1 176 ? -4.018  5.484   -9.048  1.00 54.88  ? 176 VAL A C   1 
ATOM   1217 O O   . VAL A 1 176 ? -4.263  6.621   -9.463  1.00 53.46  ? 176 VAL A O   1 
ATOM   1218 C CB  . VAL A 1 176 ? -6.042  4.072   -9.508  1.00 55.59  ? 176 VAL A CB  1 
ATOM   1219 C CG1 . VAL A 1 176 ? -7.283  3.482   -8.861  1.00 51.33  ? 176 VAL A CG1 1 
ATOM   1220 C CG2 . VAL A 1 176 ? -6.417  5.157   -10.464 1.00 55.13  ? 176 VAL A CG2 1 
ATOM   1221 N N   . SER A 1 177 ? -2.819  4.928   -9.099  1.00 57.14  ? 177 SER A N   1 
ATOM   1222 C CA  . SER A 1 177 ? -1.678  5.629   -9.645  1.00 59.70  ? 177 SER A CA  1 
ATOM   1223 C C   . SER A 1 177 ? -0.975  4.781   -10.698 1.00 61.68  ? 177 SER A C   1 
ATOM   1224 O O   . SER A 1 177 ? -1.219  3.578   -10.817 1.00 60.78  ? 177 SER A O   1 
ATOM   1225 C CB  . SER A 1 177 ? -0.709  5.952   -8.506  1.00 60.55  ? 177 SER A CB  1 
ATOM   1226 O OG  . SER A 1 177 ? -0.125  7.225   -8.691  1.00 63.87  ? 177 SER A OG  1 
ATOM   1227 N N   . THR A 1 178 ? -0.093  5.422   -11.460 1.00 65.01  ? 178 THR A N   1 
ATOM   1228 C CA  . THR A 1 178 ? 0.680   4.745   -12.492 1.00 66.50  ? 178 THR A CA  1 
ATOM   1229 C C   . THR A 1 178 ? 2.061   4.453   -11.923 1.00 67.05  ? 178 THR A C   1 
ATOM   1230 O O   . THR A 1 178 ? 2.536   5.186   -11.066 1.00 67.24  ? 178 THR A O   1 
ATOM   1231 C CB  . THR A 1 178 ? 0.801   5.637   -13.720 1.00 67.11  ? 178 THR A CB  1 
ATOM   1232 O OG1 . THR A 1 178 ? 1.173   6.951   -13.300 1.00 68.51  ? 178 THR A OG1 1 
ATOM   1233 C CG2 . THR A 1 178 ? -0.539  5.724   -14.451 1.00 66.83  ? 178 THR A CG2 1 
ATOM   1234 N N   . TYR A 1 179 ? 2.702   3.381   -12.376 1.00 69.34  ? 179 TYR A N   1 
ATOM   1235 C CA  . TYR A 1 179 ? 4.027   3.067   -11.864 1.00 72.05  ? 179 TYR A CA  1 
ATOM   1236 C C   . TYR A 1 179 ? 4.907   4.313   -11.901 1.00 72.14  ? 179 TYR A C   1 
ATOM   1237 O O   . TYR A 1 179 ? 5.698   4.558   -10.994 1.00 72.58  ? 179 TYR A O   1 
ATOM   1238 C CB  . TYR A 1 179 ? 4.663   1.922   -12.661 1.00 75.32  ? 179 TYR A CB  1 
ATOM   1239 C CG  . TYR A 1 179 ? 4.300   0.547   -12.113 1.00 81.64  ? 179 TYR A CG  1 
ATOM   1240 C CD1 . TYR A 1 179 ? 3.103   -0.097  -12.473 1.00 83.20  ? 179 TYR A CD1 1 
ATOM   1241 C CD2 . TYR A 1 179 ? 5.130   -0.091  -11.183 1.00 83.79  ? 179 TYR A CD2 1 
ATOM   1242 C CE1 . TYR A 1 179 ? 2.746   -1.344  -11.914 1.00 82.52  ? 179 TYR A CE1 1 
ATOM   1243 C CE2 . TYR A 1 179 ? 4.781   -1.329  -10.618 1.00 84.48  ? 179 TYR A CE2 1 
ATOM   1244 C CZ  . TYR A 1 179 ? 3.593   -1.948  -10.984 1.00 84.50  ? 179 TYR A CZ  1 
ATOM   1245 O OH  . TYR A 1 179 ? 3.271   -3.155  -10.398 1.00 84.81  ? 179 TYR A OH  1 
ATOM   1246 N N   . ASP A 1 180 ? 4.737   5.114   -12.945 1.00 71.24  ? 180 ASP A N   1 
ATOM   1247 C CA  . ASP A 1 180 ? 5.489   6.348   -13.113 1.00 70.78  ? 180 ASP A CA  1 
ATOM   1248 C C   . ASP A 1 180 ? 5.219   7.361   -12.012 1.00 68.91  ? 180 ASP A C   1 
ATOM   1249 O O   . ASP A 1 180 ? 6.080   7.648   -11.186 1.00 69.76  ? 180 ASP A O   1 
ATOM   1250 C CB  . ASP A 1 180 ? 5.142   7.007   -14.451 1.00 73.84  ? 180 ASP A CB  1 
ATOM   1251 C CG  . ASP A 1 180 ? 6.210   6.802   -15.506 1.00 76.34  ? 180 ASP A CG  1 
ATOM   1252 O OD1 . ASP A 1 180 ? 6.339   5.674   -16.044 1.00 77.55  ? 180 ASP A OD1 1 
ATOM   1253 O OD2 . ASP A 1 180 ? 6.925   7.783   -15.790 1.00 79.47  ? 180 ASP A OD2 1 
ATOM   1254 N N   . SER A 1 181 ? 4.014   7.913   -12.027 1.00 66.40  ? 181 SER A N   1 
ATOM   1255 C CA  . SER A 1 181 ? 3.608   8.915   -11.060 1.00 64.80  ? 181 SER A CA  1 
ATOM   1256 C C   . SER A 1 181 ? 3.877   8.515   -9.603  1.00 62.99  ? 181 SER A C   1 
ATOM   1257 O O   . SER A 1 181 ? 4.223   9.354   -8.772  1.00 61.01  ? 181 SER A O   1 
ATOM   1258 C CB  . SER A 1 181 ? 2.128   9.222   -11.252 1.00 64.74  ? 181 SER A CB  1 
ATOM   1259 O OG  . SER A 1 181 ? 1.784   10.425  -10.590 1.00 70.38  ? 181 SER A OG  1 
ATOM   1260 N N   . ALA A 1 182 ? 3.714   7.233   -9.299  1.00 61.80  ? 182 ALA A N   1 
ATOM   1261 C CA  . ALA A 1 182 ? 3.945   6.729   -7.957  1.00 61.06  ? 182 ALA A CA  1 
ATOM   1262 C C   . ALA A 1 182 ? 5.430   6.753   -7.618  1.00 61.83  ? 182 ALA A C   1 
ATOM   1263 O O   . ALA A 1 182 ? 5.813   7.118   -6.507  1.00 62.85  ? 182 ALA A O   1 
ATOM   1264 C CB  . ALA A 1 182 ? 3.399   5.311   -7.822  1.00 57.80  ? 182 ALA A CB  1 
ATOM   1265 N N   . TYR A 1 183 ? 6.264   6.360   -8.574  1.00 62.55  ? 183 TYR A N   1 
ATOM   1266 C CA  . TYR A 1 183 ? 7.707   6.348   -8.362  1.00 61.65  ? 183 TYR A CA  1 
ATOM   1267 C C   . TYR A 1 183 ? 8.222   7.759   -8.052  1.00 59.60  ? 183 TYR A C   1 
ATOM   1268 O O   . TYR A 1 183 ? 8.945   7.976   -7.078  1.00 57.58  ? 183 TYR A O   1 
ATOM   1269 C CB  . TYR A 1 183 ? 8.409   5.772   -9.601  1.00 63.76  ? 183 TYR A CB  1 
ATOM   1270 C CG  . TYR A 1 183 ? 9.913   5.995   -9.629  1.00 67.21  ? 183 TYR A CG  1 
ATOM   1271 C CD1 . TYR A 1 183 ? 10.450  7.212   -10.070 1.00 66.63  ? 183 TYR A CD1 1 
ATOM   1272 C CD2 . TYR A 1 183 ? 10.798  5.007   -9.183  1.00 67.54  ? 183 TYR A CD2 1 
ATOM   1273 C CE1 . TYR A 1 183 ? 11.813  7.440   -10.063 1.00 67.64  ? 183 TYR A CE1 1 
ATOM   1274 C CE2 . TYR A 1 183 ? 12.177  5.230   -9.174  1.00 69.05  ? 183 TYR A CE2 1 
ATOM   1275 C CZ  . TYR A 1 183 ? 12.670  6.453   -9.617  1.00 69.14  ? 183 TYR A CZ  1 
ATOM   1276 O OH  . TYR A 1 183 ? 14.022  6.691   -9.619  1.00 72.39  ? 183 TYR A OH  1 
ATOM   1277 N N   . VAL A 1 184 ? 7.824   8.714   -8.878  1.00 58.64  ? 184 VAL A N   1 
ATOM   1278 C CA  . VAL A 1 184 ? 8.240   10.090  -8.718  1.00 58.39  ? 184 VAL A CA  1 
ATOM   1279 C C   . VAL A 1 184 ? 7.710   10.780  -7.460  1.00 59.92  ? 184 VAL A C   1 
ATOM   1280 O O   . VAL A 1 184 ? 8.392   11.640  -6.908  1.00 62.24  ? 184 VAL A O   1 
ATOM   1281 C CB  . VAL A 1 184 ? 7.844   10.910  -9.967  1.00 57.39  ? 184 VAL A CB  1 
ATOM   1282 C CG1 . VAL A 1 184 ? 8.145   12.378  -9.764  1.00 58.26  ? 184 VAL A CG1 1 
ATOM   1283 C CG2 . VAL A 1 184 ? 8.611   10.403  -11.165 1.00 60.06  ? 184 VAL A CG2 1 
ATOM   1284 N N   . ASN A 1 185 ? 6.512   10.419  -6.999  1.00 59.36  ? 185 ASN A N   1 
ATOM   1285 C CA  . ASN A 1 185 ? 5.943   11.049  -5.806  1.00 58.29  ? 185 ASN A CA  1 
ATOM   1286 C C   . ASN A 1 185 ? 5.927   10.121  -4.605  1.00 58.00  ? 185 ASN A C   1 
ATOM   1287 O O   . ASN A 1 185 ? 5.021   10.172  -3.780  1.00 57.55  ? 185 ASN A O   1 
ATOM   1288 C CB  . ASN A 1 185 ? 4.521   11.533  -6.082  1.00 57.44  ? 185 ASN A CB  1 
ATOM   1289 C CG  . ASN A 1 185 ? 4.450   12.481  -7.255  1.00 60.05  ? 185 ASN A CG  1 
ATOM   1290 O OD1 . ASN A 1 185 ? 4.546   12.066  -8.411  1.00 62.51  ? 185 ASN A OD1 1 
ATOM   1291 N ND2 . ASN A 1 185 ? 4.287   13.763  -6.966  1.00 57.14  ? 185 ASN A ND2 1 
ATOM   1292 N N   . ALA A 1 186 ? 6.945   9.286   -4.504  1.00 60.18  ? 186 ALA A N   1 
ATOM   1293 C CA  . ALA A 1 186 ? 7.045   8.330   -3.420  1.00 62.26  ? 186 ALA A CA  1 
ATOM   1294 C C   . ALA A 1 186 ? 7.027   9.059   -2.096  1.00 64.40  ? 186 ALA A C   1 
ATOM   1295 O O   . ALA A 1 186 ? 6.450   8.577   -1.118  1.00 63.07  ? 186 ALA A O   1 
ATOM   1296 C CB  . ALA A 1 186 ? 8.322   7.509   -3.561  1.00 62.94  ? 186 ALA A CB  1 
ATOM   1297 N N   . GLU A 1 187 ? 7.661   10.224  -2.070  1.00 65.93  ? 187 GLU A N   1 
ATOM   1298 C CA  . GLU A 1 187 ? 7.706   11.039  -0.865  1.00 67.26  ? 187 GLU A CA  1 
ATOM   1299 C C   . GLU A 1 187 ? 6.287   11.364  -0.396  1.00 64.48  ? 187 GLU A C   1 
ATOM   1300 O O   . GLU A 1 187 ? 5.926   11.143  0.753   1.00 67.29  ? 187 GLU A O   1 
ATOM   1301 C CB  . GLU A 1 187 ? 8.475   12.336  -1.156  1.00 72.01  ? 187 GLU A CB  1 
ATOM   1302 C CG  . GLU A 1 187 ? 8.419   12.826  -2.612  1.00 77.85  ? 187 GLU A CG  1 
ATOM   1303 C CD  . GLU A 1 187 ? 7.682   14.150  -2.784  1.00 82.61  ? 187 GLU A CD  1 
ATOM   1304 O OE1 . GLU A 1 187 ? 7.732   14.966  -1.832  1.00 84.99  ? 187 GLU A OE1 1 
ATOM   1305 O OE2 . GLU A 1 187 ? 7.067   14.378  -3.862  1.00 81.06  ? 187 GLU A OE2 1 
ATOM   1306 N N   . LYS A 1 188 ? 5.490   11.880  -1.314  1.00 61.19  ? 188 LYS A N   1 
ATOM   1307 C CA  . LYS A 1 188 ? 4.122   12.303  -1.063  1.00 57.90  ? 188 LYS A CA  1 
ATOM   1308 C C   . LYS A 1 188 ? 3.085   11.199  -0.796  1.00 56.65  ? 188 LYS A C   1 
ATOM   1309 O O   . LYS A 1 188 ? 2.117   11.399  -0.049  1.00 56.04  ? 188 LYS A O   1 
ATOM   1310 C CB  . LYS A 1 188 ? 3.685   13.150  -2.256  1.00 60.56  ? 188 LYS A CB  1 
ATOM   1311 C CG  . LYS A 1 188 ? 2.259   13.644  -2.201  1.00 64.79  ? 188 LYS A CG  1 
ATOM   1312 C CD  . LYS A 1 188 ? 2.037   14.802  -3.180  1.00 68.49  ? 188 LYS A CD  1 
ATOM   1313 C CE  . LYS A 1 188 ? 0.751   15.546  -2.856  1.00 69.27  ? 188 LYS A CE  1 
ATOM   1314 N NZ  . LYS A 1 188 ? 0.746   15.933  -1.405  1.00 69.00  ? 188 LYS A NZ  1 
ATOM   1315 N N   . LEU A 1 189 ? 3.274   10.041  -1.410  1.00 52.68  ? 189 LEU A N   1 
ATOM   1316 C CA  . LEU A 1 189 ? 2.338   8.942   -1.241  1.00 50.71  ? 189 LEU A CA  1 
ATOM   1317 C C   . LEU A 1 189 ? 2.733   7.988   -0.119  1.00 49.15  ? 189 LEU A C   1 
ATOM   1318 O O   . LEU A 1 189 ? 1.873   7.362   0.501   1.00 47.67  ? 189 LEU A O   1 
ATOM   1319 C CB  . LEU A 1 189 ? 2.225   8.157   -2.554  1.00 49.37  ? 189 LEU A CB  1 
ATOM   1320 C CG  . LEU A 1 189 ? 1.911   9.024   -3.770  1.00 50.61  ? 189 LEU A CG  1 
ATOM   1321 C CD1 . LEU A 1 189 ? 2.126   8.226   -5.034  1.00 49.41  ? 189 LEU A CD1 1 
ATOM   1322 C CD2 . LEU A 1 189 ? 0.481   9.546   -3.676  1.00 49.17  ? 189 LEU A CD2 1 
ATOM   1323 N N   . GLY A 1 190 ? 4.037   7.904   0.137   1.00 48.91  ? 190 GLY A N   1 
ATOM   1324 C CA  . GLY A 1 190 ? 4.595   6.996   1.132   1.00 46.25  ? 190 GLY A CA  1 
ATOM   1325 C C   . GLY A 1 190 ? 3.958   6.738   2.480   1.00 46.67  ? 190 GLY A C   1 
ATOM   1326 O O   . GLY A 1 190 ? 4.030   5.606   2.981   1.00 46.93  ? 190 GLY A O   1 
ATOM   1327 N N   . ASN A 1 191 ? 3.333   7.747   3.083   1.00 45.54  ? 191 ASN A N   1 
ATOM   1328 C CA  . ASN A 1 191 ? 2.757   7.551   4.408   1.00 46.24  ? 191 ASN A CA  1 
ATOM   1329 C C   . ASN A 1 191 ? 1.254   7.775   4.532   1.00 46.69  ? 191 ASN A C   1 
ATOM   1330 O O   . ASN A 1 191 ? 0.707   7.756   5.643   1.00 47.42  ? 191 ASN A O   1 
ATOM   1331 C CB  . ASN A 1 191 ? 3.482   8.453   5.406   1.00 46.75  ? 191 ASN A CB  1 
ATOM   1332 C CG  . ASN A 1 191 ? 3.197   9.913   5.175   1.00 47.10  ? 191 ASN A CG  1 
ATOM   1333 O OD1 . ASN A 1 191 ? 3.094   10.354  4.034   1.00 49.32  ? 191 ASN A OD1 1 
ATOM   1334 N ND2 . ASN A 1 191 ? 3.078   10.678  6.257   1.00 46.34  ? 191 ASN A ND2 1 
ATOM   1335 N N   . ARG A 1 192 ? 0.591   7.956   3.396   1.00 43.05  ? 192 ARG A N   1 
ATOM   1336 C CA  . ARG A 1 192 ? -0.826  8.213   3.379   1.00 43.33  ? 192 ARG A CA  1 
ATOM   1337 C C   . ARG A 1 192 ? -1.698  6.971   3.200   1.00 45.64  ? 192 ARG A C   1 
ATOM   1338 O O   . ARG A 1 192 ? -2.908  7.062   3.313   1.00 44.54  ? 192 ARG A O   1 
ATOM   1339 C CB  . ARG A 1 192 ? -1.132  9.202   2.252   1.00 45.59  ? 192 ARG A CB  1 
ATOM   1340 C CG  . ARG A 1 192 ? -0.197  10.395  2.193   1.00 41.02  ? 192 ARG A CG  1 
ATOM   1341 C CD  . ARG A 1 192 ? -0.185  11.122  3.529   1.00 41.64  ? 192 ARG A CD  1 
ATOM   1342 N NE  . ARG A 1 192 ? -1.519  11.540  3.971   1.00 44.61  ? 192 ARG A NE  1 
ATOM   1343 C CZ  . ARG A 1 192 ? -2.136  12.639  3.548   1.00 44.63  ? 192 ARG A CZ  1 
ATOM   1344 N NH1 . ARG A 1 192 ? -1.544  13.437  2.669   1.00 44.97  ? 192 ARG A NH1 1 
ATOM   1345 N NH2 . ARG A 1 192 ? -3.330  12.955  4.019   1.00 42.66  ? 192 ARG A NH2 1 
ATOM   1346 N N   . PHE A 1 193 ? -1.085  5.822   2.925   1.00 46.29  ? 193 PHE A N   1 
ATOM   1347 C CA  . PHE A 1 193 ? -1.835  4.591   2.676   1.00 47.51  ? 193 PHE A CA  1 
ATOM   1348 C C   . PHE A 1 193 ? -1.408  3.423   3.554   1.00 49.11  ? 193 PHE A C   1 
ATOM   1349 O O   . PHE A 1 193 ? -0.237  3.305   3.922   1.00 49.97  ? 193 PHE A O   1 
ATOM   1350 C CB  . PHE A 1 193 ? -1.702  4.208   1.195   1.00 44.00  ? 193 PHE A CB  1 
ATOM   1351 C CG  . PHE A 1 193 ? -2.182  5.283   0.254   1.00 45.27  ? 193 PHE A CG  1 
ATOM   1352 C CD1 . PHE A 1 193 ? -3.541  5.428   -0.032  1.00 43.70  ? 193 PHE A CD1 1 
ATOM   1353 C CD2 . PHE A 1 193 ? -1.281  6.198   -0.302  1.00 42.92  ? 193 PHE A CD2 1 
ATOM   1354 C CE1 . PHE A 1 193 ? -4.004  6.476   -0.857  1.00 42.34  ? 193 PHE A CE1 1 
ATOM   1355 C CE2 . PHE A 1 193 ? -1.727  7.248   -1.124  1.00 41.39  ? 193 PHE A CE2 1 
ATOM   1356 C CZ  . PHE A 1 193 ? -3.091  7.387   -1.400  1.00 42.85  ? 193 PHE A CZ  1 
ATOM   1357 N N   . MET A 1 194 ? -2.371  2.570   3.893   1.00 50.94  ? 194 MET A N   1 
ATOM   1358 C CA  . MET A 1 194 ? -2.105  1.406   4.725   1.00 52.83  ? 194 MET A CA  1 
ATOM   1359 C C   . MET A 1 194 ? -2.152  0.154   3.869   1.00 51.97  ? 194 MET A C   1 
ATOM   1360 O O   . MET A 1 194 ? -1.631  -0.892  4.253   1.00 51.62  ? 194 MET A O   1 
ATOM   1361 C CB  . MET A 1 194 ? -3.133  1.309   5.860   1.00 56.97  ? 194 MET A CB  1 
ATOM   1362 C CG  . MET A 1 194 ? -3.063  2.452   6.889   1.00 58.52  ? 194 MET A CG  1 
ATOM   1363 S SD  . MET A 1 194 ? -1.471  2.606   7.789   1.00 63.89  ? 194 MET A SD  1 
ATOM   1364 C CE  . MET A 1 194 ? -1.658  1.340   9.065   1.00 62.27  ? 194 MET A CE  1 
ATOM   1365 N N   . LEU A 1 195 ? -2.771  0.262   2.702   1.00 51.15  ? 195 LEU A N   1 
ATOM   1366 C CA  . LEU A 1 195 ? -2.845  -0.882  1.805   1.00 51.56  ? 195 LEU A CA  1 
ATOM   1367 C C   . LEU A 1 195 ? -2.312  -0.480  0.434   1.00 50.85  ? 195 LEU A C   1 
ATOM   1368 O O   . LEU A 1 195 ? -2.756  0.507   -0.183  1.00 49.45  ? 195 LEU A O   1 
ATOM   1369 C CB  . LEU A 1 195 ? -4.287  -1.405  1.732   1.00 52.55  ? 195 LEU A CB  1 
ATOM   1370 C CG  . LEU A 1 195 ? -4.665  -2.715  1.021   1.00 55.45  ? 195 LEU A CG  1 
ATOM   1371 C CD1 . LEU A 1 195 ? -5.225  -2.363  -0.328  1.00 58.01  ? 195 LEU A CD1 1 
ATOM   1372 C CD2 . LEU A 1 195 ? -3.487  -3.695  0.902   1.00 53.63  ? 195 LEU A CD2 1 
ATOM   1373 N N   . LEU A 1 196 ? -1.326  -1.252  -0.013  1.00 49.96  ? 196 LEU A N   1 
ATOM   1374 C CA  . LEU A 1 196 ? -0.650  -1.021  -1.280  1.00 51.07  ? 196 LEU A CA  1 
ATOM   1375 C C   . LEU A 1 196 ? -0.946  -2.154  -2.248  1.00 50.63  ? 196 LEU A C   1 
ATOM   1376 O O   . LEU A 1 196 ? -0.670  -3.312  -1.949  1.00 46.15  ? 196 LEU A O   1 
ATOM   1377 C CB  . LEU A 1 196 ? 0.857   -0.982  -1.043  1.00 52.22  ? 196 LEU A CB  1 
ATOM   1378 C CG  . LEU A 1 196 ? 1.761   0.110   -1.591  1.00 52.76  ? 196 LEU A CG  1 
ATOM   1379 C CD1 . LEU A 1 196 ? 3.168   -0.485  -1.665  1.00 53.06  ? 196 LEU A CD1 1 
ATOM   1380 C CD2 . LEU A 1 196 ? 1.316   0.578   -2.951  1.00 51.50  ? 196 LEU A CD2 1 
ATOM   1381 N N   . ILE A 1 197 ? -1.491  -1.829  -3.411  1.00 51.54  ? 197 ILE A N   1 
ATOM   1382 C CA  . ILE A 1 197 ? -1.775  -2.872  -4.377  1.00 53.73  ? 197 ILE A CA  1 
ATOM   1383 C C   . ILE A 1 197 ? -1.037  -2.622  -5.687  1.00 54.35  ? 197 ILE A C   1 
ATOM   1384 O O   . ILE A 1 197 ? -1.097  -1.531  -6.253  1.00 54.79  ? 197 ILE A O   1 
ATOM   1385 C CB  . ILE A 1 197 ? -3.293  -2.990  -4.649  1.00 55.35  ? 197 ILE A CB  1 
ATOM   1386 C CG1 . ILE A 1 197 ? -4.041  -3.237  -3.340  1.00 54.83  ? 197 ILE A CG1 1 
ATOM   1387 C CG2 . ILE A 1 197 ? -3.572  -4.155  -5.590  1.00 55.00  ? 197 ILE A CG2 1 
ATOM   1388 C CD1 . ILE A 1 197 ? -5.530  -3.419  -3.531  1.00 54.59  ? 197 ILE A CD1 1 
ATOM   1389 N N   . PHE A 1 198 ? -0.334  -3.644  -6.163  1.00 57.22  ? 198 PHE A N   1 
ATOM   1390 C CA  . PHE A 1 198 ? 0.408   -3.547  -7.415  1.00 61.83  ? 198 PHE A CA  1 
ATOM   1391 C C   . PHE A 1 198 ? -0.248  -4.339  -8.512  1.00 62.89  ? 198 PHE A C   1 
ATOM   1392 O O   . PHE A 1 198 ? -0.377  -5.557  -8.403  1.00 60.72  ? 198 PHE A O   1 
ATOM   1393 C CB  . PHE A 1 198 ? 1.829   -4.076  -7.254  1.00 63.58  ? 198 PHE A CB  1 
ATOM   1394 C CG  . PHE A 1 198 ? 2.683   -3.220  -6.400  1.00 67.53  ? 198 PHE A CG  1 
ATOM   1395 C CD1 . PHE A 1 198 ? 3.006   -1.931  -6.803  1.00 70.03  ? 198 PHE A CD1 1 
ATOM   1396 C CD2 . PHE A 1 198 ? 3.135   -3.682  -5.165  1.00 70.61  ? 198 PHE A CD2 1 
ATOM   1397 C CE1 . PHE A 1 198 ? 3.773   -1.094  -5.985  1.00 72.33  ? 198 PHE A CE1 1 
ATOM   1398 C CE2 . PHE A 1 198 ? 3.901   -2.861  -4.337  1.00 72.71  ? 198 PHE A CE2 1 
ATOM   1399 C CZ  . PHE A 1 198 ? 4.222   -1.560  -4.749  1.00 72.93  ? 198 PHE A CZ  1 
ATOM   1400 N N   . ASP A 1 199 ? -0.667  -3.655  -9.567  1.00 66.70  ? 199 ASP A N   1 
ATOM   1401 C CA  . ASP A 1 199 ? -1.255  -4.369  -10.688 1.00 72.35  ? 199 ASP A CA  1 
ATOM   1402 C C   . ASP A 1 199 ? -0.113  -4.694  -11.647 1.00 76.63  ? 199 ASP A C   1 
ATOM   1403 O O   . ASP A 1 199 ? 0.169   -3.930  -12.575 1.00 76.18  ? 199 ASP A O   1 
ATOM   1404 C CB  . ASP A 1 199 ? -2.286  -3.517  -11.417 1.00 71.27  ? 199 ASP A CB  1 
ATOM   1405 C CG  . ASP A 1 199 ? -2.973  -4.279  -12.536 1.00 70.06  ? 199 ASP A CG  1 
ATOM   1406 O OD1 . ASP A 1 199 ? -3.481  -3.627  -13.470 1.00 69.41  ? 199 ASP A OD1 1 
ATOM   1407 O OD2 . ASP A 1 199 ? -3.008  -5.527  -12.474 1.00 67.36  ? 199 ASP A OD2 1 
ATOM   1408 N N   . GLU A 1 200 ? 0.556   -5.820  -11.413 1.00 82.08  ? 200 GLU A N   1 
ATOM   1409 C CA  . GLU A 1 200 ? 1.662   -6.213  -12.265 1.00 88.66  ? 200 GLU A CA  1 
ATOM   1410 C C   . GLU A 1 200 ? 1.127   -6.850  -13.527 1.00 94.00  ? 200 GLU A C   1 
ATOM   1411 O O   . GLU A 1 200 ? 0.734   -8.017  -13.525 1.00 95.52  ? 200 GLU A O   1 
ATOM   1412 C CB  . GLU A 1 200 ? 2.585   -7.192  -11.539 1.00 86.56  ? 200 GLU A CB  1 
ATOM   1413 C CG  . GLU A 1 200 ? 3.399   -6.557  -10.433 1.00 87.10  ? 200 GLU A CG  1 
ATOM   1414 C CD  . GLU A 1 200 ? 3.420   -7.399  -9.174  1.00 87.64  ? 200 GLU A CD  1 
ATOM   1415 O OE1 . GLU A 1 200 ? 3.996   -6.955  -8.156  1.00 87.85  ? 200 GLU A OE1 1 
ATOM   1416 O OE2 . GLU A 1 200 ? 2.853   -8.511  -9.201  1.00 86.96  ? 200 GLU A OE2 1 
ATOM   1417 N N   . VAL A 1 201 ? 1.072   -6.061  -14.595 1.00 100.47 ? 201 VAL A N   1 
ATOM   1418 C CA  . VAL A 1 201 ? 0.623   -6.566  -15.888 1.00 106.82 ? 201 VAL A CA  1 
ATOM   1419 C C   . VAL A 1 201 ? 1.909   -7.028  -16.587 1.00 111.00 ? 201 VAL A C   1 
ATOM   1420 O O   . VAL A 1 201 ? 2.709   -6.206  -17.063 1.00 111.32 ? 201 VAL A O   1 
ATOM   1421 C CB  . VAL A 1 201 ? -0.086  -5.463  -16.737 1.00 106.57 ? 201 VAL A CB  1 
ATOM   1422 C CG1 . VAL A 1 201 ? -0.373  -5.980  -18.149 1.00 106.07 ? 201 VAL A CG1 1 
ATOM   1423 C CG2 . VAL A 1 201 ? -1.390  -5.047  -16.065 1.00 106.83 ? 201 VAL A CG2 1 
ATOM   1424 N N   . HIS A 1 202 ? 2.116   -8.346  -16.603 1.00 115.65 ? 202 HIS A N   1 
ATOM   1425 C CA  . HIS A 1 202 ? 3.297   -8.952  -17.216 1.00 119.55 ? 202 HIS A CA  1 
ATOM   1426 C C   . HIS A 1 202 ? 4.521   -8.609  -16.350 1.00 121.28 ? 202 HIS A C   1 
ATOM   1427 O O   . HIS A 1 202 ? 5.670   -8.824  -16.746 1.00 121.32 ? 202 HIS A O   1 
ATOM   1428 C CB  . HIS A 1 202 ? 3.462   -8.424  -18.653 1.00 121.63 ? 202 HIS A CB  1 
ATOM   1429 C CG  . HIS A 1 202 ? 2.201   -8.481  -19.470 1.00 124.40 ? 202 HIS A CG  1 
ATOM   1430 N ND1 . HIS A 1 202 ? 2.091   -7.897  -20.716 1.00 125.16 ? 202 HIS A ND1 1 
ATOM   1431 C CD2 . HIS A 1 202 ? 0.991   -9.038  -19.211 1.00 125.09 ? 202 HIS A CD2 1 
ATOM   1432 C CE1 . HIS A 1 202 ? 0.870   -8.088  -21.185 1.00 125.63 ? 202 HIS A CE1 1 
ATOM   1433 N NE2 . HIS A 1 202 ? 0.182   -8.778  -20.292 1.00 125.80 ? 202 HIS A NE2 1 
ATOM   1434 N N   . HIS A 1 203 ? 4.237   -8.087  -15.154 1.00 123.26 ? 203 HIS A N   1 
ATOM   1435 C CA  . HIS A 1 203 ? 5.238   -7.682  -14.166 1.00 124.68 ? 203 HIS A CA  1 
ATOM   1436 C C   . HIS A 1 203 ? 5.971   -6.388  -14.511 1.00 125.80 ? 203 HIS A C   1 
ATOM   1437 O O   . HIS A 1 203 ? 6.242   -6.099  -15.681 1.00 125.94 ? 203 HIS A O   1 
ATOM   1438 C CB  . HIS A 1 203 ? 6.251   -8.809  -13.927 1.00 124.43 ? 203 HIS A CB  1 
ATOM   1439 C CG  . HIS A 1 203 ? 5.932   -9.663  -12.740 1.00 124.40 ? 203 HIS A CG  1 
ATOM   1440 N ND1 . HIS A 1 203 ? 5.817   -9.150  -11.466 1.00 124.60 ? 203 HIS A ND1 1 
ATOM   1441 C CD2 . HIS A 1 203 ? 5.719   -10.996 -12.629 1.00 124.49 ? 203 HIS A CD2 1 
ATOM   1442 C CE1 . HIS A 1 203 ? 5.549   -10.131 -10.621 1.00 124.14 ? 203 HIS A CE1 1 
ATOM   1443 N NE2 . HIS A 1 203 ? 5.485   -11.261 -11.300 1.00 123.70 ? 203 HIS A NE2 1 
ATOM   1444 N N   . LEU A 1 204 ? 6.282   -5.611  -13.477 1.00 126.79 ? 204 LEU A N   1 
ATOM   1445 C CA  . LEU A 1 204 ? 6.985   -4.343  -13.647 1.00 127.79 ? 204 LEU A CA  1 
ATOM   1446 C C   . LEU A 1 204 ? 8.364   -4.343  -12.985 1.00 128.67 ? 204 LEU A C   1 
ATOM   1447 O O   . LEU A 1 204 ? 8.571   -4.995  -11.953 1.00 129.27 ? 204 LEU A O   1 
ATOM   1448 C CB  . LEU A 1 204 ? 6.140   -3.192  -13.093 1.00 127.39 ? 204 LEU A CB  1 
ATOM   1449 C CG  . LEU A 1 204 ? 5.192   -2.476  -14.064 1.00 127.18 ? 204 LEU A CG  1 
ATOM   1450 C CD1 . LEU A 1 204 ? 6.000   -1.568  -14.985 1.00 126.63 ? 204 LEU A CD1 1 
ATOM   1451 C CD2 . LEU A 1 204 ? 4.374   -3.496  -14.857 1.00 127.08 ? 204 LEU A CD2 1 
ATOM   1452 N N   . PRO A 1 205 ? 9.320   -3.593  -13.572 1.00 128.81 ? 205 PRO A N   1 
ATOM   1453 C CA  . PRO A 1 205 ? 10.712  -3.435  -13.133 1.00 128.53 ? 205 PRO A CA  1 
ATOM   1454 C C   . PRO A 1 205 ? 10.988  -3.489  -11.629 1.00 128.11 ? 205 PRO A C   1 
ATOM   1455 O O   . PRO A 1 205 ? 10.206  -2.994  -10.813 1.00 128.06 ? 205 PRO A O   1 
ATOM   1456 C CB  . PRO A 1 205 ? 11.103  -2.093  -13.747 1.00 128.33 ? 205 PRO A CB  1 
ATOM   1457 C CG  . PRO A 1 205 ? 10.417  -2.151  -15.062 1.00 128.35 ? 205 PRO A CG  1 
ATOM   1458 C CD  . PRO A 1 205 ? 9.038   -2.680  -14.699 1.00 128.65 ? 205 PRO A CD  1 
ATOM   1459 N N   . ALA A 1 206 ? 12.119  -4.097  -11.279 1.00 127.33 ? 206 ALA A N   1 
ATOM   1460 C CA  . ALA A 1 206 ? 12.537  -4.211  -9.890  1.00 126.78 ? 206 ALA A CA  1 
ATOM   1461 C C   . ALA A 1 206 ? 13.115  -2.872  -9.435  1.00 126.27 ? 206 ALA A C   1 
ATOM   1462 O O   . ALA A 1 206 ? 13.749  -2.776  -8.383  1.00 126.41 ? 206 ALA A O   1 
ATOM   1463 C CB  . ALA A 1 206 ? 13.579  -5.309  -9.747  1.00 126.75 ? 206 ALA A CB  1 
ATOM   1464 N N   . GLU A 1 207 ? 12.904  -1.844  -10.252 1.00 125.29 ? 207 GLU A N   1 
ATOM   1465 C CA  . GLU A 1 207 ? 13.377  -0.493  -9.956  1.00 124.54 ? 207 GLU A CA  1 
ATOM   1466 C C   . GLU A 1 207 ? 12.161  0.429   -9.945  1.00 123.14 ? 207 GLU A C   1 
ATOM   1467 O O   . GLU A 1 207 ? 12.226  1.566   -9.482  1.00 123.03 ? 207 GLU A O   1 
ATOM   1468 C CB  . GLU A 1 207 ? 14.386  -0.028  -11.017 1.00 125.31 ? 207 GLU A CB  1 
ATOM   1469 C CG  . GLU A 1 207 ? 15.725  -0.777  -11.004 1.00 125.19 ? 207 GLU A CG  1 
ATOM   1470 C CD  . GLU A 1 207 ? 16.677  -0.286  -9.923  1.00 125.15 ? 207 GLU A CD  1 
ATOM   1471 O OE1 . GLU A 1 207 ? 17.738  -0.921  -9.726  1.00 125.28 ? 207 GLU A OE1 1 
ATOM   1472 O OE2 . GLU A 1 207 ? 16.368  0.738   -9.276  1.00 124.56 ? 207 GLU A OE2 1 
ATOM   1473 N N   . SER A 1 208 ? 11.055  -0.073  -10.487 1.00 121.58 ? 208 SER A N   1 
ATOM   1474 C CA  . SER A 1 208 ? 9.800   0.668   -10.513 1.00 119.44 ? 208 SER A CA  1 
ATOM   1475 C C   . SER A 1 208 ? 9.004   0.085   -9.357  1.00 117.36 ? 208 SER A C   1 
ATOM   1476 O O   . SER A 1 208 ? 8.706   0.766   -8.375  1.00 116.97 ? 208 SER A O   1 
ATOM   1477 C CB  . SER A 1 208 ? 9.038   0.434   -11.830 1.00 120.19 ? 208 SER A CB  1 
ATOM   1478 O OG  . SER A 1 208 ? 9.703   1.011   -12.944 1.00 120.44 ? 208 SER A OG  1 
ATOM   1479 N N   . TYR A 1 209 ? 8.696   -1.202  -9.481  1.00 114.48 ? 209 TYR A N   1 
ATOM   1480 C CA  . TYR A 1 209 ? 7.944   -1.928  -8.473  1.00 111.42 ? 209 TYR A CA  1 
ATOM   1481 C C   . TYR A 1 209 ? 8.620   -1.867  -7.105  1.00 107.16 ? 209 TYR A C   1 
ATOM   1482 O O   . TYR A 1 209 ? 8.113   -1.236  -6.179  1.00 106.36 ? 209 TYR A O   1 
ATOM   1483 C CB  . TYR A 1 209 ? 7.766   -3.384  -8.927  1.00 115.23 ? 209 TYR A CB  1 
ATOM   1484 C CG  . TYR A 1 209 ? 7.611   -4.384  -7.803  1.00 118.85 ? 209 TYR A CG  1 
ATOM   1485 C CD1 . TYR A 1 209 ? 6.580   -4.265  -6.871  1.00 119.95 ? 209 TYR A CD1 1 
ATOM   1486 C CD2 . TYR A 1 209 ? 8.522   -5.432  -7.648  1.00 120.33 ? 209 TYR A CD2 1 
ATOM   1487 C CE1 . TYR A 1 209 ? 6.461   -5.164  -5.806  1.00 121.38 ? 209 TYR A CE1 1 
ATOM   1488 C CE2 . TYR A 1 209 ? 8.414   -6.336  -6.589  1.00 121.51 ? 209 TYR A CE2 1 
ATOM   1489 C CZ  . TYR A 1 209 ? 7.380   -6.194  -5.669  1.00 121.93 ? 209 TYR A CZ  1 
ATOM   1490 O OH  . TYR A 1 209 ? 7.274   -7.070  -4.609  1.00 122.84 ? 209 TYR A OH  1 
ATOM   1491 N N   . VAL A 1 210 ? 9.774   -2.514  -6.994  1.00 102.47 ? 210 VAL A N   1 
ATOM   1492 C CA  . VAL A 1 210 ? 10.514  -2.568  -5.740  1.00 96.88  ? 210 VAL A CA  1 
ATOM   1493 C C   . VAL A 1 210 ? 10.764  -1.208  -5.099  1.00 93.45  ? 210 VAL A C   1 
ATOM   1494 O O   . VAL A 1 210 ? 10.587  -1.033  -3.894  1.00 91.75  ? 210 VAL A O   1 
ATOM   1495 C CB  . VAL A 1 210 ? 11.863  -3.273  -5.944  1.00 97.16  ? 210 VAL A CB  1 
ATOM   1496 C CG1 . VAL A 1 210 ? 12.550  -3.480  -4.607  1.00 96.20  ? 210 VAL A CG1 1 
ATOM   1497 C CG2 . VAL A 1 210 ? 11.645  -4.607  -6.654  1.00 97.14  ? 210 VAL A CG2 1 
ATOM   1498 N N   . GLN A 1 211 ? 11.171  -0.239  -5.904  1.00 90.54  ? 211 GLN A N   1 
ATOM   1499 C CA  . GLN A 1 211 ? 11.450  1.088   -5.380  1.00 87.07  ? 211 GLN A CA  1 
ATOM   1500 C C   . GLN A 1 211 ? 10.242  1.741   -4.717  1.00 82.86  ? 211 GLN A C   1 
ATOM   1501 O O   . GLN A 1 211 ? 10.365  2.313   -3.637  1.00 82.62  ? 211 GLN A O   1 
ATOM   1502 C CB  . GLN A 1 211 ? 11.994  1.980   -6.496  1.00 89.76  ? 211 GLN A CB  1 
ATOM   1503 C CG  . GLN A 1 211 ? 13.332  1.506   -7.059  1.00 93.37  ? 211 GLN A CG  1 
ATOM   1504 C CD  . GLN A 1 211 ? 14.428  1.439   -6.006  1.00 95.75  ? 211 GLN A CD  1 
ATOM   1505 O OE1 . GLN A 1 211 ? 14.733  2.438   -5.346  1.00 98.73  ? 211 GLN A OE1 1 
ATOM   1506 N NE2 . GLN A 1 211 ? 15.029  0.260   -5.846  1.00 95.86  ? 211 GLN A NE2 1 
ATOM   1507 N N   . ILE A 1 212 ? 9.079   1.653   -5.358  1.00 78.92  ? 212 ILE A N   1 
ATOM   1508 C CA  . ILE A 1 212 ? 7.847   2.241   -4.819  1.00 74.39  ? 212 ILE A CA  1 
ATOM   1509 C C   . ILE A 1 212 ? 7.484   1.608   -3.479  1.00 71.46  ? 212 ILE A C   1 
ATOM   1510 O O   . ILE A 1 212 ? 7.198   2.302   -2.505  1.00 70.80  ? 212 ILE A O   1 
ATOM   1511 C CB  . ILE A 1 212 ? 6.644   2.028   -5.774  1.00 73.81  ? 212 ILE A CB  1 
ATOM   1512 C CG1 . ILE A 1 212 ? 6.936   2.634   -7.148  1.00 73.59  ? 212 ILE A CG1 1 
ATOM   1513 C CG2 . ILE A 1 212 ? 5.399   2.679   -5.192  1.00 73.25  ? 212 ILE A CG2 1 
ATOM   1514 C CD1 . ILE A 1 212 ? 5.815   2.457   -8.146  1.00 71.97  ? 212 ILE A CD1 1 
ATOM   1515 N N   . ALA A 1 213 ? 7.492   0.282   -3.447  1.00 68.19  ? 213 ALA A N   1 
ATOM   1516 C CA  . ALA A 1 213 ? 7.163   -0.476  -2.250  1.00 65.84  ? 213 ALA A CA  1 
ATOM   1517 C C   . ALA A 1 213 ? 7.984   -0.040  -1.039  1.00 65.32  ? 213 ALA A C   1 
ATOM   1518 O O   . ALA A 1 213 ? 7.445   0.310   0.013   1.00 66.38  ? 213 ALA A O   1 
ATOM   1519 C CB  . ALA A 1 213 ? 7.386   -1.964  -2.520  1.00 61.19  ? 213 ALA A CB  1 
ATOM   1520 N N   . GLN A 1 214 ? 9.297   -0.082  -1.225  1.00 64.61  ? 214 GLN A N   1 
ATOM   1521 C CA  . GLN A 1 214 ? 10.324  0.252   -0.238  1.00 63.00  ? 214 GLN A CA  1 
ATOM   1522 C C   . GLN A 1 214 ? 10.207  1.596   0.495   1.00 60.19  ? 214 GLN A C   1 
ATOM   1523 O O   . GLN A 1 214 ? 10.604  1.706   1.657   1.00 57.14  ? 214 GLN A O   1 
ATOM   1524 C CB  . GLN A 1 214 ? 11.670  0.158   -0.955  1.00 65.22  ? 214 GLN A CB  1 
ATOM   1525 C CG  . GLN A 1 214 ? 12.892  0.125   -0.087  1.00 70.41  ? 214 GLN A CG  1 
ATOM   1526 C CD  . GLN A 1 214 ? 14.128  -0.281  -0.880  1.00 71.62  ? 214 GLN A CD  1 
ATOM   1527 O OE1 . GLN A 1 214 ? 14.464  0.344   -1.895  1.00 72.51  ? 214 GLN A OE1 1 
ATOM   1528 N NE2 . GLN A 1 214 ? 14.806  -1.332  -0.424  1.00 70.17  ? 214 GLN A NE2 1 
ATOM   1529 N N   . MET A 1 215 ? 9.661   2.602   -0.187  1.00 59.28  ? 215 MET A N   1 
ATOM   1530 C CA  . MET A 1 215 ? 9.496   3.949   0.365   1.00 60.90  ? 215 MET A CA  1 
ATOM   1531 C C   . MET A 1 215 ? 8.113   4.189   0.949   1.00 58.89  ? 215 MET A C   1 
ATOM   1532 O O   . MET A 1 215 ? 7.821   5.284   1.422   1.00 57.87  ? 215 MET A O   1 
ATOM   1533 C CB  . MET A 1 215 ? 9.736   5.002   -0.716  1.00 65.87  ? 215 MET A CB  1 
ATOM   1534 C CG  . MET A 1 215 ? 10.935  4.728   -1.599  1.00 72.89  ? 215 MET A CG  1 
ATOM   1535 S SD  . MET A 1 215 ? 12.462  4.823   -0.679  1.00 79.27  ? 215 MET A SD  1 
ATOM   1536 C CE  . MET A 1 215 ? 12.713  6.631   -0.741  1.00 79.61  ? 215 MET A CE  1 
ATOM   1537 N N   . SER A 1 216 ? 7.265   3.167   0.892   1.00 58.51  ? 216 SER A N   1 
ATOM   1538 C CA  . SER A 1 216 ? 5.905   3.231   1.424   1.00 55.33  ? 216 SER A CA  1 
ATOM   1539 C C   . SER A 1 216 ? 5.882   2.536   2.775   1.00 52.33  ? 216 SER A C   1 
ATOM   1540 O O   . SER A 1 216 ? 6.551   1.515   2.964   1.00 49.96  ? 216 SER A O   1 
ATOM   1541 C CB  . SER A 1 216 ? 4.930   2.524   0.474   1.00 56.53  ? 216 SER A CB  1 
ATOM   1542 O OG  . SER A 1 216 ? 3.634   2.411   1.043   1.00 60.00  ? 216 SER A OG  1 
ATOM   1543 N N   . ILE A 1 217 ? 5.114   3.091   3.710   1.00 50.25  ? 217 ILE A N   1 
ATOM   1544 C CA  . ILE A 1 217 ? 4.993   2.509   5.057   1.00 49.35  ? 217 ILE A CA  1 
ATOM   1545 C C   . ILE A 1 217 ? 3.892   1.456   5.101   1.00 50.11  ? 217 ILE A C   1 
ATOM   1546 O O   . ILE A 1 217 ? 3.810   0.677   6.055   1.00 49.97  ? 217 ILE A O   1 
ATOM   1547 C CB  . ILE A 1 217 ? 4.614   3.581   6.132   1.00 49.86  ? 217 ILE A CB  1 
ATOM   1548 C CG1 . ILE A 1 217 ? 3.169   4.041   5.920   1.00 45.91  ? 217 ILE A CG1 1 
ATOM   1549 C CG2 . ILE A 1 217 ? 5.570   4.766   6.072   1.00 48.01  ? 217 ILE A CG2 1 
ATOM   1550 C CD1 . ILE A 1 217 ? 2.666   4.913   6.985   1.00 46.16  ? 217 ILE A CD1 1 
ATOM   1551 N N   . ALA A 1 218 ? 3.043   1.476   4.071   1.00 50.42  ? 218 ALA A N   1 
ATOM   1552 C CA  . ALA A 1 218 ? 1.888   0.596   3.924   1.00 50.91  ? 218 ALA A CA  1 
ATOM   1553 C C   . ALA A 1 218 ? 2.126   -0.785  4.474   1.00 53.37  ? 218 ALA A C   1 
ATOM   1554 O O   . ALA A 1 218 ? 2.884   -1.563  3.908   1.00 54.43  ? 218 ALA A O   1 
ATOM   1555 C CB  . ALA A 1 218 ? 1.485   0.511   2.467   1.00 50.96  ? 218 ALA A CB  1 
ATOM   1556 N N   . PRO A 1 219 ? 1.489   -1.108  5.609   1.00 54.86  ? 219 PRO A N   1 
ATOM   1557 C CA  . PRO A 1 219 ? 1.678   -2.436  6.194   1.00 54.95  ? 219 PRO A CA  1 
ATOM   1558 C C   . PRO A 1 219 ? 1.019   -3.556  5.396   1.00 54.23  ? 219 PRO A C   1 
ATOM   1559 O O   . PRO A 1 219 ? 1.336   -4.723  5.586   1.00 53.89  ? 219 PRO A O   1 
ATOM   1560 C CB  . PRO A 1 219 ? 1.102   -2.273  7.604   1.00 55.08  ? 219 PRO A CB  1 
ATOM   1561 C CG  . PRO A 1 219 ? 0.086   -1.180  7.440   1.00 52.88  ? 219 PRO A CG  1 
ATOM   1562 C CD  . PRO A 1 219 ? 0.791   -0.211  6.551   1.00 53.93  ? 219 PRO A CD  1 
ATOM   1563 N N   . PHE A 1 220 ? 0.113   -3.210  4.494   1.00 54.54  ? 220 PHE A N   1 
ATOM   1564 C CA  . PHE A 1 220 ? -0.542  -4.240  3.699   1.00 55.02  ? 220 PHE A CA  1 
ATOM   1565 C C   . PHE A 1 220 ? -0.202  -4.135  2.232   1.00 55.20  ? 220 PHE A C   1 
ATOM   1566 O O   . PHE A 1 220 ? -0.432  -3.099  1.592   1.00 52.46  ? 220 PHE A O   1 
ATOM   1567 C CB  . PHE A 1 220 ? -2.060  -4.174  3.858   1.00 56.69  ? 220 PHE A CB  1 
ATOM   1568 C CG  . PHE A 1 220 ? -2.508  -4.124  5.281   1.00 56.81  ? 220 PHE A CG  1 
ATOM   1569 C CD1 . PHE A 1 220 ? -2.048  -5.059  6.195   1.00 56.61  ? 220 PHE A CD1 1 
ATOM   1570 C CD2 . PHE A 1 220 ? -3.341  -3.100  5.722   1.00 57.12  ? 220 PHE A CD2 1 
ATOM   1571 C CE1 . PHE A 1 220 ? -2.402  -4.971  7.535   1.00 58.19  ? 220 PHE A CE1 1 
ATOM   1572 C CE2 . PHE A 1 220 ? -3.701  -3.002  7.056   1.00 57.53  ? 220 PHE A CE2 1 
ATOM   1573 C CZ  . PHE A 1 220 ? -3.229  -3.939  7.966   1.00 57.93  ? 220 PHE A CZ  1 
ATOM   1574 N N   . ARG A 1 221 ? 0.332   -5.227  1.695   1.00 55.56  ? 221 ARG A N   1 
ATOM   1575 C CA  . ARG A 1 221 ? 0.695   -5.260  0.298   1.00 56.63  ? 221 ARG A CA  1 
ATOM   1576 C C   . ARG A 1 221 ? 0.063   -6.408  -0.459  1.00 56.51  ? 221 ARG A C   1 
ATOM   1577 O O   . ARG A 1 221 ? 0.077   -7.548  -0.009  1.00 56.92  ? 221 ARG A O   1 
ATOM   1578 C CB  . ARG A 1 221 ? 2.212   -5.337  0.154   1.00 59.12  ? 221 ARG A CB  1 
ATOM   1579 C CG  . ARG A 1 221 ? 2.930   -4.061  0.537   1.00 60.45  ? 221 ARG A CG  1 
ATOM   1580 C CD  . ARG A 1 221 ? 3.787   -4.302  1.744   1.00 60.94  ? 221 ARG A CD  1 
ATOM   1581 N NE  . ARG A 1 221 ? 4.289   -3.054  2.312   1.00 62.34  ? 221 ARG A NE  1 
ATOM   1582 C CZ  . ARG A 1 221 ? 5.217   -2.285  1.753   1.00 59.97  ? 221 ARG A CZ  1 
ATOM   1583 N NH1 . ARG A 1 221 ? 5.600   -1.170  2.364   1.00 56.06  ? 221 ARG A NH1 1 
ATOM   1584 N NH2 . ARG A 1 221 ? 5.758   -2.641  0.593   1.00 61.30  ? 221 ARG A NH2 1 
ATOM   1585 N N   . LEU A 1 222 ? -0.484  -6.092  -1.625  1.00 56.98  ? 222 LEU A N   1 
ATOM   1586 C CA  . LEU A 1 222 ? -1.104  -7.082  -2.484  1.00 56.85  ? 222 LEU A CA  1 
ATOM   1587 C C   . LEU A 1 222 ? -0.645  -6.889  -3.919  1.00 56.06  ? 222 LEU A C   1 
ATOM   1588 O O   . LEU A 1 222 ? -1.003  -5.905  -4.553  1.00 56.62  ? 222 LEU A O   1 
ATOM   1589 C CB  . LEU A 1 222 ? -2.635  -6.977  -2.431  1.00 56.08  ? 222 LEU A CB  1 
ATOM   1590 C CG  . LEU A 1 222 ? -3.379  -7.966  -3.341  1.00 55.59  ? 222 LEU A CG  1 
ATOM   1591 C CD1 . LEU A 1 222 ? -3.046  -9.396  -2.925  1.00 54.73  ? 222 LEU A CD1 1 
ATOM   1592 C CD2 . LEU A 1 222 ? -4.880  -7.729  -3.256  1.00 55.74  ? 222 LEU A CD2 1 
ATOM   1593 N N   . GLY A 1 223 ? 0.155   -7.833  -4.415  1.00 56.75  ? 223 GLY A N   1 
ATOM   1594 C CA  . GLY A 1 223 ? 0.620   -7.787  -5.790  1.00 56.17  ? 223 GLY A CA  1 
ATOM   1595 C C   . GLY A 1 223 ? -0.300  -8.658  -6.627  1.00 57.85  ? 223 GLY A C   1 
ATOM   1596 O O   . GLY A 1 223 ? -0.695  -9.747  -6.205  1.00 55.56  ? 223 GLY A O   1 
ATOM   1597 N N   . LEU A 1 224 ? -0.635  -8.188  -7.822  1.00 60.07  ? 224 LEU A N   1 
ATOM   1598 C CA  . LEU A 1 224 ? -1.545  -8.914  -8.700  1.00 62.27  ? 224 LEU A CA  1 
ATOM   1599 C C   . LEU A 1 224 ? -1.036  -9.206  -10.116 1.00 63.93  ? 224 LEU A C   1 
ATOM   1600 O O   . LEU A 1 224 ? -0.523  -8.314  -10.799 1.00 63.60  ? 224 LEU A O   1 
ATOM   1601 C CB  . LEU A 1 224 ? -2.863  -8.133  -8.803  1.00 63.13  ? 224 LEU A CB  1 
ATOM   1602 C CG  . LEU A 1 224 ? -3.669  -7.843  -7.525  1.00 63.37  ? 224 LEU A CG  1 
ATOM   1603 C CD1 . LEU A 1 224 ? -4.753  -6.822  -7.856  1.00 61.84  ? 224 LEU A CD1 1 
ATOM   1604 C CD2 . LEU A 1 224 ? -4.276  -9.129  -6.944  1.00 61.86  ? 224 LEU A CD2 1 
ATOM   1605 N N   . THR A 1 225 ? -1.215  -10.461 -10.546 1.00 66.64  ? 225 THR A N   1 
ATOM   1606 C CA  . THR A 1 225 ? -0.829  -10.945 -11.890 1.00 68.91  ? 225 THR A CA  1 
ATOM   1607 C C   . THR A 1 225 ? -1.823  -11.962 -12.510 1.00 69.68  ? 225 THR A C   1 
ATOM   1608 O O   . THR A 1 225 ? -2.283  -12.907 -11.851 1.00 66.87  ? 225 THR A O   1 
ATOM   1609 C CB  . THR A 1 225 ? 0.568   -11.607 -11.885 1.00 69.12  ? 225 THR A CB  1 
ATOM   1610 O OG1 . THR A 1 225 ? 0.762   -12.319 -10.649 1.00 69.24  ? 225 THR A OG1 1 
ATOM   1611 C CG2 . THR A 1 225 ? 1.649   -10.558 -12.089 1.00 68.34  ? 225 THR A CG2 1 
ATOM   1612 N N   . ALA A 1 226 ? -2.130  -11.766 -13.792 1.00 72.25  ? 226 ALA A N   1 
ATOM   1613 C CA  . ALA A 1 226 ? -3.072  -12.632 -14.507 1.00 74.04  ? 226 ALA A CA  1 
ATOM   1614 C C   . ALA A 1 226 ? -2.364  -13.550 -15.489 1.00 74.44  ? 226 ALA A C   1 
ATOM   1615 O O   . ALA A 1 226 ? -1.917  -13.091 -16.541 1.00 73.63  ? 226 ALA A O   1 
ATOM   1616 C CB  . ALA A 1 226 ? -4.088  -11.781 -15.255 1.00 73.93  ? 226 ALA A CB  1 
ATOM   1617 N N   . THR A 1 227 ? -2.275  -14.839 -15.155 1.00 75.09  ? 227 THR A N   1 
ATOM   1618 C CA  . THR A 1 227 ? -1.617  -15.790 -16.044 1.00 76.09  ? 227 THR A CA  1 
ATOM   1619 C C   . THR A 1 227 ? -2.077  -15.584 -17.484 1.00 76.01  ? 227 THR A C   1 
ATOM   1620 O O   . THR A 1 227 ? -1.286  -15.728 -18.403 1.00 75.87  ? 227 THR A O   1 
ATOM   1621 C CB  . THR A 1 227 ? -1.861  -17.269 -15.621 1.00 76.72  ? 227 THR A CB  1 
ATOM   1622 O OG1 . THR A 1 227 ? -3.254  -17.504 -15.416 1.00 80.66  ? 227 THR A OG1 1 
ATOM   1623 C CG2 . THR A 1 227 ? -1.134  -17.584 -14.340 1.00 78.20  ? 227 THR A CG2 1 
ATOM   1624 N N   . PHE A 1 228 ? -3.340  -15.211 -17.683 1.00 77.82  ? 228 PHE A N   1 
ATOM   1625 C CA  . PHE A 1 228 ? -3.854  -14.990 -19.036 1.00 79.63  ? 228 PHE A CA  1 
ATOM   1626 C C   . PHE A 1 228 ? -4.214  -13.543 -19.367 1.00 83.46  ? 228 PHE A C   1 
ATOM   1627 O O   . PHE A 1 228 ? -5.093  -12.943 -18.734 1.00 83.82  ? 228 PHE A O   1 
ATOM   1628 C CB  . PHE A 1 228 ? -5.067  -15.894 -19.313 1.00 74.95  ? 228 PHE A CB  1 
ATOM   1629 C CG  . PHE A 1 228 ? -4.705  -17.330 -19.506 1.00 70.27  ? 228 PHE A CG  1 
ATOM   1630 C CD1 . PHE A 1 228 ? -4.912  -18.257 -18.493 1.00 68.26  ? 228 PHE A CD1 1 
ATOM   1631 C CD2 . PHE A 1 228 ? -4.076  -17.743 -20.675 1.00 69.66  ? 228 PHE A CD2 1 
ATOM   1632 C CE1 . PHE A 1 228 ? -4.496  -19.572 -18.628 1.00 66.01  ? 228 PHE A CE1 1 
ATOM   1633 C CE2 . PHE A 1 228 ? -3.652  -19.058 -20.826 1.00 67.42  ? 228 PHE A CE2 1 
ATOM   1634 C CZ  . PHE A 1 228 ? -3.862  -19.975 -19.796 1.00 67.91  ? 228 PHE A CZ  1 
ATOM   1635 N N   . GLU A 1 229 ? -3.518  -13.002 -20.367 1.00 87.52  ? 229 GLU A N   1 
ATOM   1636 C CA  . GLU A 1 229 ? -3.730  -11.635 -20.846 1.00 91.23  ? 229 GLU A CA  1 
ATOM   1637 C C   . GLU A 1 229 ? -3.214  -10.566 -19.873 1.00 92.77  ? 229 GLU A C   1 
ATOM   1638 O O   . GLU A 1 229 ? -4.052  -9.842  -19.287 1.00 94.48  ? 229 GLU A O   1 
ATOM   1639 C CB  . GLU A 1 229 ? -5.220  -11.428 -21.133 1.00 92.37  ? 229 GLU A CB  1 
ATOM   1640 C CG  . GLU A 1 229 ? -5.609  -10.029 -21.556 1.00 94.38  ? 229 GLU A CG  1 
ATOM   1641 C CD  . GLU A 1 229 ? -7.016  -9.693  -21.097 1.00 96.45  ? 229 GLU A CD  1 
ATOM   1642 O OE1 . GLU A 1 229 ? -7.976  -10.283 -21.641 1.00 96.67  ? 229 GLU A OE1 1 
ATOM   1643 O OE2 . GLU A 1 229 ? -7.162  -8.855  -20.176 1.00 96.23  ? 229 GLU A OE2 1 
HETATM 1644 O O   . HOH B 2 .   ? 5.359   -1.755  6.711   1.00 48.96  ? 301 HOH A O   1 
HETATM 1645 O O   . HOH B 2 .   ? -3.278  -20.365 -13.417 1.00 76.05  ? 302 HOH A O   1 
HETATM 1646 O O   . HOH B 2 .   ? 1.652   4.495   2.705   1.00 61.20  ? 303 HOH A O   1 
HETATM 1647 O O   . HOH B 2 .   ? -1.227  -9.546  -15.725 1.00 104.72 ? 304 HOH A O   1 
HETATM 1648 O O   . HOH B 2 .   ? -1.105  -13.593 -20.725 1.00 80.54  ? 305 HOH A O   1 
HETATM 1649 O O   . HOH B 2 .   ? -16.495 -6.748  -3.539  1.00 61.33  ? 306 HOH A O   1 
HETATM 1650 O O   . HOH B 2 .   ? 3.784   12.573  -12.016 1.00 57.01  ? 307 HOH A O   1 
HETATM 1651 O O   . HOH B 2 .   ? 18.070  10.668  18.465  1.00 65.18  ? 308 HOH A O   1 
HETATM 1652 O O   . HOH B 2 .   ? -20.254 0.295   0.194   1.00 67.58  ? 309 HOH A O   1 
HETATM 1653 O O   . HOH B 2 .   ? 16.001  -0.254  6.853   1.00 54.39  ? 310 HOH A O   1 
HETATM 1654 O O   . HOH B 2 .   ? 1.128   9.442   -15.082 1.00 64.99  ? 311 HOH A O   1 
HETATM 1655 O O   . HOH B 2 .   ? 5.655   -4.517  -19.421 1.00 131.57 ? 312 HOH A O   1 
HETATM 1656 O O   . HOH B 2 .   ? 9.070   -5.388  6.948   1.00 89.24  ? 313 HOH A O   1 
HETATM 1657 O O   . HOH B 2 .   ? 8.703   14.899  9.433   1.00 107.06 ? 314 HOH A O   1 
HETATM 1658 O O   . HOH B 2 .   ? -19.061 3.233   2.874   1.00 67.96  ? 315 HOH A O   1 
HETATM 1659 O O   . HOH B 2 .   ? -1.694  -16.822 -6.305  1.00 74.69  ? 316 HOH A O   1 
HETATM 1660 O O   . HOH B 2 .   ? 15.144  11.449  21.753  1.00 77.68  ? 317 HOH A O   1 
HETATM 1661 O O   . HOH B 2 .   ? 6.099   -6.204  -11.351 1.00 89.48  ? 318 HOH A O   1 
HETATM 1662 O O   . HOH B 2 .   ? 17.315  14.033  8.210   1.00 78.34  ? 319 HOH A O   1 
HETATM 1663 O O   . HOH B 2 .   ? 24.710  6.531   8.023   1.00 77.26  ? 320 HOH A O   1 
HETATM 1664 O O   . HOH B 2 .   ? -10.927 11.993  -11.150 1.00 72.39  ? 321 HOH A O   1 
HETATM 1665 O O   . HOH B 2 .   ? 0.283   4.609   19.410  1.00 71.76  ? 322 HOH A O   1 
HETATM 1666 O O   . HOH B 2 .   ? -22.474 -1.610  -4.977  1.00 72.09  ? 323 HOH A O   1 
HETATM 1667 O O   . HOH B 2 .   ? 3.618   -0.589  27.953  1.00 90.58  ? 324 HOH A O   1 
HETATM 1668 O O   . HOH B 2 .   ? -1.704  17.249  4.815   1.00 73.40  ? 325 HOH A O   1 
HETATM 1669 O O   . HOH B 2 .   ? -2.678  -9.743  10.359  1.00 89.17  ? 326 HOH A O   1 
HETATM 1670 O O   . HOH B 2 .   ? 2.243   6.802   -16.676 1.00 75.31  ? 327 HOH A O   1 
HETATM 1671 O O   . HOH B 2 .   ? -9.799  -7.032  -18.237 1.00 65.48  ? 328 HOH A O   1 
HETATM 1672 O O   . HOH B 2 .   ? 9.823   5.159   -13.687 1.00 120.65 ? 329 HOH A O   1 
HETATM 1673 O O   . HOH B 2 .   ? -4.599  -6.126  -18.641 1.00 114.50 ? 330 HOH A O   1 
HETATM 1674 O O   . HOH B 2 .   ? 18.541  4.167   23.912  1.00 78.49  ? 331 HOH A O   1 
HETATM 1675 O O   . HOH B 2 .   ? -18.917 -1.079  -15.306 1.00 89.23  ? 332 HOH A O   1 
HETATM 1676 O O   . HOH B 2 .   ? -17.400 -3.597  -11.275 1.00 101.85 ? 333 HOH A O   1 
HETATM 1677 O O   . HOH B 2 .   ? 18.242  -5.764  6.840   1.00 75.52  ? 334 HOH A O   1 
HETATM 1678 O O   . HOH B 2 .   ? -22.427 0.626   5.222   1.00 89.21  ? 335 HOH A O   1 
HETATM 1679 O O   . HOH B 2 .   ? 1.210   12.763  11.085  1.00 92.69  ? 336 HOH A O   1 
HETATM 1680 O O   . HOH B 2 .   ? 5.060   17.264  -13.634 1.00 108.54 ? 337 HOH A O   1 
HETATM 1681 O O   . HOH B 2 .   ? -13.137 11.037  2.054   1.00 15.00  ? 338 HOH A O   1 
HETATM 1682 O O   . HOH B 2 .   ? -15.789 12.844  0.564   1.00 15.00  ? 339 HOH A O   1 
# 
